data_8VED
#
_entry.id   8VED
#
_cell.length_a   1.00
_cell.length_b   1.00
_cell.length_c   1.00
_cell.angle_alpha   90.00
_cell.angle_beta   90.00
_cell.angle_gamma   90.00
#
_symmetry.space_group_name_H-M   'P 1'
#
loop_
_entity.id
_entity.type
_entity.pdbx_description
1 polymer Hemagglutinin
2 polymer 'T5-1E11 Fab heavy chain'
3 polymer 'T5-1E11 Fab light chain'
4 branched 2-acetamido-2-deoxy-beta-D-glucopyranose-(1-4)-2-acetamido-2-deoxy-beta-D-glucopyranose
5 branched alpha-D-mannopyranose-(1-2)-alpha-D-mannopyranose-(1-3)-[alpha-D-mannopyranose-(1-6)-alpha-D-mannopyranose-(1-6)]beta-D-mannopyranose-(1-4)-2-acetamido-2-deoxy-beta-D-glucopyranose-(1-4)-2-acetamido-2-deoxy-beta-D-glucopyranose
6 non-polymer 2-acetamido-2-deoxy-beta-D-glucopyranose
#
loop_
_entity_poly.entity_id
_entity_poly.type
_entity_poly.pdbx_seq_one_letter_code
_entity_poly.pdbx_strand_id
1 'polypeptide(L)'
;MKAKLLILLCALSATDADTICIGYHANNSTDTVDTVCEKNVTVTHSVNLLEDSHNGKLCRLKGKAPLQLGNCNIAGWVLG
NPECESLLSNRSWSYIAETPNSENGTCFPGDFADYEELREQLSSVSSFERFEIFPKERSWPNHTTRGVTAACPHAMKSSF
YKNLVWLTEANGSYPNLSRSYVNNQEKEVLVLWGVHHPSNIEDQRTLYRKDNAYVSVVSSNYNRRFTPEIAKRPKVRGQS
GRINYYWTLLEPGDTIIFEATGNLIAPWYAFALSRGPGSGIITSNAPLDECDTKCQTPQGAINSSLPFQNIHPVTIGECP
KYVRSTKLRMVTGLRNIPSFQSRGLFGAIAGFIEGGWTGMMDGWYGYHHQNEQGSGYAADQKSTQNAINCITNKVNSVIE
KMNTQFTAVGKEFNKLEKRMENLNKKVDDGFLDIWTYNAELLVLLENERTLDFHDSNVKNLYEKVKNQLRNNAKELGNGC
FEFYHKCDNECMESVKNGTYDYPKYSEESKLNREKIDGSGYIPEAPRDGQAYVRKDGEWVLLSTFLGSGLNDIFEAQKIE
WHEGHHHHHH
;
A,C,E
2 'polypeptide(L)'
;QVQLQESGPGLVKPSETLSLTCTVSGASVSSYFWSWIRQPAGKALEWIGRIYTSGNTKSNPSLESRVTMSLDASKDQFSL
KLTSVTAADTAVYYCAAGRLDYSDTTGYYKPPPLDYWGQGALVTVSSASTKGPSVFPLAPSSKSTSGGTAALGCLVKDYF
PEPVTVSWNSGALTSGVHTFPAVLQSSGLYSLSSVVTVPSSSLGTQTYICNVNHKPSNTKVDKKVEPKSCDKTH
;
H,G,J
3 'polypeptide(L)'
;DVVMTQSPLSLPVTLGQPASISCRSSQGLAFLDGNTYLSWFQQRPGQSPRRLIYKVSNRDSGVPDRFSGSGSRTDFTLKI
SRVEAEDVGVYYCMQGTHWPLTFGGGTKVEIKRTVAAPSVFIFPPSDEQLKSGTASVVCLLNNFYPREAKVQWKVDNALQ
SGNSQESVTEQDSKDSTYSLSSTLTLSKADYEKHKVYACEVTHQGLSSPVTKSFNRGEC
;
L,I,K
#
# COMPACT_ATOMS: atom_id res chain seq x y z
N ASP A 18 24.69 -41.70 31.31
CA ASP A 18 23.58 -40.91 31.83
C ASP A 18 23.53 -39.56 31.13
N THR A 19 22.86 -39.52 29.98
CA THR A 19 22.94 -38.38 29.07
C THR A 19 21.55 -37.84 28.77
N ILE A 20 21.39 -36.52 28.90
CA ILE A 20 20.18 -35.82 28.49
C ILE A 20 20.56 -34.83 27.39
N CYS A 21 19.71 -34.74 26.35
CA CYS A 21 19.95 -33.85 25.23
C CYS A 21 18.69 -33.05 24.93
N ILE A 22 18.86 -31.94 24.20
CA ILE A 22 17.78 -31.04 23.85
C ILE A 22 17.75 -30.89 22.33
N GLY A 23 16.61 -31.22 21.72
CA GLY A 23 16.48 -31.15 20.28
C GLY A 23 15.04 -30.89 19.88
N TYR A 24 14.78 -30.98 18.58
CA TYR A 24 13.45 -30.71 18.05
C TYR A 24 12.96 -31.84 17.14
N HIS A 25 11.84 -31.60 16.46
CA HIS A 25 11.06 -32.62 15.79
C HIS A 25 11.21 -32.50 14.28
N ALA A 26 11.33 -33.65 13.61
CA ALA A 26 11.50 -33.70 12.16
C ALA A 26 10.69 -34.86 11.59
N ASN A 27 10.36 -34.76 10.30
CA ASN A 27 9.61 -35.79 9.61
C ASN A 27 10.05 -35.83 8.15
N ASN A 28 9.22 -36.44 7.31
CA ASN A 28 9.54 -36.69 5.92
C ASN A 28 8.87 -35.72 4.94
N SER A 29 8.44 -34.55 5.40
CA SER A 29 7.71 -33.64 4.54
C SER A 29 8.63 -32.98 3.53
N THR A 30 8.09 -32.69 2.34
CA THR A 30 8.82 -32.02 1.27
C THR A 30 8.29 -30.63 0.99
N ASP A 31 7.64 -30.01 1.97
CA ASP A 31 7.09 -28.66 1.79
C ASP A 31 8.21 -27.64 1.81
N THR A 32 8.17 -26.70 0.87
CA THR A 32 9.20 -25.69 0.71
C THR A 32 8.59 -24.31 0.75
N VAL A 33 9.31 -23.38 1.40
CA VAL A 33 8.90 -21.98 1.51
C VAL A 33 10.06 -21.09 1.09
N ASP A 34 9.79 -19.80 1.02
CA ASP A 34 10.76 -18.80 0.60
C ASP A 34 10.92 -17.74 1.68
N THR A 35 12.17 -17.38 1.95
CA THR A 35 12.53 -16.34 2.92
C THR A 35 13.35 -15.25 2.23
N VAL A 36 13.89 -14.35 3.04
CA VAL A 36 14.61 -13.20 2.51
C VAL A 36 16.06 -13.56 2.20
N CYS A 37 16.67 -14.43 3.02
CA CYS A 37 18.03 -14.88 2.71
C CYS A 37 18.02 -16.06 1.74
N GLU A 38 17.13 -17.02 1.96
CA GLU A 38 17.21 -18.30 1.27
C GLU A 38 15.87 -18.62 0.61
N LYS A 39 15.95 -19.31 -0.52
CA LYS A 39 14.80 -19.84 -1.21
C LYS A 39 14.83 -21.37 -1.18
N ASN A 40 13.63 -21.97 -1.31
CA ASN A 40 13.40 -23.41 -1.24
C ASN A 40 13.89 -23.99 0.08
N VAL A 41 13.24 -23.57 1.17
CA VAL A 41 13.58 -24.04 2.51
C VAL A 41 12.53 -25.07 2.93
N THR A 42 13.00 -26.26 3.30
CA THR A 42 12.12 -27.35 3.67
C THR A 42 11.59 -27.15 5.09
N VAL A 43 10.27 -27.26 5.26
CA VAL A 43 9.61 -27.08 6.54
C VAL A 43 8.75 -28.30 6.83
N THR A 44 8.45 -28.50 8.12
CA THR A 44 7.63 -29.64 8.52
C THR A 44 6.16 -29.43 8.17
N HIS A 45 5.61 -28.26 8.47
CA HIS A 45 4.21 -27.97 8.23
C HIS A 45 4.07 -26.59 7.60
N SER A 46 3.04 -26.44 6.77
CA SER A 46 2.80 -25.17 6.08
C SER A 46 1.31 -25.05 5.75
N VAL A 47 0.87 -23.82 5.54
CA VAL A 47 -0.51 -23.51 5.20
C VAL A 47 -0.53 -22.74 3.88
N ASN A 48 -1.35 -23.21 2.94
CA ASN A 48 -1.58 -22.52 1.68
C ASN A 48 -2.67 -21.48 1.84
N LEU A 49 -2.39 -20.25 1.39
CA LEU A 49 -3.35 -19.16 1.43
C LEU A 49 -3.89 -18.79 0.06
N LEU A 50 -3.56 -19.56 -0.97
CA LEU A 50 -3.93 -19.24 -2.34
C LEU A 50 -4.89 -20.31 -2.86
N GLU A 51 -5.99 -19.86 -3.45
CA GLU A 51 -6.98 -20.76 -4.03
C GLU A 51 -6.87 -20.68 -5.55
N ASP A 52 -6.83 -21.84 -6.20
CA ASP A 52 -6.63 -21.90 -7.65
C ASP A 52 -7.49 -22.98 -8.32
N SER A 53 -8.62 -23.34 -7.74
CA SER A 53 -9.49 -24.37 -8.29
C SER A 53 -10.94 -23.88 -8.28
N HIS A 54 -11.71 -24.29 -9.28
CA HIS A 54 -13.10 -23.91 -9.43
C HIS A 54 -13.91 -25.06 -10.01
N ASN A 55 -15.24 -24.94 -9.89
CA ASN A 55 -16.14 -25.96 -10.45
C ASN A 55 -16.08 -25.98 -11.98
N GLY A 56 -16.02 -24.81 -12.60
CA GLY A 56 -16.21 -24.69 -14.02
C GLY A 56 -17.65 -24.57 -14.47
N LYS A 57 -18.58 -24.38 -13.53
CA LYS A 57 -20.00 -24.35 -13.83
C LYS A 57 -20.65 -23.16 -13.13
N LEU A 58 -21.46 -22.41 -13.87
CA LEU A 58 -22.33 -21.42 -13.25
C LEU A 58 -23.41 -22.13 -12.45
N CYS A 59 -23.73 -21.59 -11.28
CA CYS A 59 -24.71 -22.25 -10.43
C CYS A 59 -25.35 -21.23 -9.50
N ARG A 60 -26.22 -21.73 -8.62
CA ARG A 60 -27.05 -20.86 -7.76
C ARG A 60 -26.24 -20.21 -6.67
N LEU A 61 -26.55 -18.96 -6.42
CA LEU A 61 -25.85 -18.18 -5.35
C LEU A 61 -26.88 -17.89 -4.28
N LYS A 62 -26.53 -18.01 -3.00
CA LYS A 62 -27.58 -17.87 -1.93
C LYS A 62 -28.64 -18.91 -2.33
N GLY A 63 -29.93 -18.60 -2.27
CA GLY A 63 -30.94 -19.56 -2.76
C GLY A 63 -31.54 -19.14 -4.08
N LYS A 64 -31.02 -18.09 -4.72
CA LYS A 64 -31.70 -17.59 -5.93
C LYS A 64 -30.93 -18.01 -7.17
N ALA A 65 -31.64 -18.52 -8.18
CA ALA A 65 -30.98 -18.95 -9.42
C ALA A 65 -30.66 -17.74 -10.31
N PRO A 66 -29.61 -17.77 -11.18
CA PRO A 66 -29.25 -16.64 -12.02
C PRO A 66 -30.21 -16.45 -13.19
N LEU A 67 -30.20 -15.24 -13.74
CA LEU A 67 -30.92 -14.95 -14.98
C LEU A 67 -29.98 -15.20 -16.15
N GLN A 68 -30.28 -16.22 -16.93
CA GLN A 68 -29.48 -16.56 -18.11
C GLN A 68 -30.10 -15.93 -19.34
N LEU A 69 -29.37 -15.01 -19.95
CA LEU A 69 -29.86 -14.29 -21.11
C LEU A 69 -29.87 -15.14 -22.38
N GLY A 70 -29.05 -16.17 -22.44
CA GLY A 70 -29.04 -17.03 -23.62
C GLY A 70 -28.38 -16.33 -24.79
N ASN A 71 -29.05 -16.35 -25.93
CA ASN A 71 -28.59 -15.68 -27.14
C ASN A 71 -29.06 -14.23 -27.26
N CYS A 72 -29.70 -13.71 -26.22
CA CYS A 72 -30.20 -12.34 -26.21
C CYS A 72 -29.27 -11.47 -25.36
N ASN A 73 -29.14 -10.20 -25.74
CA ASN A 73 -28.45 -9.25 -24.89
C ASN A 73 -29.46 -8.50 -24.04
N ILE A 74 -29.01 -7.40 -23.41
CA ILE A 74 -29.90 -6.57 -22.60
C ILE A 74 -30.93 -5.86 -23.46
N ALA A 75 -30.53 -5.36 -24.64
CA ALA A 75 -31.42 -4.63 -25.54
C ALA A 75 -32.53 -5.50 -26.08
N GLY A 76 -32.23 -6.75 -26.45
CA GLY A 76 -33.26 -7.64 -26.93
C GLY A 76 -34.20 -8.09 -25.83
N TRP A 77 -33.73 -8.09 -24.59
CA TRP A 77 -34.59 -8.43 -23.46
C TRP A 77 -35.53 -7.26 -23.13
N VAL A 78 -35.03 -6.02 -23.16
CA VAL A 78 -35.87 -4.91 -22.75
C VAL A 78 -36.79 -4.48 -23.87
N LEU A 79 -36.36 -4.65 -25.14
CA LEU A 79 -37.20 -4.23 -26.25
C LEU A 79 -38.20 -5.31 -26.63
N GLY A 80 -37.88 -6.56 -26.34
CA GLY A 80 -38.79 -7.66 -26.63
C GLY A 80 -38.54 -8.30 -27.97
N ASN A 81 -37.30 -8.73 -28.20
CA ASN A 81 -36.94 -9.41 -29.44
C ASN A 81 -37.69 -10.74 -29.52
N PRO A 82 -38.20 -11.12 -30.72
CA PRO A 82 -39.06 -12.30 -30.82
C PRO A 82 -38.41 -13.63 -30.48
N GLU A 83 -37.08 -13.68 -30.49
CA GLU A 83 -36.32 -14.84 -30.06
C GLU A 83 -36.01 -14.81 -28.57
N CYS A 84 -36.64 -13.90 -27.82
CA CYS A 84 -36.40 -13.72 -26.40
C CYS A 84 -37.74 -13.77 -25.65
N GLU A 85 -38.60 -14.69 -26.06
CA GLU A 85 -39.91 -14.83 -25.44
C GLU A 85 -39.86 -15.49 -24.08
N SER A 86 -38.82 -16.28 -23.79
CA SER A 86 -38.74 -16.97 -22.51
C SER A 86 -38.37 -16.01 -21.39
N LEU A 87 -37.73 -14.90 -21.73
CA LEU A 87 -37.27 -13.94 -20.73
C LEU A 87 -38.38 -13.00 -20.28
N LEU A 88 -39.49 -12.93 -21.01
CA LEU A 88 -40.57 -11.97 -20.72
C LEU A 88 -41.59 -12.66 -19.84
N SER A 89 -41.16 -13.00 -18.62
CA SER A 89 -42.01 -13.59 -17.59
C SER A 89 -41.53 -13.07 -16.26
N ASN A 90 -42.47 -12.83 -15.35
CA ASN A 90 -42.15 -12.09 -14.14
C ASN A 90 -41.39 -12.97 -13.15
N ARG A 91 -40.24 -12.49 -12.69
CA ARG A 91 -39.25 -13.39 -12.08
C ARG A 91 -38.33 -12.60 -11.16
N SER A 92 -37.42 -13.33 -10.52
CA SER A 92 -36.40 -12.76 -9.64
C SER A 92 -35.12 -13.55 -9.84
N TRP A 93 -33.99 -12.94 -9.49
CA TRP A 93 -32.68 -13.53 -9.74
C TRP A 93 -31.68 -12.97 -8.75
N SER A 94 -30.49 -13.55 -8.77
CA SER A 94 -29.37 -13.08 -7.96
C SER A 94 -28.30 -12.37 -8.77
N TYR A 95 -28.01 -12.86 -9.98
CA TYR A 95 -27.08 -12.21 -10.89
C TYR A 95 -27.46 -12.59 -12.32
N ILE A 96 -26.94 -11.83 -13.28
CA ILE A 96 -27.25 -12.02 -14.69
C ILE A 96 -26.05 -12.67 -15.36
N ALA A 97 -26.30 -13.71 -16.14
CA ALA A 97 -25.27 -14.40 -16.91
C ALA A 97 -25.54 -14.19 -18.39
N GLU A 98 -24.48 -13.89 -19.15
CA GLU A 98 -24.61 -13.49 -20.53
C GLU A 98 -23.55 -14.19 -21.39
N THR A 99 -23.98 -14.66 -22.55
CA THR A 99 -23.07 -15.19 -23.55
C THR A 99 -22.19 -14.05 -24.11
N PRO A 100 -20.88 -14.28 -24.25
CA PRO A 100 -19.99 -13.22 -24.74
C PRO A 100 -20.27 -12.74 -26.16
N ASN A 101 -20.88 -13.58 -27.00
CA ASN A 101 -21.24 -13.20 -28.36
C ASN A 101 -22.74 -13.47 -28.57
N SER A 102 -23.56 -12.50 -28.20
CA SER A 102 -25.00 -12.60 -28.42
C SER A 102 -25.39 -11.77 -29.62
N GLU A 103 -26.20 -12.35 -30.51
CA GLU A 103 -26.52 -11.72 -31.78
C GLU A 103 -28.01 -11.48 -31.97
N ASN A 104 -28.79 -11.41 -30.89
CA ASN A 104 -30.23 -11.14 -30.97
C ASN A 104 -30.53 -9.93 -30.12
N GLY A 105 -30.39 -8.75 -30.72
CA GLY A 105 -30.64 -7.49 -30.05
C GLY A 105 -31.59 -6.61 -30.82
N THR A 106 -31.13 -5.43 -31.20
CA THR A 106 -31.91 -4.52 -32.05
C THR A 106 -31.95 -5.11 -33.44
N CYS A 107 -33.06 -5.80 -33.75
CA CYS A 107 -33.20 -6.42 -35.06
C CYS A 107 -33.38 -5.36 -36.15
N PHE A 108 -34.14 -4.32 -35.86
CA PHE A 108 -34.19 -3.15 -36.75
C PHE A 108 -32.98 -2.28 -36.47
N PRO A 109 -32.28 -1.78 -37.50
CA PRO A 109 -31.08 -0.96 -37.25
C PRO A 109 -31.43 0.38 -36.63
N GLY A 110 -30.50 0.88 -35.83
CA GLY A 110 -30.70 2.13 -35.14
C GLY A 110 -29.66 2.33 -34.04
N ASP A 111 -29.89 3.35 -33.23
CA ASP A 111 -29.00 3.69 -32.13
C ASP A 111 -29.77 3.61 -30.82
N PHE A 112 -29.16 2.97 -29.82
CA PHE A 112 -29.74 2.87 -28.49
C PHE A 112 -29.16 3.99 -27.63
N ALA A 113 -30.02 4.86 -27.13
CA ALA A 113 -29.56 6.01 -26.36
C ALA A 113 -29.26 5.60 -24.92
N ASP A 114 -28.02 5.87 -24.49
CA ASP A 114 -27.51 5.55 -23.16
C ASP A 114 -27.66 4.08 -22.82
N TYR A 115 -27.03 3.24 -23.64
CA TYR A 115 -27.12 1.79 -23.46
C TYR A 115 -26.30 1.33 -22.25
N GLU A 116 -25.09 1.87 -22.09
CA GLU A 116 -24.22 1.48 -21.00
C GLU A 116 -24.76 1.97 -19.66
N GLU A 117 -25.41 3.13 -19.65
CA GLU A 117 -26.05 3.61 -18.42
C GLU A 117 -27.24 2.74 -18.04
N LEU A 118 -28.01 2.26 -19.02
CA LEU A 118 -29.09 1.32 -18.74
C LEU A 118 -28.55 0.01 -18.20
N ARG A 119 -27.41 -0.44 -18.72
CA ARG A 119 -26.75 -1.63 -18.18
C ARG A 119 -26.33 -1.42 -16.73
N GLU A 120 -25.81 -0.23 -16.42
CA GLU A 120 -25.41 0.09 -15.05
C GLU A 120 -26.60 0.15 -14.10
N GLN A 121 -27.73 0.70 -14.54
CA GLN A 121 -28.92 0.70 -13.69
C GLN A 121 -29.50 -0.70 -13.52
N LEU A 122 -29.49 -1.51 -14.58
CA LEU A 122 -30.02 -2.87 -14.49
C LEU A 122 -29.07 -3.84 -13.80
N SER A 123 -27.86 -3.42 -13.46
CA SER A 123 -26.96 -4.29 -12.71
C SER A 123 -27.50 -4.58 -11.31
N SER A 124 -27.95 -3.56 -10.58
CA SER A 124 -28.43 -3.74 -9.22
C SER A 124 -29.96 -3.83 -9.15
N VAL A 125 -30.56 -4.76 -9.89
CA VAL A 125 -32.01 -4.96 -9.90
C VAL A 125 -32.28 -6.42 -9.57
N SER A 126 -33.17 -6.68 -8.61
CA SER A 126 -33.44 -8.06 -8.21
C SER A 126 -34.59 -8.66 -9.00
N SER A 127 -35.68 -7.94 -9.20
CA SER A 127 -36.86 -8.50 -9.83
C SER A 127 -37.56 -7.44 -10.66
N PHE A 128 -38.38 -7.90 -11.61
CA PHE A 128 -39.20 -7.02 -12.43
C PHE A 128 -40.61 -7.58 -12.55
N GLU A 129 -41.57 -6.69 -12.80
CA GLU A 129 -42.96 -7.06 -13.06
C GLU A 129 -43.36 -6.43 -14.39
N ARG A 130 -43.80 -7.25 -15.33
CA ARG A 130 -44.15 -6.79 -16.67
C ARG A 130 -45.65 -6.56 -16.76
N PHE A 131 -46.04 -5.34 -17.12
CA PHE A 131 -47.45 -4.95 -17.20
C PHE A 131 -47.66 -4.10 -18.45
N GLU A 132 -48.92 -3.87 -18.79
CA GLU A 132 -49.29 -3.06 -19.95
C GLU A 132 -49.36 -1.61 -19.52
N ILE A 133 -48.42 -0.79 -20.02
CA ILE A 133 -48.52 0.65 -19.83
C ILE A 133 -49.64 1.22 -20.68
N PHE A 134 -49.79 0.73 -21.91
CA PHE A 134 -50.83 1.16 -22.85
C PHE A 134 -51.36 -0.09 -23.53
N PRO A 135 -52.65 -0.39 -23.39
CA PRO A 135 -53.23 -1.53 -24.15
C PRO A 135 -53.19 -1.29 -25.65
N LYS A 136 -52.95 -2.36 -26.40
CA LYS A 136 -52.78 -2.22 -27.84
C LYS A 136 -54.12 -2.03 -28.53
N GLU A 137 -55.16 -2.72 -28.06
CA GLU A 137 -56.43 -2.73 -28.78
C GLU A 137 -57.24 -1.46 -28.53
N ARG A 138 -57.29 -1.00 -27.28
CA ARG A 138 -58.27 0.03 -26.93
C ARG A 138 -57.66 1.41 -26.68
N SER A 139 -56.33 1.54 -26.70
CA SER A 139 -55.76 2.87 -26.48
C SER A 139 -55.41 3.58 -27.78
N TRP A 140 -55.52 2.90 -28.92
CA TRP A 140 -55.34 3.53 -30.23
C TRP A 140 -56.53 3.24 -31.13
N PRO A 141 -57.62 4.00 -31.01
CA PRO A 141 -58.80 3.72 -31.84
C PRO A 141 -58.66 4.12 -33.30
N ASN A 142 -57.78 5.06 -33.63
CA ASN A 142 -57.77 5.68 -34.95
C ASN A 142 -56.47 5.47 -35.71
N HIS A 143 -55.65 4.50 -35.31
CA HIS A 143 -54.43 4.15 -36.03
C HIS A 143 -54.39 2.64 -36.24
N THR A 144 -53.59 2.21 -37.22
CA THR A 144 -53.40 0.79 -37.48
C THR A 144 -52.27 0.30 -36.59
N THR A 145 -52.62 -0.56 -35.63
CA THR A 145 -51.63 -1.05 -34.68
C THR A 145 -50.87 -2.25 -35.22
N ARG A 146 -51.26 -2.76 -36.40
CA ARG A 146 -50.64 -3.95 -37.04
C ARG A 146 -49.46 -3.53 -37.90
N GLY A 147 -48.25 -3.81 -37.47
CA GLY A 147 -47.03 -3.43 -38.17
C GLY A 147 -45.99 -4.53 -38.05
N VAL A 148 -45.52 -5.02 -39.19
CA VAL A 148 -44.52 -6.08 -39.24
C VAL A 148 -43.36 -5.63 -40.11
N THR A 149 -42.20 -6.26 -39.90
CA THR A 149 -41.02 -5.99 -40.69
C THR A 149 -40.27 -7.29 -40.97
N ALA A 150 -39.50 -7.28 -42.05
CA ALA A 150 -38.73 -8.46 -42.43
C ALA A 150 -37.37 -8.51 -41.75
N ALA A 151 -36.97 -7.45 -41.07
CA ALA A 151 -35.70 -7.47 -40.35
C ALA A 151 -35.81 -8.25 -39.05
N CYS A 152 -37.03 -8.41 -38.54
CA CYS A 152 -37.26 -9.14 -37.30
C CYS A 152 -38.16 -10.33 -37.59
N PRO A 153 -37.63 -11.49 -37.97
CA PRO A 153 -38.49 -12.63 -38.29
C PRO A 153 -38.76 -13.55 -37.12
N HIS A 154 -39.97 -14.09 -37.06
CA HIS A 154 -40.35 -15.08 -36.06
C HIS A 154 -41.00 -16.25 -36.77
N ALA A 155 -40.32 -17.41 -36.73
CA ALA A 155 -40.76 -18.67 -37.37
C ALA A 155 -41.03 -18.50 -38.86
N MET A 156 -40.01 -17.99 -39.57
CA MET A 156 -40.03 -17.77 -41.04
C MET A 156 -41.16 -16.85 -41.47
N LYS A 157 -41.47 -15.85 -40.64
CA LYS A 157 -42.53 -14.89 -40.94
C LYS A 157 -42.00 -13.48 -40.71
N SER A 158 -42.89 -12.49 -40.70
CA SER A 158 -42.52 -11.12 -40.38
C SER A 158 -43.24 -10.68 -39.11
N SER A 159 -42.48 -10.15 -38.16
CA SER A 159 -43.02 -9.74 -36.87
C SER A 159 -42.27 -8.51 -36.38
N PHE A 160 -42.66 -8.04 -35.19
CA PHE A 160 -42.11 -6.84 -34.59
C PHE A 160 -41.77 -7.13 -33.13
N TYR A 161 -41.34 -6.11 -32.40
CA TYR A 161 -41.04 -6.24 -30.99
C TYR A 161 -42.31 -6.49 -30.18
N LYS A 162 -42.15 -7.14 -29.04
CA LYS A 162 -43.27 -7.51 -28.19
C LYS A 162 -43.61 -6.47 -27.14
N ASN A 163 -42.80 -5.42 -27.02
CA ASN A 163 -43.05 -4.34 -26.07
C ASN A 163 -43.33 -3.00 -26.74
N LEU A 164 -43.32 -2.95 -28.08
CA LEU A 164 -43.51 -1.71 -28.80
C LEU A 164 -44.51 -1.92 -29.93
N VAL A 165 -45.21 -0.84 -30.28
CA VAL A 165 -46.27 -0.87 -31.29
C VAL A 165 -45.94 0.17 -32.36
N TRP A 166 -45.95 -0.25 -33.62
CA TRP A 166 -45.72 0.64 -34.76
C TRP A 166 -47.07 1.20 -35.19
N LEU A 167 -47.20 2.52 -35.09
CA LEU A 167 -48.43 3.18 -35.49
C LEU A 167 -48.30 3.75 -36.90
N THR A 168 -49.36 3.57 -37.68
CA THR A 168 -49.39 3.95 -39.08
C THR A 168 -50.79 4.52 -39.33
N GLU A 169 -50.92 5.35 -40.37
CA GLU A 169 -52.17 6.02 -40.71
C GLU A 169 -53.31 5.04 -41.00
N ALA A 170 -54.52 5.44 -40.62
CA ALA A 170 -55.73 4.67 -40.82
C ALA A 170 -56.74 5.51 -41.58
N ASN A 171 -57.26 4.95 -42.67
CA ASN A 171 -58.26 5.58 -43.54
C ASN A 171 -57.77 6.93 -44.09
N GLY A 172 -56.50 6.99 -44.46
CA GLY A 172 -55.95 8.17 -45.09
C GLY A 172 -55.59 9.31 -44.16
N SER A 173 -55.65 9.11 -42.85
CA SER A 173 -55.38 10.19 -41.91
C SER A 173 -54.53 9.69 -40.76
N TYR A 174 -53.72 10.60 -40.21
CA TYR A 174 -52.92 10.36 -39.02
C TYR A 174 -53.24 11.48 -38.04
N PRO A 175 -54.22 11.28 -37.16
CA PRO A 175 -54.60 12.34 -36.23
C PRO A 175 -53.54 12.57 -35.16
N ASN A 176 -53.65 13.73 -34.53
CA ASN A 176 -52.69 14.08 -33.47
C ASN A 176 -52.80 13.04 -32.36
N LEU A 177 -51.73 12.86 -31.60
CA LEU A 177 -51.64 11.84 -30.57
C LEU A 177 -51.17 12.47 -29.27
N SER A 178 -51.91 12.21 -28.19
CA SER A 178 -51.56 12.71 -26.88
C SER A 178 -52.03 11.71 -25.82
N ARG A 179 -51.07 11.05 -25.17
CA ARG A 179 -51.39 10.08 -24.12
C ARG A 179 -50.57 10.39 -22.88
N SER A 180 -51.06 9.95 -21.72
CA SER A 180 -50.39 10.18 -20.45
C SER A 180 -50.51 8.96 -19.55
N TYR A 181 -49.50 8.78 -18.70
CA TYR A 181 -49.51 7.71 -17.71
C TYR A 181 -49.07 8.27 -16.37
N VAL A 182 -49.74 7.83 -15.30
CA VAL A 182 -49.36 8.15 -13.93
C VAL A 182 -48.94 6.87 -13.23
N ASN A 183 -48.00 7.00 -12.30
CA ASN A 183 -47.40 5.82 -11.65
C ASN A 183 -48.02 5.65 -10.27
N ASN A 184 -48.57 4.47 -10.01
CA ASN A 184 -49.18 4.14 -8.72
C ASN A 184 -48.70 2.81 -8.17
N GLN A 185 -47.60 2.28 -8.70
CA GLN A 185 -47.12 0.96 -8.32
C GLN A 185 -46.06 1.00 -7.22
N GLU A 186 -45.79 2.17 -6.65
CA GLU A 186 -44.87 2.42 -5.53
C GLU A 186 -43.44 2.01 -5.83
N LYS A 187 -43.04 1.95 -7.10
CA LYS A 187 -41.68 1.63 -7.48
C LYS A 187 -41.41 2.18 -8.87
N GLU A 188 -40.13 2.19 -9.25
CA GLU A 188 -39.70 2.78 -10.51
C GLU A 188 -40.17 1.96 -11.70
N VAL A 189 -40.53 2.65 -12.77
CA VAL A 189 -41.01 2.02 -14.00
C VAL A 189 -40.10 2.43 -15.15
N LEU A 190 -39.55 1.44 -15.85
CA LEU A 190 -38.70 1.68 -17.01
C LEU A 190 -39.58 1.74 -18.26
N VAL A 191 -39.60 2.90 -18.92
CA VAL A 191 -40.44 3.13 -20.08
C VAL A 191 -39.54 3.26 -21.31
N LEU A 192 -39.89 2.53 -22.37
CA LEU A 192 -39.08 2.42 -23.58
C LEU A 192 -39.90 2.78 -24.80
N TRP A 193 -39.30 3.51 -25.73
CA TRP A 193 -39.98 3.89 -26.97
C TRP A 193 -38.95 4.10 -28.07
N GLY A 194 -39.44 4.48 -29.25
CA GLY A 194 -38.57 4.68 -30.39
C GLY A 194 -39.14 5.68 -31.39
N VAL A 195 -38.24 6.27 -32.16
CA VAL A 195 -38.58 7.27 -33.18
C VAL A 195 -38.05 6.76 -34.52
N HIS A 196 -38.91 6.79 -35.53
CA HIS A 196 -38.60 6.22 -36.84
C HIS A 196 -38.02 7.29 -37.78
N HIS A 197 -36.89 6.97 -38.41
CA HIS A 197 -36.24 7.81 -39.40
C HIS A 197 -36.28 7.08 -40.73
N PRO A 198 -37.15 7.47 -41.66
CA PRO A 198 -37.25 6.77 -42.93
C PRO A 198 -36.12 7.13 -43.89
N SER A 199 -36.22 6.59 -45.11
CA SER A 199 -35.17 6.75 -46.11
C SER A 199 -35.50 7.79 -47.17
N ASN A 200 -36.75 7.87 -47.61
CA ASN A 200 -37.15 8.83 -48.63
C ASN A 200 -38.51 9.42 -48.28
N ILE A 201 -38.86 10.50 -48.97
CA ILE A 201 -40.05 11.28 -48.61
C ILE A 201 -41.33 10.54 -49.01
N GLU A 202 -41.26 9.63 -49.98
CA GLU A 202 -42.44 8.88 -50.38
C GLU A 202 -42.85 7.90 -49.29
N ASP A 203 -41.87 7.31 -48.60
CA ASP A 203 -42.15 6.41 -47.48
C ASP A 203 -42.85 7.16 -46.34
N GLN A 204 -42.36 8.37 -46.03
CA GLN A 204 -42.95 9.20 -45.00
C GLN A 204 -44.37 9.62 -45.37
N ARG A 205 -44.59 9.93 -46.65
CA ARG A 205 -45.93 10.32 -47.08
C ARG A 205 -46.90 9.13 -47.09
N THR A 206 -46.39 7.91 -47.34
CA THR A 206 -47.27 6.76 -47.34
C THR A 206 -47.69 6.35 -45.94
N LEU A 207 -46.75 6.37 -44.98
CA LEU A 207 -47.12 5.90 -43.63
C LEU A 207 -47.64 7.00 -42.72
N TYR A 208 -47.18 8.25 -42.87
CA TYR A 208 -47.55 9.25 -41.88
C TYR A 208 -48.26 10.47 -42.44
N ARG A 209 -48.37 10.61 -43.76
CA ARG A 209 -49.16 11.62 -44.48
C ARG A 209 -48.75 13.06 -44.22
N LYS A 210 -47.63 13.31 -43.57
CA LYS A 210 -47.11 14.65 -43.31
C LYS A 210 -45.63 14.67 -43.62
N ASP A 211 -45.16 15.76 -44.23
CA ASP A 211 -43.73 15.89 -44.48
C ASP A 211 -42.97 16.26 -43.22
N ASN A 212 -43.60 17.01 -42.32
CA ASN A 212 -42.97 17.45 -41.08
C ASN A 212 -43.73 16.85 -39.89
N ALA A 213 -43.00 16.22 -38.98
CA ALA A 213 -43.59 15.59 -37.82
C ALA A 213 -42.66 15.76 -36.64
N TYR A 214 -43.21 15.57 -35.43
CA TYR A 214 -42.42 15.69 -34.21
C TYR A 214 -42.96 14.74 -33.16
N VAL A 215 -42.07 14.34 -32.25
CA VAL A 215 -42.42 13.58 -31.06
C VAL A 215 -41.94 14.37 -29.86
N SER A 216 -42.73 14.40 -28.78
CA SER A 216 -42.31 15.06 -27.57
C SER A 216 -42.66 14.19 -26.38
N VAL A 217 -41.65 13.91 -25.54
CA VAL A 217 -41.83 13.12 -24.33
C VAL A 217 -41.49 14.02 -23.15
N VAL A 218 -42.48 14.25 -22.28
CA VAL A 218 -42.32 15.18 -21.17
C VAL A 218 -42.67 14.48 -19.86
N SER A 219 -41.75 14.53 -18.91
CA SER A 219 -41.99 14.07 -17.55
C SER A 219 -41.47 15.15 -16.60
N SER A 220 -41.46 14.85 -15.31
CA SER A 220 -40.93 15.78 -14.31
C SER A 220 -39.41 15.78 -14.26
N ASN A 221 -38.76 14.76 -14.82
CA ASN A 221 -37.31 14.73 -14.95
C ASN A 221 -36.83 14.55 -16.38
N TYR A 222 -37.71 14.24 -17.32
CA TYR A 222 -37.38 14.06 -18.72
C TYR A 222 -38.19 15.06 -19.53
N ASN A 223 -37.54 15.75 -20.45
CA ASN A 223 -38.19 16.70 -21.35
C ASN A 223 -37.40 16.73 -22.65
N ARG A 224 -37.91 16.06 -23.68
CA ARG A 224 -37.12 15.99 -24.90
C ARG A 224 -38.02 15.84 -26.12
N ARG A 225 -37.63 16.54 -27.20
CA ARG A 225 -38.37 16.58 -28.45
C ARG A 225 -37.51 16.02 -29.58
N PHE A 226 -38.10 15.17 -30.41
CA PHE A 226 -37.43 14.44 -31.46
C PHE A 226 -38.05 14.81 -32.81
N THR A 227 -37.20 14.96 -33.83
CA THR A 227 -37.62 15.31 -35.18
C THR A 227 -37.06 14.28 -36.15
N PRO A 228 -37.87 13.71 -37.04
CA PRO A 228 -37.36 12.76 -38.05
C PRO A 228 -36.37 13.40 -39.02
N GLU A 229 -35.38 12.61 -39.43
CA GLU A 229 -34.38 13.02 -40.41
C GLU A 229 -34.38 12.00 -41.55
N ILE A 230 -34.44 12.49 -42.78
CA ILE A 230 -34.53 11.65 -43.97
C ILE A 230 -33.27 11.84 -44.79
N ALA A 231 -32.53 10.74 -45.02
CA ALA A 231 -31.27 10.81 -45.75
C ALA A 231 -30.99 9.44 -46.37
N LYS A 232 -29.97 9.39 -47.19
CA LYS A 232 -29.54 8.15 -47.85
C LYS A 232 -28.58 7.41 -46.94
N ARG A 233 -28.92 6.17 -46.59
CA ARG A 233 -28.15 5.41 -45.62
C ARG A 233 -27.76 4.05 -46.21
N PRO A 234 -26.63 3.49 -45.77
CA PRO A 234 -26.27 2.14 -46.22
C PRO A 234 -27.22 1.09 -45.67
N LYS A 235 -27.34 -0.02 -46.41
CA LYS A 235 -28.24 -1.08 -46.01
C LYS A 235 -27.65 -1.93 -44.90
N VAL A 236 -28.31 -1.96 -43.76
CA VAL A 236 -27.98 -2.85 -42.65
C VAL A 236 -29.16 -3.76 -42.40
N ARG A 237 -28.92 -5.07 -42.46
CA ARG A 237 -29.91 -6.14 -42.32
C ARG A 237 -31.04 -6.02 -43.33
N GLY A 238 -30.74 -5.54 -44.54
CA GLY A 238 -31.72 -5.43 -45.60
C GLY A 238 -32.59 -4.19 -45.56
N GLN A 239 -32.39 -3.32 -44.58
CA GLN A 239 -33.19 -2.11 -44.42
C GLN A 239 -32.29 -0.90 -44.41
N SER A 240 -32.74 0.18 -45.04
CA SER A 240 -32.00 1.44 -45.06
C SER A 240 -32.54 2.47 -44.07
N GLY A 241 -33.75 2.27 -43.54
CA GLY A 241 -34.28 3.15 -42.51
C GLY A 241 -33.74 2.80 -41.14
N ARG A 242 -34.03 3.68 -40.17
CA ARG A 242 -33.54 3.51 -38.82
C ARG A 242 -34.66 3.73 -37.81
N ILE A 243 -34.52 3.15 -36.63
CA ILE A 243 -35.36 3.44 -35.48
C ILE A 243 -34.45 3.70 -34.29
N ASN A 244 -34.54 4.90 -33.73
CA ASN A 244 -33.73 5.28 -32.57
C ASN A 244 -34.51 5.02 -31.30
N TYR A 245 -33.90 4.28 -30.37
CA TYR A 245 -34.56 3.80 -29.17
C TYR A 245 -34.17 4.62 -27.96
N TYR A 246 -35.14 4.92 -27.10
CA TYR A 246 -34.96 5.76 -25.93
C TYR A 246 -35.66 5.13 -24.73
N TRP A 247 -35.20 5.50 -23.53
CA TRP A 247 -35.72 4.96 -22.29
C TRP A 247 -35.70 6.02 -21.20
N THR A 248 -36.53 5.81 -20.18
CA THR A 248 -36.57 6.67 -19.01
C THR A 248 -37.04 5.86 -17.81
N LEU A 249 -36.82 6.42 -16.61
CA LEU A 249 -37.15 5.78 -15.34
C LEU A 249 -38.11 6.68 -14.56
N LEU A 250 -39.39 6.35 -14.58
CA LEU A 250 -40.34 7.07 -13.73
C LEU A 250 -40.23 6.62 -12.28
N GLU A 251 -40.31 7.58 -11.39
CA GLU A 251 -40.40 7.63 -9.94
C GLU A 251 -41.85 7.41 -9.50
N PRO A 252 -42.08 6.96 -8.26
CA PRO A 252 -43.45 6.82 -7.78
C PRO A 252 -44.18 8.15 -7.70
N GLY A 253 -45.44 8.15 -8.15
CA GLY A 253 -46.25 9.35 -8.15
C GLY A 253 -46.02 10.30 -9.31
N ASP A 254 -45.17 9.94 -10.26
CA ASP A 254 -44.83 10.81 -11.37
C ASP A 254 -45.62 10.42 -12.61
N THR A 255 -45.70 11.37 -13.55
CA THR A 255 -46.48 11.21 -14.76
C THR A 255 -45.62 11.48 -15.99
N ILE A 256 -45.98 10.84 -17.10
CA ILE A 256 -45.29 10.99 -18.37
C ILE A 256 -46.32 11.27 -19.46
N ILE A 257 -45.97 12.16 -20.38
CA ILE A 257 -46.85 12.56 -21.47
C ILE A 257 -46.13 12.32 -22.79
N PHE A 258 -46.77 11.58 -23.68
CA PHE A 258 -46.30 11.31 -25.04
C PHE A 258 -47.18 12.09 -26.01
N GLU A 259 -46.57 12.90 -26.87
CA GLU A 259 -47.31 13.65 -27.87
C GLU A 259 -46.62 13.50 -29.21
N ALA A 260 -47.42 13.27 -30.26
CA ALA A 260 -46.81 12.99 -31.55
C ALA A 260 -47.76 13.36 -32.67
N THR A 261 -47.19 13.87 -33.77
CA THR A 261 -47.86 14.01 -35.04
C THR A 261 -47.30 13.06 -36.09
N GLY A 262 -46.40 12.16 -35.71
CA GLY A 262 -45.86 11.19 -36.63
C GLY A 262 -44.57 10.61 -36.11
N ASN A 263 -44.20 9.47 -36.69
CA ASN A 263 -42.94 8.76 -36.45
C ASN A 263 -42.76 8.37 -34.99
N LEU A 264 -43.74 7.63 -34.45
CA LEU A 264 -43.69 7.19 -33.06
C LEU A 264 -43.85 5.69 -32.99
N ILE A 265 -42.94 5.03 -32.27
CA ILE A 265 -43.04 3.60 -31.96
C ILE A 265 -43.46 3.53 -30.50
N ALA A 266 -44.76 3.40 -30.26
CA ALA A 266 -45.36 3.60 -28.95
C ALA A 266 -45.03 2.46 -28.00
N PRO A 267 -44.96 2.73 -26.70
CA PRO A 267 -44.76 1.64 -25.74
C PRO A 267 -46.01 0.77 -25.58
N TRP A 268 -45.77 -0.51 -25.31
CA TRP A 268 -46.83 -1.49 -25.04
C TRP A 268 -46.67 -2.10 -23.66
N TYR A 269 -45.46 -2.46 -23.27
CA TYR A 269 -45.19 -3.09 -21.99
C TYR A 269 -44.07 -2.34 -21.27
N ALA A 270 -44.17 -2.28 -19.95
CA ALA A 270 -43.18 -1.62 -19.11
C ALA A 270 -42.84 -2.53 -17.95
N PHE A 271 -41.73 -2.22 -17.28
CA PHE A 271 -41.19 -3.07 -16.23
C PHE A 271 -41.20 -2.33 -14.91
N ALA A 272 -41.67 -2.99 -13.86
CA ALA A 272 -41.69 -2.44 -12.51
C ALA A 272 -40.49 -2.98 -11.75
N LEU A 273 -39.47 -2.13 -11.56
CA LEU A 273 -38.16 -2.56 -11.09
C LEU A 273 -38.06 -2.48 -9.57
N SER A 274 -37.41 -3.48 -8.98
CA SER A 274 -37.13 -3.52 -7.55
C SER A 274 -35.62 -3.66 -7.36
N ARG A 275 -35.06 -2.86 -6.46
CA ARG A 275 -33.63 -2.83 -6.25
C ARG A 275 -33.20 -3.82 -5.18
N GLY A 276 -31.93 -4.21 -5.25
CA GLY A 276 -31.37 -5.18 -4.33
C GLY A 276 -29.93 -4.85 -3.97
N PRO A 277 -29.45 -5.43 -2.87
CA PRO A 277 -28.11 -5.03 -2.38
C PRO A 277 -26.96 -5.58 -3.20
N GLY A 278 -27.00 -6.85 -3.60
CA GLY A 278 -25.90 -7.43 -4.34
C GLY A 278 -26.28 -8.17 -5.59
N SER A 279 -25.83 -7.69 -6.75
CA SER A 279 -26.10 -8.30 -8.03
C SER A 279 -25.07 -7.78 -9.04
N GLY A 280 -25.03 -8.43 -10.20
CA GLY A 280 -24.10 -8.02 -11.24
C GLY A 280 -24.29 -8.82 -12.49
N ILE A 281 -23.46 -8.52 -13.49
CA ILE A 281 -23.50 -9.15 -14.80
C ILE A 281 -22.19 -9.88 -15.04
N ILE A 282 -22.28 -11.14 -15.46
CA ILE A 282 -21.14 -12.00 -15.72
C ILE A 282 -21.22 -12.51 -17.16
N THR A 283 -20.14 -12.35 -17.91
CA THR A 283 -20.01 -12.92 -19.24
C THR A 283 -19.35 -14.30 -19.13
N SER A 284 -20.05 -15.34 -19.57
CA SER A 284 -19.57 -16.70 -19.38
C SER A 284 -20.00 -17.61 -20.53
N ASN A 285 -19.22 -18.67 -20.71
CA ASN A 285 -19.60 -19.82 -21.53
C ASN A 285 -19.66 -21.07 -20.65
N ALA A 286 -19.98 -20.87 -19.37
CA ALA A 286 -19.98 -21.95 -18.40
C ALA A 286 -21.38 -22.56 -18.30
N PRO A 287 -21.51 -23.88 -18.25
CA PRO A 287 -22.83 -24.50 -18.18
C PRO A 287 -23.50 -24.27 -16.83
N LEU A 288 -24.82 -24.22 -16.84
CA LEU A 288 -25.59 -24.05 -15.62
C LEU A 288 -25.76 -25.38 -14.89
N ASP A 289 -25.55 -25.36 -13.58
CA ASP A 289 -25.75 -26.54 -12.75
C ASP A 289 -26.30 -26.12 -11.39
N GLU A 290 -26.27 -27.03 -10.42
CA GLU A 290 -26.85 -26.79 -9.11
C GLU A 290 -25.73 -26.76 -8.07
N CYS A 291 -25.69 -25.69 -7.29
CA CYS A 291 -24.75 -25.55 -6.18
C CYS A 291 -25.35 -24.58 -5.18
N ASP A 292 -24.61 -24.32 -4.11
CA ASP A 292 -25.00 -23.30 -3.15
C ASP A 292 -23.75 -22.56 -2.64
N THR A 293 -22.84 -22.25 -3.55
CA THR A 293 -21.64 -21.52 -3.18
C THR A 293 -21.92 -20.04 -3.00
N LYS A 294 -21.04 -19.37 -2.24
CA LYS A 294 -21.18 -17.93 -1.94
C LYS A 294 -20.20 -17.12 -2.79
N CYS A 295 -19.56 -17.72 -3.79
CA CYS A 295 -18.67 -17.00 -4.69
C CYS A 295 -18.91 -17.45 -6.12
N GLN A 296 -19.04 -16.49 -7.04
CA GLN A 296 -19.26 -16.81 -8.44
C GLN A 296 -18.33 -15.96 -9.30
N THR A 297 -17.56 -16.63 -10.15
CA THR A 297 -16.63 -16.10 -11.13
C THR A 297 -17.07 -16.49 -12.53
N PRO A 298 -16.59 -15.80 -13.57
CA PRO A 298 -16.93 -16.23 -14.94
C PRO A 298 -16.42 -17.62 -15.33
N GLN A 299 -15.40 -18.14 -14.65
CA GLN A 299 -14.84 -19.43 -14.97
C GLN A 299 -15.32 -20.55 -14.05
N GLY A 300 -16.18 -20.26 -13.09
CA GLY A 300 -16.65 -21.26 -12.16
C GLY A 300 -16.96 -20.65 -10.82
N ALA A 301 -17.10 -21.52 -9.83
CA ALA A 301 -17.41 -21.12 -8.47
C ALA A 301 -16.28 -21.55 -7.53
N ILE A 302 -16.07 -20.74 -6.49
CA ILE A 302 -14.96 -20.92 -5.55
C ILE A 302 -15.55 -21.21 -4.18
N ASN A 303 -15.06 -22.29 -3.54
CA ASN A 303 -15.27 -22.49 -2.12
C ASN A 303 -13.92 -22.37 -1.43
N SER A 304 -13.89 -21.65 -0.31
CA SER A 304 -12.65 -21.32 0.37
C SER A 304 -12.97 -20.69 1.72
N SER A 305 -12.04 -20.87 2.64
CA SER A 305 -11.84 -19.94 3.74
C SER A 305 -10.55 -19.15 3.57
N LEU A 306 -9.87 -19.33 2.44
CA LEU A 306 -8.56 -18.75 2.22
C LEU A 306 -8.69 -17.27 1.84
N PRO A 307 -7.73 -16.43 2.22
CA PRO A 307 -7.87 -14.99 1.95
C PRO A 307 -7.61 -14.59 0.50
N PHE A 308 -6.91 -15.40 -0.29
CA PHE A 308 -6.48 -15.00 -1.61
C PHE A 308 -7.00 -15.93 -2.69
N GLN A 309 -6.98 -15.45 -3.92
CA GLN A 309 -7.29 -16.23 -5.11
C GLN A 309 -6.43 -15.74 -6.26
N ASN A 310 -6.37 -16.54 -7.33
CA ASN A 310 -5.76 -16.11 -8.57
C ASN A 310 -6.51 -16.57 -9.82
N ILE A 311 -7.84 -16.64 -9.77
CA ILE A 311 -8.59 -17.18 -10.90
C ILE A 311 -9.06 -16.07 -11.83
N HIS A 312 -9.90 -15.16 -11.34
CA HIS A 312 -10.45 -14.12 -12.19
C HIS A 312 -10.84 -12.94 -11.30
N PRO A 313 -10.60 -11.70 -11.77
CA PRO A 313 -10.88 -10.54 -10.90
C PRO A 313 -12.36 -10.24 -10.68
N VAL A 314 -13.22 -10.60 -11.62
CA VAL A 314 -14.65 -10.31 -11.50
C VAL A 314 -15.31 -11.37 -10.65
N THR A 315 -15.87 -10.95 -9.51
CA THR A 315 -16.48 -11.84 -8.54
C THR A 315 -17.83 -11.31 -8.10
N ILE A 316 -18.76 -12.22 -7.78
CA ILE A 316 -20.01 -11.87 -7.12
C ILE A 316 -20.15 -12.74 -5.88
N GLY A 317 -20.40 -12.09 -4.73
CA GLY A 317 -20.63 -12.70 -3.44
C GLY A 317 -19.51 -12.36 -2.48
N GLU A 318 -19.35 -13.19 -1.46
CA GLU A 318 -18.23 -13.09 -0.55
C GLU A 318 -17.09 -13.93 -1.12
N CYS A 319 -16.08 -13.26 -1.64
CA CYS A 319 -15.04 -13.90 -2.43
C CYS A 319 -13.67 -13.47 -1.96
N PRO A 320 -12.64 -14.30 -2.14
CA PRO A 320 -11.28 -13.90 -1.79
C PRO A 320 -10.73 -12.82 -2.70
N LYS A 321 -9.72 -12.13 -2.19
CA LYS A 321 -9.09 -11.04 -2.91
C LYS A 321 -8.15 -11.58 -3.99
N TYR A 322 -8.25 -10.99 -5.18
CA TYR A 322 -7.51 -11.44 -6.34
C TYR A 322 -6.09 -10.88 -6.32
N VAL A 323 -5.11 -11.77 -6.46
CA VAL A 323 -3.71 -11.40 -6.60
C VAL A 323 -3.12 -12.16 -7.78
N ARG A 324 -2.10 -11.60 -8.42
CA ARG A 324 -1.40 -12.29 -9.51
C ARG A 324 -0.16 -13.01 -9.01
N SER A 325 -0.36 -13.85 -7.99
CA SER A 325 0.72 -14.63 -7.39
C SER A 325 0.51 -16.10 -7.72
N THR A 326 1.62 -16.83 -7.81
CA THR A 326 1.55 -18.25 -8.16
C THR A 326 1.59 -19.11 -6.90
N LYS A 327 2.38 -18.72 -5.90
CA LYS A 327 2.55 -19.48 -4.67
C LYS A 327 2.53 -18.55 -3.48
N LEU A 328 1.68 -18.87 -2.50
CA LEU A 328 1.67 -18.17 -1.22
C LEU A 328 1.52 -19.22 -0.12
N ARG A 329 2.62 -19.64 0.48
CA ARG A 329 2.64 -20.65 1.53
C ARG A 329 3.31 -20.08 2.76
N MET A 330 2.72 -20.33 3.92
CA MET A 330 3.20 -19.75 5.17
C MET A 330 3.59 -20.85 6.14
N VAL A 331 4.73 -20.64 6.81
CA VAL A 331 5.31 -21.62 7.72
C VAL A 331 4.50 -21.66 9.01
N THR A 332 4.15 -22.87 9.44
CA THR A 332 3.64 -23.08 10.78
C THR A 332 4.48 -24.06 11.60
N GLY A 333 5.51 -24.66 11.00
CA GLY A 333 6.34 -25.63 11.69
C GLY A 333 7.82 -25.30 11.74
N LEU A 334 8.64 -26.32 11.94
CA LEU A 334 10.08 -26.17 12.09
C LEU A 334 10.79 -26.38 10.75
N ARG A 335 12.10 -26.16 10.75
CA ARG A 335 12.91 -26.55 9.61
C ARG A 335 13.18 -28.05 9.66
N ASN A 336 13.11 -28.69 8.50
CA ASN A 336 13.26 -30.14 8.42
C ASN A 336 14.73 -30.47 8.14
N ILE A 337 15.46 -30.67 9.23
CA ILE A 337 16.87 -31.10 9.15
C ILE A 337 16.94 -32.48 9.78
N PRO A 338 16.93 -33.55 9.00
CA PRO A 338 17.04 -34.90 9.56
C PRO A 338 18.45 -35.18 10.07
N SER A 339 18.49 -36.07 11.07
CA SER A 339 19.71 -36.49 11.78
C SER A 339 20.52 -35.31 12.34
N ALA A 348 23.96 -42.76 19.26
CA ALA A 348 24.62 -41.46 19.24
C ALA A 348 23.62 -40.34 19.02
N ILE A 349 22.68 -40.19 19.96
CA ILE A 349 21.67 -39.16 19.85
C ILE A 349 22.25 -37.84 20.33
N ALA A 350 22.25 -36.84 19.45
CA ALA A 350 22.80 -35.52 19.74
C ALA A 350 21.71 -34.47 19.61
N GLY A 351 22.03 -33.27 20.05
CA GLY A 351 21.09 -32.18 20.19
C GLY A 351 20.88 -31.39 18.92
N PHE A 352 20.69 -30.08 19.09
CA PHE A 352 20.18 -29.26 17.99
C PHE A 352 21.27 -28.93 16.97
N ILE A 353 22.53 -29.09 17.35
CA ILE A 353 23.63 -28.80 16.43
C ILE A 353 23.70 -29.85 15.33
N GLU A 354 23.53 -31.13 15.68
CA GLU A 354 23.51 -32.18 14.67
C GLU A 354 22.23 -32.14 13.84
N GLY A 355 21.10 -31.87 14.47
CA GLY A 355 19.85 -31.76 13.72
C GLY A 355 18.67 -32.10 14.61
N GLY A 356 17.58 -32.52 13.97
CA GLY A 356 16.37 -32.87 14.67
C GLY A 356 16.15 -34.36 14.78
N TRP A 357 15.14 -34.77 15.53
CA TRP A 357 14.87 -36.18 15.78
C TRP A 357 13.54 -36.57 15.16
N THR A 358 13.54 -37.64 14.38
CA THR A 358 12.34 -38.18 13.76
C THR A 358 11.50 -38.97 14.76
N GLY A 359 12.13 -39.55 15.78
CA GLY A 359 11.46 -40.42 16.72
C GLY A 359 10.62 -39.73 17.78
N MET A 360 10.54 -38.40 17.77
CA MET A 360 9.66 -37.68 18.70
C MET A 360 8.41 -37.26 17.93
N MET A 361 7.26 -37.68 18.45
CA MET A 361 5.98 -37.34 17.80
C MET A 361 5.01 -36.83 18.87
N ASP A 362 5.52 -36.54 20.07
CA ASP A 362 4.65 -35.97 21.10
C ASP A 362 4.57 -34.46 21.01
N GLY A 363 5.68 -33.80 20.69
CA GLY A 363 5.70 -32.35 20.64
C GLY A 363 6.83 -31.84 19.78
N TRP A 364 6.88 -30.52 19.63
CA TRP A 364 7.90 -29.88 18.80
C TRP A 364 9.26 -29.87 19.48
N TYR A 365 9.30 -29.52 20.76
CA TYR A 365 10.54 -29.41 21.51
C TYR A 365 10.55 -30.46 22.61
N GLY A 366 11.72 -30.98 22.93
CA GLY A 366 11.75 -32.00 23.95
C GLY A 366 13.14 -32.48 24.30
N TYR A 367 13.17 -33.56 25.08
CA TYR A 367 14.38 -34.13 25.65
C TYR A 367 14.52 -35.58 25.24
N HIS A 368 15.75 -36.09 25.31
CA HIS A 368 16.04 -37.50 25.13
C HIS A 368 16.97 -37.96 26.25
N HIS A 369 16.55 -39.00 26.98
CA HIS A 369 17.36 -39.49 28.09
C HIS A 369 17.81 -40.91 27.80
N GLN A 370 19.06 -41.21 28.15
CA GLN A 370 19.64 -42.53 27.99
C GLN A 370 20.33 -42.87 29.31
N ASN A 371 19.82 -43.89 30.01
CA ASN A 371 20.38 -44.29 31.29
C ASN A 371 20.42 -45.81 31.37
N GLU A 372 20.68 -46.31 32.59
CA GLU A 372 20.82 -47.75 32.79
C GLU A 372 19.48 -48.46 32.65
N GLN A 373 18.39 -47.82 33.09
CA GLN A 373 17.09 -48.45 33.02
C GLN A 373 16.57 -48.52 31.59
N GLY A 374 16.79 -47.47 30.81
CA GLY A 374 16.35 -47.47 29.42
C GLY A 374 16.64 -46.14 28.76
N SER A 375 16.20 -46.04 27.51
CA SER A 375 16.37 -44.84 26.71
C SER A 375 15.02 -44.42 26.14
N GLY A 376 14.74 -43.13 26.18
CA GLY A 376 13.44 -42.65 25.76
C GLY A 376 13.46 -41.20 25.35
N TYR A 377 12.38 -40.79 24.70
CA TYR A 377 12.14 -39.42 24.28
C TYR A 377 10.97 -38.84 25.06
N ALA A 378 10.96 -37.51 25.19
CA ALA A 378 9.86 -36.82 25.84
C ALA A 378 9.74 -35.43 25.23
N ALA A 379 8.58 -34.82 25.40
CA ALA A 379 8.31 -33.50 24.83
C ALA A 379 8.02 -32.50 25.93
N ASP A 380 8.39 -31.25 25.68
CA ASP A 380 8.07 -30.16 26.60
C ASP A 380 6.73 -29.56 26.21
N GLN A 381 5.76 -29.61 27.12
CA GLN A 381 4.39 -29.24 26.77
C GLN A 381 4.19 -27.73 26.76
N LYS A 382 4.84 -27.02 27.68
CA LYS A 382 4.57 -25.59 27.87
C LYS A 382 5.09 -24.76 26.71
N SER A 383 6.34 -25.00 26.30
CA SER A 383 6.93 -24.24 25.21
C SER A 383 6.25 -24.53 23.87
N THR A 384 5.91 -25.80 23.64
CA THR A 384 5.17 -26.18 22.44
C THR A 384 3.79 -25.55 22.42
N GLN A 385 3.16 -25.44 23.58
CA GLN A 385 1.79 -24.88 23.64
C GLN A 385 1.85 -23.39 23.41
N ASN A 386 2.86 -22.70 23.95
CA ASN A 386 2.98 -21.26 23.73
C ASN A 386 3.31 -20.95 22.27
N ALA A 387 4.18 -21.76 21.65
CA ALA A 387 4.50 -21.59 20.25
C ALA A 387 3.27 -21.83 19.36
N ILE A 388 2.48 -22.84 19.70
CA ILE A 388 1.27 -23.15 18.92
C ILE A 388 0.24 -22.03 19.07
N ASN A 389 0.14 -21.44 20.27
CA ASN A 389 -0.76 -20.31 20.48
C ASN A 389 -0.34 -19.08 19.67
N CYS A 390 0.96 -18.78 19.63
CA CYS A 390 1.41 -17.63 18.85
C CYS A 390 1.23 -17.86 17.34
N ILE A 391 1.49 -19.08 16.86
CA ILE A 391 1.29 -19.37 15.44
C ILE A 391 -0.20 -19.33 15.06
N THR A 392 -1.08 -19.79 15.95
CA THR A 392 -2.52 -19.69 15.71
C THR A 392 -2.99 -18.24 15.63
N ASN A 393 -2.46 -17.40 16.55
CA ASN A 393 -2.76 -15.97 16.48
C ASN A 393 -2.21 -15.34 15.21
N LYS A 394 -1.06 -15.82 14.73
CA LYS A 394 -0.48 -15.32 13.48
C LYS A 394 -1.38 -15.65 12.29
N VAL A 395 -1.88 -16.88 12.24
CA VAL A 395 -2.78 -17.32 11.16
C VAL A 395 -4.06 -16.49 11.16
N ASN A 396 -4.67 -16.29 12.32
CA ASN A 396 -5.93 -15.52 12.40
C ASN A 396 -5.64 -14.03 12.13
N SER A 397 -4.45 -13.51 12.45
CA SER A 397 -4.12 -12.14 12.08
C SER A 397 -4.02 -11.98 10.56
N VAL A 398 -3.44 -12.96 9.88
CA VAL A 398 -3.39 -12.91 8.41
C VAL A 398 -4.79 -13.02 7.81
N ILE A 399 -5.64 -13.88 8.37
CA ILE A 399 -6.97 -14.05 7.79
C ILE A 399 -7.89 -12.85 8.04
N GLU A 400 -7.99 -12.38 9.28
CA GLU A 400 -8.93 -11.26 9.57
C GLU A 400 -8.31 -9.93 9.15
N LYS A 401 -7.01 -9.81 8.90
CA LYS A 401 -6.50 -8.48 8.48
C LYS A 401 -7.09 -8.07 7.13
N MET A 402 -7.11 -8.99 6.16
CA MET A 402 -7.59 -8.66 4.79
C MET A 402 -9.06 -9.05 4.66
N ASN A 403 -9.96 -8.21 5.16
CA ASN A 403 -11.39 -8.49 4.99
C ASN A 403 -11.67 -8.51 3.49
N THR A 404 -12.40 -9.50 3.01
CA THR A 404 -12.61 -9.61 1.55
C THR A 404 -14.10 -9.59 1.27
N GLN A 405 -14.53 -8.79 0.29
CA GLN A 405 -15.99 -8.63 0.00
C GLN A 405 -16.17 -8.28 -1.48
N PHE A 406 -17.41 -8.35 -1.98
CA PHE A 406 -17.72 -7.99 -3.39
C PHE A 406 -16.83 -6.82 -3.85
N THR A 407 -16.09 -7.02 -4.95
CA THR A 407 -15.19 -5.98 -5.45
C THR A 407 -15.72 -5.21 -6.65
N ALA A 408 -16.02 -5.90 -7.75
CA ALA A 408 -16.37 -5.21 -9.00
C ALA A 408 -17.17 -6.13 -9.91
N VAL A 409 -17.81 -5.53 -10.91
CA VAL A 409 -18.56 -6.27 -11.92
C VAL A 409 -18.07 -5.86 -13.31
N GLY A 410 -17.44 -4.70 -13.40
CA GLY A 410 -16.95 -4.21 -14.67
C GLY A 410 -17.94 -3.27 -15.35
N LYS A 411 -17.40 -2.32 -16.10
CA LYS A 411 -18.19 -1.32 -16.80
C LYS A 411 -17.86 -1.37 -18.29
N GLU A 412 -18.79 -0.91 -19.12
CA GLU A 412 -18.56 -0.82 -20.55
C GLU A 412 -18.68 0.62 -21.00
N PHE A 413 -17.90 0.96 -22.02
CA PHE A 413 -17.86 2.31 -22.58
C PHE A 413 -17.94 2.21 -24.09
N ASN A 414 -18.43 3.28 -24.72
CA ASN A 414 -18.57 3.26 -26.17
C ASN A 414 -17.29 3.74 -26.85
N LYS A 415 -17.37 4.03 -28.15
CA LYS A 415 -16.22 4.42 -28.94
C LYS A 415 -15.70 5.81 -28.63
N LEU A 416 -16.50 6.66 -27.99
CA LEU A 416 -16.10 8.05 -27.71
C LEU A 416 -15.94 8.32 -26.21
N GLU A 417 -15.77 7.29 -25.41
CA GLU A 417 -15.39 7.42 -24.01
C GLU A 417 -14.14 6.60 -23.72
N LYS A 418 -13.11 6.80 -24.55
CA LYS A 418 -11.87 6.04 -24.40
C LYS A 418 -11.07 6.48 -23.18
N ARG A 419 -11.16 7.78 -22.83
CA ARG A 419 -10.43 8.30 -21.68
C ARG A 419 -10.95 7.71 -20.36
N MET A 420 -12.27 7.58 -20.24
CA MET A 420 -12.86 6.93 -19.07
C MET A 420 -12.48 5.47 -18.97
N GLU A 421 -12.42 4.76 -20.11
CA GLU A 421 -12.02 3.37 -20.13
C GLU A 421 -10.56 3.20 -19.69
N ASN A 422 -9.68 4.08 -20.16
CA ASN A 422 -8.29 4.05 -19.73
C ASN A 422 -8.12 4.43 -18.27
N LEU A 423 -8.94 5.36 -17.76
CA LEU A 423 -8.90 5.69 -16.34
C LEU A 423 -9.35 4.52 -15.46
N ASN A 424 -10.40 3.82 -15.89
CA ASN A 424 -10.89 2.65 -15.16
C ASN A 424 -9.85 1.53 -15.17
N LYS A 425 -9.21 1.31 -16.32
CA LYS A 425 -8.12 0.33 -16.38
C LYS A 425 -6.94 0.74 -15.51
N LYS A 426 -6.63 2.03 -15.45
CA LYS A 426 -5.53 2.51 -14.61
C LYS A 426 -5.80 2.26 -13.13
N VAL A 427 -7.03 2.53 -12.68
CA VAL A 427 -7.41 2.27 -11.29
C VAL A 427 -7.35 0.78 -10.98
N ASP A 428 -7.92 -0.04 -11.88
CA ASP A 428 -8.01 -1.48 -11.64
C ASP A 428 -6.65 -2.15 -11.68
N ASP A 429 -5.74 -1.67 -12.53
CA ASP A 429 -4.39 -2.23 -12.61
C ASP A 429 -3.43 -1.61 -11.62
N GLY A 430 -3.78 -0.48 -11.00
CA GLY A 430 -2.97 0.05 -9.94
C GLY A 430 -3.27 -0.49 -8.58
N PHE A 431 -4.51 -0.89 -8.30
CA PHE A 431 -4.80 -1.50 -7.00
C PHE A 431 -4.25 -2.91 -6.87
N LEU A 432 -4.25 -3.67 -7.98
CA LEU A 432 -3.84 -5.07 -7.96
C LEU A 432 -2.36 -5.22 -7.64
N ASP A 433 -1.53 -4.32 -8.17
CA ASP A 433 -0.09 -4.34 -7.91
C ASP A 433 0.22 -4.09 -6.43
N ILE A 434 -0.47 -3.13 -5.82
CA ILE A 434 -0.29 -2.81 -4.41
C ILE A 434 -0.69 -3.99 -3.54
N TRP A 435 -1.84 -4.63 -3.85
CA TRP A 435 -2.29 -5.72 -3.00
C TRP A 435 -1.43 -6.97 -3.15
N THR A 436 -0.94 -7.23 -4.36
CA THR A 436 0.00 -8.34 -4.58
C THR A 436 1.31 -8.13 -3.83
N TYR A 437 1.85 -6.91 -3.91
CA TYR A 437 3.10 -6.58 -3.22
C TYR A 437 2.95 -6.69 -1.71
N ASN A 438 1.80 -6.24 -1.18
CA ASN A 438 1.55 -6.35 0.26
C ASN A 438 1.44 -7.79 0.73
N ALA A 439 0.77 -8.65 -0.05
CA ALA A 439 0.62 -10.05 0.32
C ALA A 439 1.96 -10.78 0.34
N GLU A 440 2.78 -10.56 -0.70
CA GLU A 440 4.09 -11.21 -0.75
C GLU A 440 5.03 -10.72 0.36
N LEU A 441 5.01 -9.41 0.67
CA LEU A 441 5.82 -8.93 1.78
C LEU A 441 5.38 -9.51 3.11
N LEU A 442 4.07 -9.64 3.33
CA LEU A 442 3.56 -10.19 4.58
C LEU A 442 4.02 -11.64 4.77
N VAL A 443 3.94 -12.45 3.70
CA VAL A 443 4.34 -13.86 3.82
C VAL A 443 5.84 -13.98 4.07
N LEU A 444 6.66 -13.27 3.30
CA LEU A 444 8.11 -13.42 3.45
C LEU A 444 8.65 -12.77 4.72
N LEU A 445 7.88 -11.88 5.37
CA LEU A 445 8.36 -11.44 6.68
C LEU A 445 7.93 -12.38 7.81
N GLU A 446 6.68 -12.89 7.75
CA GLU A 446 6.20 -13.72 8.85
C GLU A 446 6.89 -15.08 8.88
N ASN A 447 7.33 -15.59 7.72
CA ASN A 447 8.07 -16.86 7.71
C ASN A 447 9.39 -16.74 8.46
N GLU A 448 10.13 -15.65 8.23
CA GLU A 448 11.41 -15.46 8.90
C GLU A 448 11.23 -15.22 10.39
N ARG A 449 10.17 -14.49 10.77
CA ARG A 449 9.87 -14.28 12.19
C ARG A 449 9.56 -15.60 12.89
N THR A 450 8.80 -16.50 12.23
CA THR A 450 8.48 -17.80 12.79
C THR A 450 9.73 -18.65 13.01
N LEU A 451 10.63 -18.68 12.02
CA LEU A 451 11.84 -19.50 12.12
C LEU A 451 12.78 -18.99 13.22
N ASP A 452 12.95 -17.67 13.32
CA ASP A 452 13.77 -17.11 14.40
C ASP A 452 13.15 -17.36 15.77
N PHE A 453 11.82 -17.34 15.87
CA PHE A 453 11.14 -17.61 17.13
C PHE A 453 11.36 -19.06 17.59
N HIS A 454 11.34 -20.00 16.64
CA HIS A 454 11.62 -21.40 16.98
C HIS A 454 13.06 -21.59 17.49
N ASP A 455 14.03 -20.95 16.81
CA ASP A 455 15.43 -21.07 17.24
C ASP A 455 15.64 -20.45 18.63
N SER A 456 14.97 -19.34 18.91
CA SER A 456 15.04 -18.72 20.23
C SER A 456 14.48 -19.62 21.31
N ASN A 457 13.36 -20.30 21.03
CA ASN A 457 12.74 -21.19 22.03
C ASN A 457 13.65 -22.38 22.37
N VAL A 458 14.30 -22.95 21.36
CA VAL A 458 15.26 -24.04 21.62
C VAL A 458 16.43 -23.55 22.47
N LYS A 459 16.91 -22.33 22.17
CA LYS A 459 18.00 -21.76 22.96
C LYS A 459 17.60 -21.52 24.42
N ASN A 460 16.37 -21.06 24.66
CA ASN A 460 15.92 -20.88 26.05
C ASN A 460 15.81 -22.19 26.80
N LEU A 461 15.36 -23.27 26.16
CA LEU A 461 15.35 -24.56 26.85
C LEU A 461 16.76 -25.05 27.20
N TYR A 462 17.71 -24.86 26.28
CA TYR A 462 19.10 -25.24 26.55
C TYR A 462 19.69 -24.46 27.72
N GLU A 463 19.43 -23.14 27.76
CA GLU A 463 19.92 -22.31 28.86
C GLU A 463 19.29 -22.70 30.18
N LYS A 464 18.00 -23.05 30.18
CA LYS A 464 17.32 -23.43 31.41
C LYS A 464 17.88 -24.74 31.98
N VAL A 465 18.10 -25.72 31.11
CA VAL A 465 18.64 -27.00 31.57
C VAL A 465 20.08 -26.84 32.07
N LYS A 466 20.88 -26.03 31.37
CA LYS A 466 22.24 -25.73 31.82
C LYS A 466 22.26 -25.04 33.18
N ASN A 467 21.37 -24.07 33.38
CA ASN A 467 21.32 -23.32 34.64
C ASN A 467 20.86 -24.20 35.79
N GLN A 468 19.98 -25.17 35.51
CA GLN A 468 19.57 -26.07 36.58
C GLN A 468 20.68 -27.06 36.92
N LEU A 469 21.38 -27.59 35.92
CA LEU A 469 22.36 -28.62 36.21
C LEU A 469 23.63 -28.06 36.85
N ARG A 470 24.13 -26.92 36.35
CA ARG A 470 25.42 -26.33 36.72
C ARG A 470 26.57 -27.34 36.58
N ASN A 471 27.26 -27.62 37.68
CA ASN A 471 28.52 -28.35 37.63
C ASN A 471 28.31 -29.86 37.80
N ASN A 472 27.05 -30.30 37.95
CA ASN A 472 26.77 -31.72 38.10
C ASN A 472 27.05 -32.51 36.84
N ALA A 473 26.91 -31.87 35.67
CA ALA A 473 27.05 -32.55 34.39
C ALA A 473 27.99 -31.74 33.51
N LYS A 474 28.64 -32.43 32.58
CA LYS A 474 29.62 -31.81 31.69
C LYS A 474 29.01 -31.64 30.31
N GLU A 475 29.42 -30.58 29.62
CA GLU A 475 28.93 -30.31 28.28
C GLU A 475 29.83 -30.99 27.25
N LEU A 476 29.22 -31.73 26.34
CA LEU A 476 29.94 -32.30 25.21
C LEU A 476 29.89 -31.39 23.99
N GLY A 477 29.46 -30.15 24.16
CA GLY A 477 28.93 -29.43 23.04
C GLY A 477 27.61 -30.06 22.65
N ASN A 478 27.28 -29.91 21.35
CA ASN A 478 26.21 -30.59 20.59
C ASN A 478 24.88 -30.77 21.33
N GLY A 479 24.54 -29.81 22.20
CA GLY A 479 23.27 -29.81 22.92
C GLY A 479 23.05 -30.98 23.85
N CYS A 480 24.10 -31.53 24.44
CA CYS A 480 23.99 -32.69 25.30
C CYS A 480 24.79 -32.50 26.58
N PHE A 481 24.36 -33.20 27.63
CA PHE A 481 24.99 -33.15 28.94
C PHE A 481 25.27 -34.57 29.42
N GLU A 482 26.44 -34.80 30.00
CA GLU A 482 26.79 -36.08 30.59
C GLU A 482 26.85 -35.94 32.11
N PHE A 483 26.05 -36.72 32.81
CA PHE A 483 25.95 -36.64 34.26
C PHE A 483 27.19 -37.29 34.89
N TYR A 484 27.82 -36.57 35.81
CA TYR A 484 28.93 -37.16 36.56
C TYR A 484 28.44 -38.21 37.54
N HIS A 485 27.34 -37.92 38.23
CA HIS A 485 26.79 -38.86 39.20
C HIS A 485 25.83 -39.82 38.51
N LYS A 486 25.12 -40.62 39.30
CA LYS A 486 24.17 -41.60 38.79
C LYS A 486 22.78 -41.00 38.84
N CYS A 487 22.13 -40.91 37.69
CA CYS A 487 20.89 -40.17 37.54
C CYS A 487 19.84 -41.09 36.93
N ASP A 488 18.89 -41.53 37.75
CA ASP A 488 17.85 -42.45 37.33
C ASP A 488 16.67 -41.69 36.73
N ASN A 489 15.53 -42.40 36.61
CA ASN A 489 14.38 -41.86 35.90
C ASN A 489 13.75 -40.69 36.64
N GLU A 490 13.66 -40.77 37.97
CA GLU A 490 13.13 -39.64 38.74
C GLU A 490 14.11 -38.47 38.72
N CYS A 491 15.41 -38.76 38.67
CA CYS A 491 16.43 -37.73 38.47
C CYS A 491 16.28 -37.03 37.12
N MET A 492 15.98 -37.80 36.05
CA MET A 492 15.75 -37.18 34.75
C MET A 492 14.48 -36.37 34.73
N GLU A 493 13.42 -36.87 35.38
CA GLU A 493 12.16 -36.14 35.41
C GLU A 493 12.26 -34.87 36.26
N SER A 494 13.19 -34.86 37.22
CA SER A 494 13.40 -33.67 38.04
C SER A 494 13.92 -32.51 37.22
N VAL A 495 14.87 -32.76 36.31
CA VAL A 495 15.38 -31.68 35.47
C VAL A 495 14.46 -31.45 34.28
N LYS A 496 13.61 -32.45 33.96
CA LYS A 496 12.61 -32.24 32.92
C LYS A 496 11.51 -31.28 33.35
N ASN A 497 10.95 -31.45 34.55
CA ASN A 497 9.80 -30.63 34.93
C ASN A 497 10.18 -29.38 35.72
N GLY A 498 11.47 -29.12 35.91
CA GLY A 498 11.90 -27.84 36.41
C GLY A 498 12.28 -27.78 37.87
N THR A 499 12.24 -28.90 38.60
CA THR A 499 12.55 -28.94 40.02
C THR A 499 13.68 -29.96 40.25
N TYR A 500 14.92 -29.48 40.12
CA TYR A 500 16.10 -30.30 40.31
C TYR A 500 16.93 -29.72 41.44
N ASP A 501 16.92 -30.37 42.60
CA ASP A 501 17.60 -29.84 43.77
C ASP A 501 19.07 -30.20 43.72
N TYR A 502 19.91 -29.18 43.88
CA TYR A 502 21.36 -29.32 43.78
C TYR A 502 22.03 -30.26 44.80
N PRO A 503 21.83 -30.14 46.13
CA PRO A 503 22.86 -30.66 47.05
C PRO A 503 22.93 -32.17 47.18
N LYS A 504 21.85 -32.91 46.86
CA LYS A 504 21.85 -34.34 47.16
C LYS A 504 22.76 -35.11 46.21
N TYR A 505 22.98 -34.58 45.01
CA TYR A 505 23.86 -35.23 44.04
C TYR A 505 25.19 -34.50 43.89
N SER A 506 25.46 -33.53 44.77
CA SER A 506 26.64 -32.68 44.60
C SER A 506 27.92 -33.39 45.02
N GLU A 507 27.84 -34.22 46.06
CA GLU A 507 29.05 -34.78 46.67
C GLU A 507 29.69 -35.84 45.77
N GLU A 508 28.87 -36.74 45.23
CA GLU A 508 29.39 -37.77 44.32
C GLU A 508 29.90 -37.14 43.04
N SER A 509 29.24 -36.08 42.56
CA SER A 509 29.72 -35.38 41.37
C SER A 509 31.04 -34.68 41.62
N LYS A 510 31.21 -34.13 42.83
CA LYS A 510 32.49 -33.54 43.20
C LYS A 510 33.59 -34.60 43.26
N LEU A 511 33.27 -35.78 43.79
CA LEU A 511 34.24 -36.87 43.85
C LEU A 511 34.65 -37.34 42.45
N ASN A 512 33.66 -37.52 41.56
CA ASN A 512 33.94 -38.02 40.22
C ASN A 512 34.60 -36.95 39.36
N ARG A 513 34.35 -35.68 39.64
CA ARG A 513 35.02 -34.60 38.91
C ARG A 513 36.46 -34.46 39.36
N GLU A 514 36.69 -34.56 40.68
CA GLU A 514 38.05 -34.37 41.19
C GLU A 514 38.92 -35.59 40.95
N LYS A 515 38.32 -36.77 40.82
CA LYS A 515 39.12 -37.97 40.52
C LYS A 515 39.58 -37.98 39.07
N ILE A 516 38.82 -37.35 38.18
CA ILE A 516 39.20 -37.28 36.78
C ILE A 516 40.16 -36.11 36.56
N GLN B 1 -18.78 -52.21 17.67
CA GLN B 1 -19.63 -51.27 18.39
C GLN B 1 -18.96 -50.78 19.67
N VAL B 2 -18.74 -49.48 19.75
CA VAL B 2 -18.12 -48.87 20.92
C VAL B 2 -19.23 -48.37 21.84
N GLN B 3 -19.38 -49.03 22.99
CA GLN B 3 -20.43 -48.70 23.94
C GLN B 3 -19.80 -48.23 25.25
N LEU B 4 -20.32 -47.14 25.79
CA LEU B 4 -19.81 -46.55 27.02
C LEU B 4 -20.91 -46.53 28.07
N GLN B 5 -20.56 -46.92 29.30
CA GLN B 5 -21.50 -47.01 30.41
C GLN B 5 -20.92 -46.35 31.64
N GLU B 6 -21.74 -45.57 32.32
CA GLU B 6 -21.34 -44.85 33.53
C GLU B 6 -21.96 -45.50 34.76
N SER B 7 -21.21 -45.51 35.86
CA SER B 7 -21.67 -46.03 37.13
C SER B 7 -21.08 -45.23 38.28
N GLY B 8 -21.89 -44.95 39.29
CA GLY B 8 -21.43 -44.21 40.44
C GLY B 8 -22.49 -44.01 41.51
N PRO B 9 -22.11 -43.41 42.64
CA PRO B 9 -23.10 -43.13 43.69
C PRO B 9 -23.94 -41.91 43.37
N GLY B 10 -25.24 -41.99 43.66
CA GLY B 10 -26.12 -40.88 43.36
C GLY B 10 -25.98 -39.72 44.33
N LEU B 11 -25.76 -40.02 45.61
CA LEU B 11 -25.79 -39.02 46.67
C LEU B 11 -24.43 -38.95 47.34
N VAL B 12 -23.89 -37.74 47.46
CA VAL B 12 -22.68 -37.48 48.23
C VAL B 12 -22.95 -36.32 49.18
N LYS B 13 -22.42 -36.40 50.38
CA LYS B 13 -22.55 -35.34 51.35
C LYS B 13 -21.59 -34.20 51.00
N PRO B 14 -21.86 -32.97 51.46
CA PRO B 14 -20.92 -31.86 51.23
C PRO B 14 -19.58 -32.08 51.91
N SER B 15 -18.54 -31.50 51.32
CA SER B 15 -17.12 -31.55 51.69
C SER B 15 -16.52 -32.94 51.52
N GLU B 16 -17.16 -33.85 50.80
CA GLU B 16 -16.58 -35.16 50.52
C GLU B 16 -16.07 -35.21 49.10
N THR B 17 -15.66 -36.41 48.66
CA THR B 17 -15.07 -36.61 47.34
C THR B 17 -15.97 -37.51 46.51
N LEU B 18 -16.31 -37.04 45.30
CA LEU B 18 -17.21 -37.74 44.40
C LEU B 18 -16.41 -38.51 43.35
N SER B 19 -16.80 -39.76 43.11
CA SER B 19 -16.08 -40.64 42.20
C SER B 19 -17.04 -41.30 41.21
N LEU B 20 -16.71 -41.23 39.92
CA LEU B 20 -17.45 -41.93 38.89
C LEU B 20 -16.50 -42.76 38.04
N THR B 21 -17.03 -43.86 37.50
CA THR B 21 -16.29 -44.75 36.62
C THR B 21 -17.09 -44.94 35.33
N CYS B 22 -16.41 -44.80 34.19
CA CYS B 22 -17.01 -44.97 32.87
C CYS B 22 -16.42 -46.22 32.25
N THR B 23 -17.12 -47.33 32.41
CA THR B 23 -16.68 -48.61 31.84
C THR B 23 -16.87 -48.61 30.33
N VAL B 24 -15.81 -48.97 29.61
CA VAL B 24 -15.80 -48.97 28.16
C VAL B 24 -15.72 -50.41 27.66
N SER B 25 -16.57 -50.75 26.71
CA SER B 25 -16.56 -52.06 26.07
C SER B 25 -16.60 -51.91 24.57
N GLY B 26 -15.92 -52.81 23.88
CA GLY B 26 -15.90 -52.83 22.43
C GLY B 26 -14.65 -52.29 21.79
N ALA B 27 -13.82 -51.55 22.51
CA ALA B 27 -12.62 -50.97 21.94
C ALA B 27 -11.56 -50.79 23.01
N SER B 28 -10.31 -50.66 22.58
CA SER B 28 -9.21 -50.43 23.49
C SER B 28 -9.23 -49.00 24.03
N VAL B 29 -8.64 -48.83 25.20
CA VAL B 29 -8.63 -47.51 25.83
C VAL B 29 -7.48 -46.65 25.30
N SER B 30 -6.50 -47.27 24.64
CA SER B 30 -5.29 -46.55 24.27
C SER B 30 -5.49 -45.68 23.03
N SER B 31 -6.54 -45.94 22.26
CA SER B 31 -6.73 -45.29 20.97
C SER B 31 -7.62 -44.05 21.03
N TYR B 32 -7.99 -43.59 22.23
CA TYR B 32 -8.94 -42.49 22.35
C TYR B 32 -8.47 -41.49 23.39
N PHE B 33 -8.80 -40.22 23.14
CA PHE B 33 -8.86 -39.21 24.18
C PHE B 33 -10.14 -39.41 24.98
N TRP B 34 -10.06 -39.21 26.30
CA TRP B 34 -11.20 -39.42 27.18
C TRP B 34 -11.49 -38.13 27.94
N SER B 35 -12.74 -37.68 27.89
CA SER B 35 -13.12 -36.40 28.48
C SER B 35 -14.37 -36.54 29.33
N TRP B 36 -14.49 -35.65 30.32
CA TRP B 36 -15.65 -35.60 31.21
C TRP B 36 -16.39 -34.28 30.98
N ILE B 37 -17.73 -34.36 30.85
CA ILE B 37 -18.58 -33.19 30.65
C ILE B 37 -19.73 -33.25 31.64
N ARG B 38 -19.94 -32.16 32.37
CA ARG B 38 -21.06 -32.08 33.31
C ARG B 38 -22.07 -31.06 32.81
N GLN B 39 -23.34 -31.28 33.20
CA GLN B 39 -24.42 -30.38 32.82
C GLN B 39 -25.36 -30.19 34.01
N PRO B 40 -25.51 -28.96 34.49
CA PRO B 40 -26.54 -28.70 35.51
C PRO B 40 -27.93 -28.81 34.93
N ALA B 41 -28.92 -28.92 35.82
CA ALA B 41 -30.31 -29.06 35.42
C ALA B 41 -30.83 -27.78 34.76
N GLY B 42 -31.11 -27.86 33.46
CA GLY B 42 -31.61 -26.74 32.70
C GLY B 42 -30.62 -25.61 32.51
N LYS B 43 -29.35 -25.96 32.28
CA LYS B 43 -28.31 -24.97 32.02
C LYS B 43 -27.42 -25.50 30.89
N ALA B 44 -26.32 -24.79 30.65
CA ALA B 44 -25.43 -25.13 29.56
C ALA B 44 -24.48 -26.26 29.93
N LEU B 45 -23.96 -26.93 28.91
CA LEU B 45 -22.93 -27.95 29.11
C LEU B 45 -21.61 -27.29 29.52
N GLU B 46 -20.83 -27.99 30.34
CA GLU B 46 -19.55 -27.50 30.82
C GLU B 46 -18.51 -28.59 30.70
N TRP B 47 -17.35 -28.25 30.15
CA TRP B 47 -16.27 -29.20 29.94
C TRP B 47 -15.35 -29.22 31.15
N ILE B 48 -15.01 -30.42 31.61
CA ILE B 48 -14.21 -30.57 32.81
C ILE B 48 -12.75 -30.82 32.45
N GLY B 49 -12.47 -31.91 31.73
CA GLY B 49 -11.10 -32.17 31.33
C GLY B 49 -10.97 -33.44 30.51
N ARG B 50 -9.69 -33.70 30.08
CA ARG B 50 -9.34 -34.85 29.18
C ARG B 50 -8.07 -35.60 29.60
N ILE B 51 -7.86 -36.85 29.14
CA ILE B 51 -6.67 -37.70 29.46
C ILE B 51 -6.40 -38.61 28.25
N TYR B 52 -5.14 -38.95 27.97
CA TYR B 52 -4.78 -39.90 26.90
C TYR B 52 -4.00 -41.02 27.57
N THR B 53 -3.70 -42.13 26.89
CA THR B 53 -3.06 -43.29 27.57
C THR B 53 -1.70 -42.98 28.21
N SER B 54 -0.79 -42.27 27.55
CA SER B 54 0.55 -42.05 28.14
C SER B 54 0.40 -41.27 29.43
N GLY B 55 -0.41 -40.21 29.42
CA GLY B 55 -0.70 -39.54 30.70
C GLY B 55 -0.50 -38.05 30.79
N ASN B 56 -1.55 -37.28 30.56
CA ASN B 56 -1.54 -35.84 30.84
C ASN B 56 -3.01 -35.48 31.09
N THR B 57 -3.34 -34.67 32.10
CA THR B 57 -4.74 -34.27 32.29
C THR B 57 -4.81 -32.75 32.17
N LYS B 58 -5.52 -32.25 31.17
CA LYS B 58 -5.66 -30.80 30.98
C LYS B 58 -7.10 -30.50 31.35
N SER B 59 -7.32 -29.75 32.42
CA SER B 59 -8.69 -29.55 32.93
C SER B 59 -9.07 -28.08 32.78
N ASN B 60 -10.35 -27.75 32.93
CA ASN B 60 -10.86 -26.37 32.76
C ASN B 60 -10.17 -25.53 33.82
N PRO B 61 -9.80 -24.27 33.54
CA PRO B 61 -9.09 -23.46 34.48
C PRO B 61 -9.83 -23.32 35.81
N SER B 62 -11.16 -23.18 35.79
CA SER B 62 -11.94 -22.95 37.03
C SER B 62 -11.93 -24.18 37.93
N LEU B 63 -12.04 -25.38 37.36
CA LEU B 63 -12.11 -26.58 38.17
C LEU B 63 -10.78 -27.33 38.22
N GLU B 64 -9.66 -26.62 38.12
CA GLU B 64 -8.37 -27.29 37.97
C GLU B 64 -7.89 -27.88 39.30
N SER B 65 -8.14 -27.19 40.40
CA SER B 65 -7.55 -27.58 41.69
C SER B 65 -8.25 -28.81 42.27
N ARG B 66 -9.51 -29.02 41.92
CA ARG B 66 -10.33 -30.03 42.59
C ARG B 66 -10.59 -31.27 41.73
N VAL B 67 -9.91 -31.44 40.60
CA VAL B 67 -10.20 -32.51 39.66
C VAL B 67 -9.00 -33.43 39.59
N THR B 68 -9.26 -34.71 39.31
CA THR B 68 -8.23 -35.74 39.14
C THR B 68 -8.83 -36.87 38.33
N MET B 69 -8.16 -37.24 37.24
CA MET B 69 -8.64 -38.29 36.36
C MET B 69 -7.55 -39.34 36.18
N SER B 70 -7.99 -40.58 35.97
CA SER B 70 -7.09 -41.71 35.80
C SER B 70 -7.75 -42.71 34.87
N LEU B 71 -6.94 -43.61 34.33
CA LEU B 71 -7.44 -44.61 33.41
C LEU B 71 -6.62 -45.89 33.56
N ASP B 72 -7.31 -47.04 33.51
CA ASP B 72 -6.71 -48.34 33.71
C ASP B 72 -7.04 -49.22 32.51
N ALA B 73 -6.00 -49.79 31.90
CA ALA B 73 -6.19 -50.56 30.67
C ALA B 73 -6.54 -52.02 30.96
N SER B 74 -6.27 -52.47 32.19
CA SER B 74 -6.55 -53.87 32.54
C SER B 74 -8.05 -54.11 32.66
N LYS B 75 -8.76 -53.19 33.31
CA LYS B 75 -10.22 -53.27 33.44
C LYS B 75 -10.94 -52.36 32.46
N ASP B 76 -10.21 -51.61 31.63
CA ASP B 76 -10.74 -50.64 30.65
C ASP B 76 -11.65 -49.61 31.32
N GLN B 77 -11.12 -48.95 32.35
CA GLN B 77 -11.93 -48.06 33.18
C GLN B 77 -11.36 -46.66 33.21
N PHE B 78 -12.25 -45.68 33.18
CA PHE B 78 -11.92 -44.26 33.21
C PHE B 78 -12.58 -43.65 34.44
N SER B 79 -11.80 -42.92 35.24
CA SER B 79 -12.29 -42.51 36.56
C SER B 79 -12.25 -40.99 36.69
N LEU B 80 -13.13 -40.48 37.55
CA LEU B 80 -13.16 -39.08 37.94
C LEU B 80 -13.08 -39.00 39.46
N LYS B 81 -12.38 -37.97 39.97
CA LYS B 81 -12.25 -37.71 41.40
C LYS B 81 -12.44 -36.20 41.62
N LEU B 82 -13.60 -35.83 42.13
CA LEU B 82 -13.92 -34.43 42.37
C LEU B 82 -13.94 -34.18 43.88
N THR B 83 -13.01 -33.35 44.36
CA THR B 83 -12.89 -33.11 45.79
C THR B 83 -13.52 -31.78 46.17
N SER B 84 -13.83 -31.65 47.48
CA SER B 84 -14.50 -30.51 48.10
C SER B 84 -15.80 -30.13 47.39
N VAL B 85 -16.77 -31.05 47.37
CA VAL B 85 -18.00 -30.87 46.62
C VAL B 85 -18.86 -29.81 47.29
N THR B 86 -19.71 -29.18 46.47
CA THR B 86 -20.56 -28.07 46.86
C THR B 86 -21.94 -28.34 46.22
N ALA B 87 -22.97 -27.64 46.69
CA ALA B 87 -24.32 -27.83 46.14
C ALA B 87 -24.44 -27.32 44.70
N ALA B 88 -23.46 -26.57 44.21
CA ALA B 88 -23.46 -26.15 42.81
C ALA B 88 -23.00 -27.28 41.88
N ASP B 89 -22.52 -28.39 42.44
CA ASP B 89 -22.01 -29.51 41.65
C ASP B 89 -23.07 -30.55 41.33
N THR B 90 -24.35 -30.28 41.59
CA THR B 90 -25.43 -31.19 41.21
C THR B 90 -25.58 -31.18 39.70
N ALA B 91 -25.34 -32.31 39.04
CA ALA B 91 -25.26 -32.31 37.59
C ALA B 91 -25.47 -33.72 37.04
N VAL B 92 -25.72 -33.78 35.73
CA VAL B 92 -25.60 -35.03 34.99
C VAL B 92 -24.23 -35.08 34.33
N TYR B 93 -23.54 -36.19 34.49
CA TYR B 93 -22.15 -36.35 34.04
C TYR B 93 -22.11 -37.31 32.87
N TYR B 94 -21.41 -36.94 31.80
CA TYR B 94 -21.18 -37.77 30.63
C TYR B 94 -19.68 -37.97 30.38
N CYS B 95 -19.33 -39.17 29.92
CA CYS B 95 -17.98 -39.47 29.49
C CYS B 95 -17.96 -39.57 27.96
N ALA B 96 -16.98 -38.93 27.34
CA ALA B 96 -16.88 -38.85 25.89
C ALA B 96 -15.52 -39.34 25.44
N ALA B 97 -15.49 -39.90 24.23
CA ALA B 97 -14.28 -40.47 23.64
C ALA B 97 -14.05 -39.85 22.27
N GLY B 98 -12.81 -39.51 21.98
CA GLY B 98 -12.43 -38.99 20.68
C GLY B 98 -11.25 -39.72 20.07
N ARG B 99 -11.12 -39.67 18.75
CA ARG B 99 -10.07 -40.43 18.07
C ARG B 99 -8.70 -39.78 18.27
N LEU B 100 -7.69 -40.63 18.42
CA LEU B 100 -6.31 -40.21 18.64
C LEU B 100 -5.45 -40.70 17.49
N ASP B 101 -4.71 -39.79 16.86
CA ASP B 101 -3.75 -40.15 15.82
C ASP B 101 -2.34 -39.86 16.34
N TYR B 102 -1.49 -40.89 16.33
CA TYR B 102 -0.16 -40.75 16.93
C TYR B 102 0.78 -39.96 16.05
N SER B 103 0.56 -39.96 14.73
CA SER B 103 1.40 -39.18 13.83
C SER B 103 1.09 -37.69 13.92
N ASP B 104 -0.11 -37.33 14.33
CA ASP B 104 -0.52 -35.93 14.42
C ASP B 104 0.05 -35.34 15.71
N THR B 105 1.07 -34.49 15.55
CA THR B 105 1.71 -33.86 16.70
C THR B 105 0.83 -32.78 17.31
N THR B 106 0.16 -31.97 16.47
CA THR B 106 -0.60 -30.83 16.96
C THR B 106 -1.89 -31.23 17.68
N GLY B 107 -2.34 -32.47 17.52
CA GLY B 107 -3.61 -32.88 18.09
C GLY B 107 -3.58 -32.99 19.60
N TYR B 108 -2.39 -33.08 20.19
CA TYR B 108 -2.28 -33.04 21.64
C TYR B 108 -2.45 -31.64 22.20
N TYR B 109 -2.41 -30.60 21.35
CA TYR B 109 -2.43 -29.22 21.82
C TYR B 109 -3.65 -28.45 21.32
N LYS B 110 -4.78 -29.13 21.15
CA LYS B 110 -6.08 -28.54 20.93
C LYS B 110 -7.08 -29.37 21.72
N PRO B 111 -8.28 -28.83 22.00
CA PRO B 111 -9.33 -29.62 22.66
C PRO B 111 -9.69 -30.86 21.86
N PRO B 112 -9.96 -31.98 22.53
CA PRO B 112 -10.11 -33.24 21.83
C PRO B 112 -11.45 -33.30 21.13
N PRO B 113 -11.58 -34.14 20.10
CA PRO B 113 -12.89 -34.35 19.47
C PRO B 113 -13.81 -35.16 20.40
N LEU B 114 -15.11 -35.01 20.18
CA LEU B 114 -16.13 -35.68 20.97
C LEU B 114 -16.99 -36.51 20.02
N ASP B 115 -16.75 -37.82 19.99
CA ASP B 115 -17.37 -38.70 19.01
C ASP B 115 -18.43 -39.60 19.64
N TYR B 116 -18.06 -40.38 20.65
CA TYR B 116 -18.98 -41.32 21.28
C TYR B 116 -19.29 -40.84 22.69
N TRP B 117 -20.56 -40.58 22.96
CA TRP B 117 -20.97 -40.08 24.26
C TRP B 117 -21.37 -41.25 25.16
N GLY B 118 -21.85 -40.93 26.37
CA GLY B 118 -22.26 -41.94 27.30
C GLY B 118 -23.65 -41.62 27.83
N GLN B 119 -24.18 -42.57 28.63
CA GLN B 119 -25.55 -42.48 29.08
C GLN B 119 -25.78 -41.40 30.14
N GLY B 120 -24.76 -41.07 30.92
CA GLY B 120 -24.89 -40.03 31.92
C GLY B 120 -25.33 -40.51 33.28
N ALA B 121 -24.80 -39.92 34.34
CA ALA B 121 -25.16 -40.27 35.71
C ALA B 121 -25.50 -39.00 36.48
N LEU B 122 -26.57 -39.06 37.26
CA LEU B 122 -27.03 -37.91 38.04
C LEU B 122 -26.39 -37.92 39.41
N VAL B 123 -25.82 -36.78 39.80
CA VAL B 123 -25.19 -36.61 41.11
C VAL B 123 -25.83 -35.39 41.76
N THR B 124 -26.42 -35.59 42.93
CA THR B 124 -26.91 -34.50 43.76
C THR B 124 -26.10 -34.42 45.05
N VAL B 125 -25.92 -33.21 45.56
CA VAL B 125 -25.10 -32.95 46.73
C VAL B 125 -26.01 -32.42 47.83
N SER B 126 -26.27 -33.26 48.83
CA SER B 126 -27.12 -32.88 49.95
C SER B 126 -26.77 -33.69 51.19
N ASP C 1 -12.21 -17.24 28.59
CA ASP C 1 -12.44 -18.23 27.54
C ASP C 1 -12.93 -17.57 26.26
N VAL C 2 -13.53 -18.37 25.38
CA VAL C 2 -14.09 -17.89 24.13
C VAL C 2 -15.60 -18.04 24.19
N VAL C 3 -16.32 -16.95 23.93
CA VAL C 3 -17.76 -16.88 24.18
C VAL C 3 -18.51 -17.22 22.90
N MET C 4 -19.43 -18.18 23.02
CA MET C 4 -20.35 -18.54 21.94
C MET C 4 -21.68 -17.82 22.18
N THR C 5 -22.24 -17.22 21.13
CA THR C 5 -23.56 -16.60 21.19
C THR C 5 -24.44 -17.24 20.12
N GLN C 6 -25.59 -17.75 20.53
CA GLN C 6 -26.53 -18.39 19.61
C GLN C 6 -27.79 -17.55 19.47
N SER C 7 -28.36 -17.57 18.27
CA SER C 7 -29.61 -16.89 17.98
C SER C 7 -30.48 -17.72 17.05
N PRO C 8 -31.78 -17.83 17.34
CA PRO C 8 -32.47 -17.31 18.53
C PRO C 8 -32.52 -18.33 19.67
N LEU C 9 -33.10 -17.95 20.81
CA LEU C 9 -33.23 -18.90 21.91
C LEU C 9 -34.30 -19.95 21.61
N SER C 10 -35.45 -19.52 21.11
CA SER C 10 -36.52 -20.42 20.73
C SER C 10 -36.93 -20.11 19.30
N LEU C 11 -37.04 -21.16 18.48
CA LEU C 11 -37.39 -21.02 17.07
C LEU C 11 -38.53 -21.99 16.75
N PRO C 12 -39.78 -21.57 16.96
CA PRO C 12 -40.91 -22.43 16.61
C PRO C 12 -41.13 -22.46 15.10
N VAL C 13 -41.17 -23.67 14.54
CA VAL C 13 -41.36 -23.87 13.11
C VAL C 13 -42.48 -24.88 12.90
N THR C 14 -43.13 -24.78 11.75
CA THR C 14 -44.20 -25.70 11.34
C THR C 14 -43.58 -26.83 10.52
N LEU C 15 -44.25 -27.99 10.53
CA LEU C 15 -43.81 -29.17 9.78
C LEU C 15 -43.67 -28.86 8.29
N GLY C 16 -42.51 -29.16 7.74
CA GLY C 16 -42.23 -28.90 6.34
C GLY C 16 -41.67 -27.53 6.02
N GLN C 17 -41.14 -26.81 7.01
CA GLN C 17 -40.59 -25.48 6.78
C GLN C 17 -39.12 -25.43 7.21
N PRO C 18 -38.29 -24.63 6.53
CA PRO C 18 -36.88 -24.55 6.92
C PRO C 18 -36.68 -23.80 8.23
N ALA C 19 -35.54 -24.07 8.88
CA ALA C 19 -35.15 -23.40 10.11
C ALA C 19 -33.65 -23.13 10.08
N SER C 20 -33.23 -22.07 10.78
CA SER C 20 -31.83 -21.67 10.81
C SER C 20 -31.43 -21.23 12.22
N ILE C 21 -30.26 -21.69 12.66
CA ILE C 21 -29.68 -21.30 13.94
C ILE C 21 -28.30 -20.72 13.67
N SER C 22 -28.01 -19.59 14.32
CA SER C 22 -26.75 -18.88 14.11
C SER C 22 -25.88 -18.91 15.36
N CYS C 23 -24.59 -19.18 15.17
CA CYS C 23 -23.59 -19.20 16.23
C CYS C 23 -22.49 -18.21 15.89
N ARG C 24 -22.08 -17.42 16.89
CA ARG C 24 -21.10 -16.37 16.73
C ARG C 24 -20.01 -16.49 17.80
N SER C 25 -18.78 -16.18 17.40
CA SER C 25 -17.60 -16.36 18.23
C SER C 25 -16.93 -15.02 18.50
N SER C 26 -16.29 -14.92 19.67
CA SER C 26 -15.55 -13.71 20.00
C SER C 26 -14.22 -13.65 19.26
N GLN C 27 -13.64 -14.80 18.95
CA GLN C 27 -12.35 -14.89 18.29
C GLN C 27 -12.48 -15.73 17.02
N GLY C 28 -11.51 -15.55 16.13
CA GLY C 28 -11.42 -16.45 14.99
C GLY C 28 -11.02 -17.84 15.41
N LEU C 29 -11.53 -18.84 14.70
CA LEU C 29 -11.38 -20.23 15.11
C LEU C 29 -10.48 -21.04 14.19
N ALA C 30 -9.69 -20.38 13.34
CA ALA C 30 -8.78 -21.13 12.47
C ALA C 30 -7.59 -21.65 13.28
N PHE C 31 -7.18 -22.87 12.93
CA PHE C 31 -6.04 -23.54 13.56
C PHE C 31 -4.87 -23.53 12.58
N LEU C 32 -3.69 -23.91 13.09
CA LEU C 32 -2.48 -23.83 12.28
C LEU C 32 -2.36 -25.00 11.32
N ASP C 33 -3.24 -26.00 11.44
CA ASP C 33 -3.23 -27.08 10.46
C ASP C 33 -4.10 -26.77 9.25
N GLY C 34 -4.90 -25.71 9.31
CA GLY C 34 -5.75 -25.31 8.22
C GLY C 34 -7.23 -25.64 8.36
N ASN C 35 -7.73 -25.84 9.58
CA ASN C 35 -9.11 -26.21 9.81
C ASN C 35 -9.73 -25.28 10.84
N THR C 36 -11.04 -25.43 11.06
CA THR C 36 -11.77 -24.52 11.93
C THR C 36 -12.28 -25.17 13.22
N TYR C 37 -12.73 -26.42 13.16
CA TYR C 37 -13.14 -27.22 14.34
C TYR C 37 -14.28 -26.57 15.13
N LEU C 38 -15.44 -26.47 14.50
CA LEU C 38 -16.69 -26.10 15.18
C LEU C 38 -17.73 -27.18 14.91
N SER C 39 -18.38 -27.66 15.96
CA SER C 39 -19.31 -28.76 15.88
C SER C 39 -20.70 -28.34 16.32
N TRP C 40 -21.71 -29.01 15.78
CA TRP C 40 -23.11 -28.78 16.10
C TRP C 40 -23.71 -30.06 16.66
N PHE C 41 -24.29 -29.96 17.86
CA PHE C 41 -24.80 -31.08 18.64
C PHE C 41 -26.31 -30.95 18.83
N GLN C 42 -26.97 -32.11 18.96
CA GLN C 42 -28.40 -32.21 19.20
C GLN C 42 -28.67 -32.98 20.49
N GLN C 43 -29.62 -32.49 21.29
CA GLN C 43 -30.06 -33.16 22.50
C GLN C 43 -31.57 -33.30 22.46
N ARG C 44 -32.05 -34.54 22.46
CA ARG C 44 -33.47 -34.84 22.62
C ARG C 44 -33.84 -34.76 24.10
N PRO C 45 -35.12 -34.59 24.42
CA PRO C 45 -35.51 -34.54 25.84
C PRO C 45 -35.31 -35.88 26.54
N GLY C 46 -34.62 -35.83 27.67
CA GLY C 46 -34.33 -37.00 28.48
C GLY C 46 -33.38 -38.00 27.86
N GLN C 47 -32.40 -37.53 27.10
CA GLN C 47 -31.46 -38.41 26.41
C GLN C 47 -30.10 -37.74 26.35
N SER C 48 -29.08 -38.55 26.06
CA SER C 48 -27.73 -38.06 25.93
C SER C 48 -27.55 -37.26 24.65
N PRO C 49 -26.65 -36.29 24.62
CA PRO C 49 -26.38 -35.56 23.37
C PRO C 49 -25.68 -36.43 22.34
N ARG C 50 -26.01 -36.19 21.08
CA ARG C 50 -25.35 -36.79 19.94
C ARG C 50 -24.98 -35.67 18.98
N ARG C 51 -23.99 -35.95 18.13
CA ARG C 51 -23.38 -34.93 17.26
C ARG C 51 -24.01 -34.95 15.91
N LEU C 52 -24.18 -33.77 15.31
CA LEU C 52 -24.68 -33.68 13.95
C LEU C 52 -23.64 -33.23 12.96
N ILE C 53 -22.94 -32.14 13.23
CA ILE C 53 -21.99 -31.56 12.29
C ILE C 53 -20.62 -31.50 12.94
N TYR C 54 -19.60 -32.09 12.30
CA TYR C 54 -18.18 -32.07 12.77
C TYR C 54 -17.40 -31.24 11.79
N LYS C 55 -16.78 -30.18 12.23
CA LYS C 55 -16.09 -29.18 11.39
C LYS C 55 -17.15 -28.31 10.77
N VAL C 56 -16.84 -27.38 9.91
CA VAL C 56 -17.81 -26.40 9.42
C VAL C 56 -18.84 -27.06 8.49
N SER C 57 -18.39 -27.87 7.55
CA SER C 57 -19.28 -28.40 6.53
C SER C 57 -19.49 -29.90 6.57
N ASN C 58 -18.61 -30.67 7.22
CA ASN C 58 -18.71 -32.12 7.16
C ASN C 58 -19.84 -32.61 8.06
N ARG C 59 -20.50 -33.69 7.63
CA ARG C 59 -21.66 -34.24 8.31
C ARG C 59 -21.37 -35.66 8.75
N ASP C 60 -21.78 -35.99 9.98
CA ASP C 60 -21.48 -37.29 10.56
C ASP C 60 -22.32 -38.39 9.89
N SER C 61 -21.81 -39.62 10.00
CA SER C 61 -22.53 -40.78 9.49
C SER C 61 -23.78 -41.05 10.32
N GLY C 62 -24.86 -41.42 9.65
CA GLY C 62 -26.14 -41.63 10.30
C GLY C 62 -26.97 -40.39 10.48
N VAL C 63 -26.45 -39.23 10.12
CA VAL C 63 -27.18 -37.97 10.21
C VAL C 63 -27.97 -37.80 8.92
N PRO C 64 -29.25 -37.41 8.99
CA PRO C 64 -30.03 -37.19 7.75
C PRO C 64 -29.48 -36.03 6.93
N ASP C 65 -29.79 -36.06 5.63
CA ASP C 65 -29.26 -35.08 4.69
C ASP C 65 -29.91 -33.71 4.83
N ARG C 66 -30.95 -33.58 5.64
CA ARG C 66 -31.62 -32.30 5.79
C ARG C 66 -30.83 -31.34 6.68
N PHE C 67 -29.82 -31.84 7.39
CA PHE C 67 -28.98 -31.01 8.25
C PHE C 67 -27.78 -30.52 7.46
N SER C 68 -27.64 -29.21 7.30
CA SER C 68 -26.51 -28.65 6.56
C SER C 68 -25.96 -27.44 7.29
N GLY C 69 -24.66 -27.40 7.50
CA GLY C 69 -24.03 -26.31 8.22
C GLY C 69 -22.94 -25.67 7.41
N SER C 70 -22.85 -24.36 7.54
CA SER C 70 -21.80 -23.63 6.81
C SER C 70 -21.50 -22.35 7.55
N GLY C 71 -20.35 -21.77 7.28
CA GLY C 71 -19.97 -20.51 7.88
C GLY C 71 -18.48 -20.29 7.77
N SER C 72 -18.04 -19.12 8.24
CA SER C 72 -16.62 -18.78 8.18
C SER C 72 -16.34 -17.69 9.20
N ARG C 73 -15.03 -17.49 9.42
CA ARG C 73 -14.50 -16.46 10.35
C ARG C 73 -15.17 -16.52 11.71
N THR C 74 -16.10 -15.61 11.97
CA THR C 74 -16.73 -15.55 13.28
C THR C 74 -18.23 -15.86 13.25
N ASP C 75 -18.81 -16.16 12.08
CA ASP C 75 -20.24 -16.47 12.03
C ASP C 75 -20.49 -17.79 11.31
N PHE C 76 -21.33 -18.63 11.92
CA PHE C 76 -21.64 -19.97 11.42
C PHE C 76 -23.14 -20.20 11.56
N THR C 77 -23.69 -21.07 10.71
CA THR C 77 -25.13 -21.29 10.64
C THR C 77 -25.43 -22.75 10.37
N LEU C 78 -26.39 -23.29 11.12
CA LEU C 78 -26.95 -24.62 10.87
C LEU C 78 -28.36 -24.45 10.32
N LYS C 79 -28.66 -25.15 9.22
CA LYS C 79 -29.93 -25.04 8.53
C LYS C 79 -30.57 -26.41 8.38
N ILE C 80 -31.88 -26.46 8.62
CA ILE C 80 -32.69 -27.64 8.44
C ILE C 80 -33.71 -27.34 7.35
N SER C 81 -33.66 -28.10 6.25
CA SER C 81 -34.54 -27.81 5.12
C SER C 81 -35.98 -28.22 5.41
N ARG C 82 -36.18 -29.41 5.96
CA ARG C 82 -37.50 -29.90 6.35
C ARG C 82 -37.47 -30.29 7.81
N VAL C 83 -38.45 -29.84 8.57
CA VAL C 83 -38.52 -30.11 10.00
C VAL C 83 -39.57 -31.19 10.24
N GLU C 84 -39.17 -32.26 10.92
CA GLU C 84 -40.05 -33.37 11.25
C GLU C 84 -40.23 -33.45 12.77
N ALA C 85 -40.92 -34.51 13.20
CA ALA C 85 -41.17 -34.70 14.62
C ALA C 85 -39.93 -35.17 15.37
N GLU C 86 -38.94 -35.73 14.66
CA GLU C 86 -37.69 -36.13 15.28
C GLU C 86 -36.66 -35.00 15.32
N ASP C 87 -37.06 -33.77 14.97
CA ASP C 87 -36.21 -32.61 15.06
C ASP C 87 -36.48 -31.75 16.29
N VAL C 88 -37.21 -32.28 17.28
CA VAL C 88 -37.41 -31.55 18.52
C VAL C 88 -36.17 -31.68 19.40
N GLY C 89 -35.94 -30.69 20.23
CA GLY C 89 -34.85 -30.73 21.17
C GLY C 89 -34.06 -29.43 21.16
N VAL C 90 -32.87 -29.50 21.76
CA VAL C 90 -31.99 -28.35 21.93
C VAL C 90 -30.73 -28.57 21.09
N TYR C 91 -30.28 -27.53 20.41
CA TYR C 91 -29.11 -27.59 19.55
C TYR C 91 -28.03 -26.68 20.12
N TYR C 92 -26.78 -27.13 20.05
CA TYR C 92 -25.63 -26.41 20.61
C TYR C 92 -24.50 -26.30 19.59
N CYS C 93 -23.69 -25.25 19.72
CA CYS C 93 -22.45 -25.11 18.96
C CYS C 93 -21.26 -25.16 19.91
N MET C 94 -20.18 -25.79 19.43
CA MET C 94 -19.00 -26.09 20.23
C MET C 94 -17.76 -25.76 19.42
N GLN C 95 -16.73 -25.26 20.09
CA GLN C 95 -15.45 -24.97 19.45
C GLN C 95 -14.35 -25.80 20.09
N GLY C 96 -13.40 -26.25 19.27
CA GLY C 96 -12.34 -27.12 19.74
C GLY C 96 -10.96 -26.66 19.33
N THR C 97 -10.79 -25.35 19.17
CA THR C 97 -9.51 -24.77 18.80
C THR C 97 -8.72 -24.26 20.00
N HIS C 98 -9.40 -23.47 20.83
CA HIS C 98 -8.72 -22.81 21.95
C HIS C 98 -9.08 -23.50 23.27
N TRP C 99 -8.15 -23.58 24.21
CA TRP C 99 -8.41 -24.06 25.56
C TRP C 99 -9.14 -22.99 26.37
N PRO C 100 -10.19 -23.34 27.13
CA PRO C 100 -10.83 -24.66 27.22
C PRO C 100 -11.95 -24.83 26.20
N LEU C 101 -12.51 -26.03 26.14
CA LEU C 101 -13.62 -26.30 25.24
C LEU C 101 -14.89 -25.63 25.75
N THR C 102 -15.47 -24.76 24.92
CA THR C 102 -16.65 -23.99 25.30
C THR C 102 -17.83 -24.41 24.46
N PHE C 103 -19.00 -24.49 25.10
CA PHE C 103 -20.25 -24.87 24.45
C PHE C 103 -21.14 -23.64 24.29
N GLY C 104 -22.13 -23.75 23.42
CA GLY C 104 -23.06 -22.65 23.22
C GLY C 104 -24.16 -22.63 24.27
N GLY C 105 -25.01 -21.61 24.17
CA GLY C 105 -26.10 -21.47 25.11
C GLY C 105 -27.20 -22.50 24.92
N GLY C 106 -27.60 -22.72 23.66
CA GLY C 106 -28.63 -23.69 23.35
C GLY C 106 -29.86 -23.09 22.72
N THR C 107 -30.35 -23.71 21.65
CA THR C 107 -31.55 -23.26 20.93
C THR C 107 -32.58 -24.37 20.93
N LYS C 108 -33.78 -24.06 21.41
CA LYS C 108 -34.86 -25.03 21.53
C LYS C 108 -35.77 -24.94 20.31
N VAL C 109 -36.15 -26.10 19.77
CA VAL C 109 -37.01 -26.16 18.58
C VAL C 109 -38.34 -26.79 18.99
N GLU C 110 -39.43 -26.06 18.75
CA GLU C 110 -40.78 -26.50 19.07
C GLU C 110 -41.61 -26.54 17.80
N ILE C 111 -42.54 -27.48 17.72
CA ILE C 111 -43.37 -27.62 16.52
C ILE C 111 -44.66 -26.85 16.70
N LYS C 112 -45.00 -26.02 15.70
CA LYS C 112 -46.26 -25.30 15.70
C LYS C 112 -47.30 -26.03 14.86
N ASP D 18 50.51 -15.17 23.60
CA ASP D 18 49.72 -15.99 22.69
C ASP D 18 48.25 -15.59 22.78
N THR D 19 47.78 -14.80 21.81
CA THR D 19 46.45 -14.22 21.86
C THR D 19 45.76 -14.40 20.50
N ILE D 20 44.47 -14.75 20.54
CA ILE D 20 43.61 -14.75 19.37
C ILE D 20 42.38 -13.90 19.68
N CYS D 21 41.92 -13.14 18.69
CA CYS D 21 40.82 -12.19 18.87
C CYS D 21 39.82 -12.32 17.74
N ILE D 22 38.61 -11.81 17.99
CA ILE D 22 37.51 -11.88 17.05
C ILE D 22 37.08 -10.46 16.69
N GLY D 23 37.16 -10.12 15.41
CA GLY D 23 36.84 -8.77 15.02
C GLY D 23 36.17 -8.71 13.66
N TYR D 24 36.06 -7.48 13.13
CA TYR D 24 35.46 -7.26 11.83
C TYR D 24 36.20 -6.16 11.07
N HIS D 25 35.66 -5.84 9.90
CA HIS D 25 36.37 -5.10 8.86
C HIS D 25 35.95 -3.63 8.83
N ALA D 26 36.92 -2.75 8.58
CA ALA D 26 36.69 -1.31 8.53
C ALA D 26 37.58 -0.69 7.46
N ASN D 27 37.19 0.49 6.98
CA ASN D 27 37.92 1.16 5.90
C ASN D 27 37.62 2.66 5.90
N ASN D 28 38.07 3.32 4.83
CA ASN D 28 37.81 4.75 4.60
C ASN D 28 36.46 4.88 3.87
N SER D 29 35.40 4.98 4.65
CA SER D 29 34.06 5.13 4.09
C SER D 29 33.33 6.27 4.76
N THR D 30 32.71 7.12 3.96
CA THR D 30 31.87 8.20 4.45
C THR D 30 30.40 8.00 4.09
N ASP D 31 30.02 6.80 3.69
CA ASP D 31 28.63 6.53 3.32
C ASP D 31 27.76 6.48 4.57
N THR D 32 26.59 7.12 4.49
CA THR D 32 25.69 7.21 5.61
C THR D 32 24.32 6.69 5.22
N VAL D 33 23.67 6.00 6.18
CA VAL D 33 22.32 5.48 6.01
C VAL D 33 21.48 5.88 7.21
N ASP D 34 20.19 5.57 7.13
CA ASP D 34 19.22 5.93 8.16
C ASP D 34 18.50 4.68 8.65
N THR D 35 18.26 4.62 9.96
CA THR D 35 17.55 3.53 10.61
C THR D 35 16.38 4.06 11.41
N VAL D 36 15.82 3.19 12.26
CA VAL D 36 14.61 3.56 13.00
C VAL D 36 14.98 4.16 14.36
N CYS D 37 16.08 3.71 14.97
CA CYS D 37 16.55 4.36 16.18
C CYS D 37 17.46 5.55 15.87
N GLU D 38 18.37 5.38 14.92
CA GLU D 38 19.45 6.32 14.72
C GLU D 38 19.46 6.79 13.28
N LYS D 39 19.92 8.02 13.08
CA LYS D 39 20.08 8.60 11.76
C LYS D 39 21.55 8.90 11.52
N ASN D 40 21.91 8.93 10.23
CA ASN D 40 23.24 9.28 9.73
C ASN D 40 24.31 8.31 10.26
N VAL D 41 24.12 7.02 9.94
CA VAL D 41 24.99 5.97 10.45
C VAL D 41 26.03 5.63 9.39
N THR D 42 27.31 5.73 9.77
CA THR D 42 28.39 5.45 8.83
C THR D 42 28.53 3.95 8.60
N VAL D 43 28.55 3.57 7.32
CA VAL D 43 28.63 2.17 6.91
C VAL D 43 29.78 2.03 5.92
N THR D 44 30.33 0.81 5.84
CA THR D 44 31.46 0.56 4.95
C THR D 44 31.03 0.53 3.49
N HIS D 45 29.94 -0.15 3.19
CA HIS D 45 29.46 -0.28 1.82
C HIS D 45 27.95 -0.06 1.77
N SER D 46 27.47 0.50 0.66
CA SER D 46 26.04 0.72 0.45
C SER D 46 25.79 0.80 -1.05
N VAL D 47 24.53 0.62 -1.43
CA VAL D 47 24.09 0.73 -2.82
C VAL D 47 22.97 1.74 -2.91
N ASN D 48 22.87 2.37 -4.07
CA ASN D 48 21.84 3.39 -4.33
C ASN D 48 20.77 2.82 -5.24
N LEU D 49 19.52 3.06 -4.87
CA LEU D 49 18.37 2.60 -5.64
C LEU D 49 17.60 3.74 -6.29
N LEU D 50 18.15 4.95 -6.26
CA LEU D 50 17.48 6.13 -6.79
C LEU D 50 18.30 6.73 -7.93
N GLU D 51 17.64 7.00 -9.05
CA GLU D 51 18.26 7.63 -10.21
C GLU D 51 17.79 9.07 -10.32
N ASP D 52 18.74 10.00 -10.42
CA ASP D 52 18.43 11.43 -10.46
C ASP D 52 19.17 12.18 -11.57
N SER D 53 19.60 11.48 -12.62
CA SER D 53 20.36 12.10 -13.71
C SER D 53 19.75 11.71 -15.04
N HIS D 54 19.80 12.63 -16.01
CA HIS D 54 19.26 12.40 -17.34
C HIS D 54 20.16 13.06 -18.38
N ASN D 55 19.98 12.65 -19.64
CA ASN D 55 20.71 13.24 -20.75
C ASN D 55 20.33 14.70 -20.96
N GLY D 56 19.04 15.02 -20.81
CA GLY D 56 18.52 16.31 -21.17
C GLY D 56 18.22 16.45 -22.65
N LYS D 57 18.22 15.35 -23.40
CA LYS D 57 18.03 15.37 -24.84
C LYS D 57 17.04 14.30 -25.26
N LEU D 58 16.14 14.66 -26.16
CA LEU D 58 15.28 13.68 -26.81
C LEU D 58 16.08 12.90 -27.83
N CYS D 59 15.80 11.60 -27.92
CA CYS D 59 16.49 10.73 -28.86
C CYS D 59 15.67 9.49 -29.13
N ARG D 60 16.23 8.59 -29.93
CA ARG D 60 15.49 7.41 -30.42
C ARG D 60 15.16 6.44 -29.30
N LEU D 61 14.28 5.50 -29.61
CA LEU D 61 13.85 4.49 -28.63
C LEU D 61 13.58 3.21 -29.40
N LYS D 62 14.26 2.11 -29.05
CA LYS D 62 14.13 0.83 -29.81
C LYS D 62 14.41 1.07 -31.29
N GLY D 63 15.42 1.90 -31.60
CA GLY D 63 15.78 2.17 -33.00
C GLY D 63 14.66 2.77 -33.84
N LYS D 64 13.91 3.74 -33.33
CA LYS D 64 12.90 4.45 -34.16
C LYS D 64 12.88 5.91 -33.76
N ALA D 65 12.95 6.81 -34.73
CA ALA D 65 12.94 8.23 -34.46
C ALA D 65 11.55 8.69 -34.06
N PRO D 66 11.47 9.64 -33.13
CA PRO D 66 10.15 10.16 -32.75
C PRO D 66 9.59 11.10 -33.81
N LEU D 67 8.27 11.33 -33.73
CA LEU D 67 7.62 12.31 -34.56
C LEU D 67 7.62 13.65 -33.83
N GLN D 68 8.43 14.58 -34.29
CA GLN D 68 8.54 15.90 -33.69
C GLN D 68 7.70 16.88 -34.48
N LEU D 69 6.64 17.38 -33.85
CA LEU D 69 5.66 18.21 -34.54
C LEU D 69 6.13 19.64 -34.74
N GLY D 70 7.13 20.09 -34.00
CA GLY D 70 7.66 21.43 -34.19
C GLY D 70 6.70 22.48 -33.66
N ASN D 71 6.39 23.47 -34.49
CA ASN D 71 5.46 24.53 -34.14
C ASN D 71 4.01 24.19 -34.47
N CYS D 72 3.74 22.96 -34.91
CA CYS D 72 2.40 22.50 -35.23
C CYS D 72 1.86 21.65 -34.09
N ASN D 73 0.54 21.71 -33.89
CA ASN D 73 -0.11 20.82 -32.95
C ASN D 73 -0.76 19.65 -33.70
N ILE D 74 -1.57 18.86 -33.00
CA ILE D 74 -2.20 17.69 -33.61
C ILE D 74 -3.29 18.11 -34.59
N ALA D 75 -4.09 19.13 -34.27
CA ALA D 75 -5.13 19.63 -35.16
C ALA D 75 -4.55 20.21 -36.44
N GLY D 76 -3.46 20.95 -36.34
CA GLY D 76 -2.82 21.48 -37.54
C GLY D 76 -2.13 20.42 -38.37
N TRP D 77 -1.74 19.31 -37.73
CA TRP D 77 -1.16 18.20 -38.47
C TRP D 77 -2.24 17.42 -39.22
N VAL D 78 -3.40 17.20 -38.59
CA VAL D 78 -4.41 16.37 -39.25
C VAL D 78 -5.18 17.18 -40.27
N LEU D 79 -5.37 18.48 -40.03
CA LEU D 79 -6.14 19.28 -40.98
C LEU D 79 -5.30 19.71 -42.17
N GLY D 80 -3.98 19.76 -42.00
CA GLY D 80 -3.11 20.14 -43.10
C GLY D 80 -2.83 21.63 -43.13
N ASN D 81 -2.33 22.16 -42.02
CA ASN D 81 -2.00 23.57 -41.93
C ASN D 81 -0.84 23.88 -42.87
N PRO D 82 -0.85 25.06 -43.55
CA PRO D 82 0.17 25.34 -44.58
C PRO D 82 1.60 25.46 -44.06
N GLU D 83 1.76 25.68 -42.76
CA GLU D 83 3.08 25.69 -42.14
C GLU D 83 3.48 24.33 -41.60
N CYS D 84 2.72 23.28 -41.93
CA CYS D 84 2.95 21.94 -41.43
C CYS D 84 3.05 20.99 -42.63
N GLU D 85 3.69 21.46 -43.69
CA GLU D 85 3.85 20.67 -44.90
C GLU D 85 4.87 19.55 -44.76
N SER D 86 5.82 19.69 -43.83
CA SER D 86 6.86 18.68 -43.67
C SER D 86 6.31 17.41 -43.02
N LEU D 87 5.26 17.54 -42.22
CA LEU D 87 4.70 16.38 -41.54
C LEU D 87 3.76 15.56 -42.42
N LEU D 88 3.48 16.02 -43.64
CA LEU D 88 2.54 15.34 -44.54
C LEU D 88 3.34 14.44 -45.47
N SER D 89 3.93 13.41 -44.90
CA SER D 89 4.70 12.41 -45.63
C SER D 89 4.61 11.12 -44.85
N ASN D 90 4.51 10.00 -45.57
CA ASN D 90 4.08 8.75 -44.96
C ASN D 90 5.23 8.00 -44.32
N ARG D 91 5.15 7.86 -42.99
CA ARG D 91 6.30 7.60 -42.14
C ARG D 91 5.89 6.64 -41.02
N SER D 92 6.79 6.50 -40.04
CA SER D 92 6.54 5.73 -38.83
C SER D 92 7.37 6.33 -37.70
N TRP D 93 6.95 6.07 -36.46
CA TRP D 93 7.60 6.67 -35.30
C TRP D 93 7.45 5.74 -34.11
N SER D 94 8.01 6.17 -32.98
CA SER D 94 7.88 5.46 -31.72
C SER D 94 7.08 6.23 -30.69
N TYR D 95 7.24 7.56 -30.63
CA TYR D 95 6.44 8.42 -29.77
C TYR D 95 6.37 9.79 -30.40
N ILE D 96 5.40 10.59 -29.96
CA ILE D 96 5.13 11.91 -30.52
C ILE D 96 5.67 12.95 -29.54
N ALA D 97 6.41 13.92 -30.07
CA ALA D 97 6.98 15.00 -29.28
C ALA D 97 6.37 16.33 -29.73
N GLU D 98 6.01 17.16 -28.77
CA GLU D 98 5.30 18.41 -29.04
C GLU D 98 5.89 19.56 -28.24
N THR D 99 5.89 20.73 -28.84
CA THR D 99 6.25 21.97 -28.16
C THR D 99 5.11 22.38 -27.23
N PRO D 100 5.44 22.79 -25.99
CA PRO D 100 4.37 23.19 -25.04
C PRO D 100 3.56 24.40 -25.48
N ASN D 101 4.12 25.29 -26.30
CA ASN D 101 3.40 26.45 -26.82
C ASN D 101 3.48 26.44 -28.34
N SER D 102 2.53 25.73 -28.96
CA SER D 102 2.45 25.68 -30.41
C SER D 102 1.33 26.60 -30.89
N GLU D 103 1.63 27.43 -31.89
CA GLU D 103 0.71 28.45 -32.35
C GLU D 103 0.27 28.27 -33.80
N ASN D 104 0.38 27.07 -34.35
CA ASN D 104 -0.07 26.79 -35.71
C ASN D 104 -1.04 25.61 -35.68
N GLY D 105 -2.31 25.93 -35.50
CA GLY D 105 -3.37 24.95 -35.48
C GLY D 105 -4.47 25.27 -36.45
N THR D 106 -5.69 25.40 -35.95
CA THR D 106 -6.83 25.80 -36.77
C THR D 106 -6.65 27.29 -37.10
N CYS D 107 -6.19 27.57 -38.31
CA CYS D 107 -5.97 28.94 -38.73
C CYS D 107 -7.29 29.70 -38.89
N PHE D 108 -8.31 29.04 -39.42
CA PHE D 108 -9.66 29.60 -39.43
C PHE D 108 -10.31 29.30 -38.10
N PRO D 109 -10.97 30.26 -37.46
CA PRO D 109 -11.58 30.01 -36.14
C PRO D 109 -12.76 29.06 -36.23
N GLY D 110 -12.96 28.32 -35.15
CA GLY D 110 -14.02 27.35 -35.07
C GLY D 110 -13.75 26.36 -33.95
N ASP D 111 -14.67 25.42 -33.79
CA ASP D 111 -14.59 24.42 -32.73
C ASP D 111 -14.23 23.06 -33.32
N PHE D 112 -13.24 22.41 -32.72
CA PHE D 112 -12.80 21.08 -33.12
C PHE D 112 -13.53 20.08 -32.23
N ALA D 113 -14.43 19.31 -32.83
CA ALA D 113 -15.25 18.38 -32.05
C ALA D 113 -14.44 17.16 -31.65
N ASP D 114 -14.47 16.86 -30.34
CA ASP D 114 -13.78 15.72 -29.72
C ASP D 114 -12.29 15.74 -30.01
N TYR D 115 -11.65 16.85 -29.66
CA TYR D 115 -10.23 17.02 -29.91
C TYR D 115 -9.39 16.13 -28.99
N GLU D 116 -9.76 16.06 -27.71
CA GLU D 116 -9.00 15.27 -26.75
C GLU D 116 -9.19 13.78 -26.99
N GLU D 117 -10.38 13.38 -27.46
CA GLU D 117 -10.59 11.99 -27.85
C GLU D 117 -9.76 11.63 -29.08
N LEU D 118 -9.59 12.58 -30.01
CA LEU D 118 -8.70 12.36 -31.15
C LEU D 118 -7.25 12.21 -30.71
N ARG D 119 -6.83 12.99 -29.71
CA ARG D 119 -5.50 12.84 -29.15
C ARG D 119 -5.32 11.47 -28.50
N GLU D 120 -6.35 11.01 -27.80
CA GLU D 120 -6.27 9.71 -27.14
C GLU D 120 -6.26 8.56 -28.15
N GLN D 121 -6.95 8.72 -29.28
CA GLN D 121 -6.86 7.73 -30.34
C GLN D 121 -5.50 7.76 -31.02
N LEU D 122 -4.97 8.94 -31.28
CA LEU D 122 -3.69 9.09 -31.98
C LEU D 122 -2.49 8.80 -31.09
N SER D 123 -2.69 8.62 -29.78
CA SER D 123 -1.58 8.29 -28.90
C SER D 123 -0.99 6.92 -29.23
N SER D 124 -1.83 5.92 -29.44
CA SER D 124 -1.36 4.56 -29.74
C SER D 124 -1.39 4.25 -31.23
N VAL D 125 -0.71 5.05 -32.05
CA VAL D 125 -0.66 4.85 -33.49
C VAL D 125 0.81 4.79 -33.91
N SER D 126 1.18 3.74 -34.66
CA SER D 126 2.56 3.57 -35.06
C SER D 126 2.88 4.28 -36.37
N SER D 127 1.96 4.25 -37.33
CA SER D 127 2.23 4.80 -38.66
C SER D 127 0.94 5.25 -39.32
N PHE D 128 1.09 6.05 -40.37
CA PHE D 128 -0.04 6.46 -41.20
C PHE D 128 0.32 6.41 -42.68
N GLU D 129 -0.70 6.34 -43.53
CA GLU D 129 -0.55 6.40 -44.98
C GLU D 129 -1.52 7.43 -45.52
N ARG D 130 -1.00 8.54 -46.04
CA ARG D 130 -1.82 9.63 -46.55
C ARG D 130 -2.24 9.32 -47.99
N PHE D 131 -3.54 9.17 -48.21
CA PHE D 131 -4.08 8.82 -49.51
C PHE D 131 -5.22 9.77 -49.86
N GLU D 132 -5.48 9.90 -51.16
CA GLU D 132 -6.41 10.89 -51.68
C GLU D 132 -7.80 10.25 -51.73
N ILE D 133 -8.64 10.60 -50.75
CA ILE D 133 -9.97 10.00 -50.65
C ILE D 133 -10.89 10.51 -51.76
N PHE D 134 -10.85 11.81 -52.05
CA PHE D 134 -11.62 12.42 -53.13
C PHE D 134 -10.66 13.27 -53.94
N PRO D 135 -10.45 12.94 -55.22
CA PRO D 135 -9.61 13.80 -56.08
C PRO D 135 -10.25 15.17 -56.28
N LYS D 136 -9.40 16.20 -56.31
CA LYS D 136 -9.89 17.57 -56.36
C LYS D 136 -10.38 17.93 -57.74
N GLU D 137 -9.70 17.43 -58.78
CA GLU D 137 -9.99 17.86 -60.14
C GLU D 137 -11.21 17.11 -60.70
N ARG D 138 -11.33 15.83 -60.41
CA ARG D 138 -12.33 15.00 -61.10
C ARG D 138 -13.60 14.75 -60.29
N SER D 139 -13.54 14.78 -58.96
CA SER D 139 -14.73 14.42 -58.20
C SER D 139 -15.69 15.58 -58.01
N TRP D 140 -15.31 16.79 -58.42
CA TRP D 140 -16.21 17.95 -58.36
C TRP D 140 -16.27 18.63 -59.73
N PRO D 141 -17.10 18.12 -60.65
CA PRO D 141 -17.17 18.75 -61.98
C PRO D 141 -17.91 20.07 -62.02
N ASN D 142 -18.90 20.26 -61.15
CA ASN D 142 -19.85 21.36 -61.29
C ASN D 142 -19.76 22.33 -60.11
N HIS D 143 -18.59 22.44 -59.50
CA HIS D 143 -18.34 23.37 -58.41
C HIS D 143 -17.00 24.04 -58.68
N THR D 144 -16.69 25.08 -57.89
CA THR D 144 -15.39 25.75 -57.94
C THR D 144 -14.57 25.28 -56.74
N THR D 145 -13.47 24.58 -57.03
CA THR D 145 -12.65 24.03 -55.97
C THR D 145 -11.60 25.02 -55.47
N ARG D 146 -11.42 26.15 -56.16
CA ARG D 146 -10.45 27.13 -55.71
C ARG D 146 -11.03 28.01 -54.61
N GLY D 147 -10.46 27.89 -53.42
CA GLY D 147 -10.88 28.70 -52.27
C GLY D 147 -9.68 29.04 -51.41
N VAL D 148 -9.45 30.34 -51.21
CA VAL D 148 -8.35 30.83 -50.41
C VAL D 148 -8.91 31.77 -49.35
N THR D 149 -8.13 31.96 -48.28
CA THR D 149 -8.51 32.85 -47.19
C THR D 149 -7.27 33.56 -46.65
N ALA D 150 -7.49 34.73 -46.04
CA ALA D 150 -6.40 35.51 -45.50
C ALA D 150 -6.05 35.11 -44.07
N ALA D 151 -6.86 34.25 -43.44
CA ALA D 151 -6.55 33.80 -42.09
C ALA D 151 -5.48 32.71 -42.11
N CYS D 152 -5.29 32.07 -43.26
CA CYS D 152 -4.28 31.02 -43.39
C CYS D 152 -3.29 31.42 -44.46
N PRO D 153 -2.24 32.17 -44.15
CA PRO D 153 -1.30 32.62 -45.19
C PRO D 153 -0.12 31.69 -45.40
N HIS D 154 0.33 31.58 -46.64
CA HIS D 154 1.51 30.79 -46.99
C HIS D 154 2.38 31.62 -47.92
N ALA D 155 3.59 31.95 -47.47
CA ALA D 155 4.58 32.75 -48.20
C ALA D 155 4.02 34.11 -48.64
N MET D 156 3.46 34.84 -47.67
CA MET D 156 2.85 36.16 -47.86
C MET D 156 1.73 36.16 -48.89
N LYS D 157 0.96 35.08 -48.94
CA LYS D 157 -0.16 34.95 -49.87
C LYS D 157 -1.40 34.49 -49.12
N SER D 158 -2.43 34.09 -49.84
CA SER D 158 -3.63 33.52 -49.25
C SER D 158 -3.80 32.08 -49.71
N SER D 159 -3.99 31.18 -48.75
CA SER D 159 -4.10 29.76 -49.05
C SER D 159 -5.08 29.13 -48.07
N PHE D 160 -5.28 27.82 -48.21
CA PHE D 160 -6.23 27.05 -47.40
C PHE D 160 -5.52 25.82 -46.86
N TYR D 161 -6.28 24.96 -46.18
CA TYR D 161 -5.74 23.69 -45.69
C TYR D 161 -5.41 22.76 -46.84
N LYS D 162 -4.47 21.86 -46.59
CA LYS D 162 -3.98 20.96 -47.62
C LYS D 162 -4.76 19.65 -47.68
N ASN D 163 -5.68 19.41 -46.74
CA ASN D 163 -6.49 18.19 -46.73
C ASN D 163 -7.98 18.48 -46.88
N LEU D 164 -8.37 19.74 -47.07
CA LEU D 164 -9.77 20.10 -47.16
C LEU D 164 -9.99 21.00 -48.36
N VAL D 165 -11.17 20.88 -48.96
CA VAL D 165 -11.53 21.62 -50.18
C VAL D 165 -12.77 22.44 -49.89
N TRP D 166 -12.70 23.75 -50.17
CA TRP D 166 -13.82 24.67 -49.98
C TRP D 166 -14.59 24.75 -51.29
N LEU D 167 -15.79 24.19 -51.28
CA LEU D 167 -16.64 24.22 -52.47
C LEU D 167 -17.55 25.44 -52.47
N THR D 168 -17.63 26.10 -53.61
CA THR D 168 -18.38 27.32 -53.79
C THR D 168 -19.19 27.17 -55.08
N GLU D 169 -20.12 28.08 -55.34
CA GLU D 169 -20.99 28.03 -56.51
C GLU D 169 -20.20 28.19 -57.81
N ALA D 170 -20.71 27.54 -58.86
CA ALA D 170 -20.15 27.64 -60.20
C ALA D 170 -21.26 28.02 -61.16
N ASN D 171 -21.02 29.11 -61.91
CA ASN D 171 -21.96 29.65 -62.91
C ASN D 171 -23.33 29.97 -62.33
N GLY D 172 -23.34 30.51 -61.12
CA GLY D 172 -24.57 30.93 -60.48
C GLY D 172 -25.42 29.84 -59.87
N SER D 173 -24.91 28.61 -59.80
CA SER D 173 -25.70 27.50 -59.30
C SER D 173 -24.86 26.63 -58.37
N TYR D 174 -25.53 26.06 -57.37
CA TYR D 174 -24.92 25.11 -56.43
C TYR D 174 -25.74 23.84 -56.47
N PRO D 175 -25.36 22.81 -57.30
CA PRO D 175 -26.15 21.61 -57.40
C PRO D 175 -26.08 20.76 -56.13
N ASN D 176 -26.99 19.79 -56.03
CA ASN D 176 -27.02 18.89 -54.86
C ASN D 176 -25.78 18.02 -54.93
N LEU D 177 -25.27 17.59 -53.79
CA LEU D 177 -24.01 16.83 -53.73
C LEU D 177 -24.33 15.51 -53.05
N SER D 178 -23.72 14.42 -53.52
CA SER D 178 -23.83 13.10 -52.92
C SER D 178 -22.64 12.26 -53.34
N ARG D 179 -21.74 11.97 -52.40
CA ARG D 179 -20.56 11.18 -52.68
C ARG D 179 -20.44 10.06 -51.65
N SER D 180 -19.84 8.94 -52.05
CA SER D 180 -19.68 7.79 -51.18
C SER D 180 -18.26 7.24 -51.30
N TYR D 181 -17.76 6.70 -50.20
CA TYR D 181 -16.45 6.08 -50.16
C TYR D 181 -16.55 4.72 -49.49
N VAL D 182 -15.88 3.72 -50.05
CA VAL D 182 -15.84 2.37 -49.51
C VAL D 182 -14.40 2.06 -49.12
N ASN D 183 -14.23 1.35 -48.00
CA ASN D 183 -12.90 1.10 -47.45
C ASN D 183 -12.44 -0.29 -47.88
N ASN D 184 -11.28 -0.35 -48.55
CA ASN D 184 -10.68 -1.60 -48.97
C ASN D 184 -9.21 -1.70 -48.55
N GLN D 185 -8.78 -0.86 -47.62
CA GLN D 185 -7.38 -0.76 -47.26
C GLN D 185 -7.00 -1.64 -46.08
N GLU D 186 -7.94 -2.45 -45.57
CA GLU D 186 -7.78 -3.40 -44.47
C GLU D 186 -7.32 -2.75 -43.17
N LYS D 187 -7.57 -1.45 -42.97
CA LYS D 187 -7.21 -0.76 -41.75
C LYS D 187 -8.09 0.47 -41.60
N GLU D 188 -8.06 1.06 -40.41
CA GLU D 188 -8.92 2.20 -40.09
C GLU D 188 -8.50 3.44 -40.87
N VAL D 189 -9.49 4.21 -41.32
CA VAL D 189 -9.26 5.43 -42.08
C VAL D 189 -9.84 6.60 -41.30
N LEU D 190 -9.02 7.61 -41.04
CA LEU D 190 -9.46 8.81 -40.34
C LEU D 190 -9.97 9.82 -41.37
N VAL D 191 -11.25 10.14 -41.30
CA VAL D 191 -11.90 11.04 -42.25
C VAL D 191 -12.23 12.34 -41.54
N LEU D 192 -11.83 13.46 -42.15
CA LEU D 192 -11.97 14.79 -41.57
C LEU D 192 -12.74 15.69 -42.52
N TRP D 193 -13.64 16.51 -41.97
CA TRP D 193 -14.40 17.45 -42.77
C TRP D 193 -14.80 18.64 -41.91
N GLY D 194 -15.53 19.57 -42.50
CA GLY D 194 -15.93 20.78 -41.79
C GLY D 194 -17.19 21.38 -42.37
N VAL D 195 -17.85 22.18 -41.53
CA VAL D 195 -19.11 22.86 -41.87
C VAL D 195 -18.91 24.34 -41.64
N HIS D 196 -19.28 25.16 -42.63
CA HIS D 196 -19.04 26.58 -42.60
C HIS D 196 -20.24 27.34 -42.05
N HIS D 197 -20.00 28.21 -41.05
CA HIS D 197 -21.02 29.07 -40.45
C HIS D 197 -20.68 30.51 -40.80
N PRO D 198 -21.40 31.13 -41.73
CA PRO D 198 -21.08 32.51 -42.13
C PRO D 198 -21.58 33.53 -41.11
N SER D 199 -21.34 34.79 -41.44
CA SER D 199 -21.64 35.90 -40.53
C SER D 199 -22.91 36.66 -40.90
N ASN D 200 -23.20 36.80 -42.19
CA ASN D 200 -24.41 37.50 -42.63
C ASN D 200 -25.03 36.72 -43.79
N ILE D 201 -26.27 37.09 -44.13
CA ILE D 201 -27.01 36.34 -45.14
C ILE D 201 -26.53 36.67 -46.54
N GLU D 202 -25.87 37.82 -46.71
CA GLU D 202 -25.38 38.20 -48.04
C GLU D 202 -24.20 37.33 -48.46
N ASP D 203 -23.32 37.00 -47.52
CA ASP D 203 -22.22 36.09 -47.81
C ASP D 203 -22.74 34.68 -48.12
N GLN D 204 -23.78 34.25 -47.40
CA GLN D 204 -24.43 32.97 -47.67
C GLN D 204 -25.02 32.92 -49.07
N ARG D 205 -25.68 34.01 -49.48
CA ARG D 205 -26.30 34.05 -50.80
C ARG D 205 -25.26 34.15 -51.91
N THR D 206 -24.14 34.84 -51.66
CA THR D 206 -23.11 34.94 -52.70
C THR D 206 -22.32 33.65 -52.84
N LEU D 207 -22.13 32.91 -51.74
CA LEU D 207 -21.29 31.72 -51.83
C LEU D 207 -22.10 30.49 -52.23
N TYR D 208 -23.26 30.24 -51.60
CA TYR D 208 -23.96 28.98 -51.81
C TYR D 208 -25.33 29.11 -52.47
N ARG D 209 -25.81 30.33 -52.71
CA ARG D 209 -27.05 30.67 -53.41
C ARG D 209 -28.33 30.13 -52.75
N LYS D 210 -28.27 29.72 -51.49
CA LYS D 210 -29.41 29.17 -50.78
C LYS D 210 -29.47 29.77 -49.39
N ASP D 211 -30.67 30.14 -48.95
CA ASP D 211 -30.81 30.66 -47.60
C ASP D 211 -30.77 29.54 -46.57
N ASN D 212 -31.25 28.35 -46.92
CA ASN D 212 -31.24 27.19 -46.05
C ASN D 212 -30.42 26.09 -46.69
N ALA D 213 -29.55 25.47 -45.91
CA ALA D 213 -28.68 24.40 -46.40
C ALA D 213 -28.46 23.40 -45.29
N TYR D 214 -28.00 22.20 -45.66
CA TYR D 214 -27.71 21.16 -44.68
C TYR D 214 -26.58 20.28 -45.19
N VAL D 215 -25.90 19.64 -44.23
CA VAL D 215 -24.90 18.61 -44.51
C VAL D 215 -25.31 17.35 -43.76
N SER D 216 -25.27 16.20 -44.42
CA SER D 216 -25.54 14.95 -43.74
C SER D 216 -24.39 13.99 -43.98
N VAL D 217 -23.82 13.47 -42.89
CA VAL D 217 -22.75 12.48 -42.97
C VAL D 217 -23.27 11.19 -42.33
N VAL D 218 -23.32 10.12 -43.12
CA VAL D 218 -23.91 8.87 -42.70
C VAL D 218 -22.91 7.74 -42.89
N SER D 219 -22.72 6.96 -41.83
CA SER D 219 -21.92 5.74 -41.88
C SER D 219 -22.65 4.68 -41.08
N SER D 220 -22.00 3.53 -40.88
CA SER D 220 -22.57 2.45 -40.08
C SER D 220 -22.39 2.68 -38.58
N ASN D 221 -21.55 3.64 -38.19
CA ASN D 221 -21.42 4.05 -36.80
C ASN D 221 -21.58 5.54 -36.58
N TYR D 222 -21.65 6.35 -37.65
CA TYR D 222 -21.82 7.79 -37.57
C TYR D 222 -23.07 8.18 -38.35
N ASN D 223 -23.91 8.99 -37.75
CA ASN D 223 -25.12 9.50 -38.40
C ASN D 223 -25.39 10.90 -37.86
N ARG D 224 -25.04 11.93 -38.63
CA ARG D 224 -25.22 13.29 -38.13
C ARG D 224 -25.67 14.21 -39.24
N ARG D 225 -26.44 15.23 -38.84
CA ARG D 225 -26.99 16.24 -39.74
C ARG D 225 -26.68 17.62 -39.17
N PHE D 226 -26.15 18.50 -40.03
CA PHE D 226 -25.59 19.78 -39.62
C PHE D 226 -26.30 20.89 -40.38
N THR D 227 -26.64 21.96 -39.67
CA THR D 227 -27.32 23.13 -40.24
C THR D 227 -26.52 24.38 -39.92
N PRO D 228 -26.20 25.21 -40.91
CA PRO D 228 -25.47 26.46 -40.64
C PRO D 228 -26.27 27.44 -39.79
N GLU D 229 -25.55 28.20 -38.97
CA GLU D 229 -26.13 29.24 -38.13
C GLU D 229 -25.47 30.56 -38.46
N ILE D 230 -26.27 31.58 -38.74
CA ILE D 230 -25.79 32.91 -39.07
C ILE D 230 -26.03 33.81 -37.87
N ALA D 231 -24.96 34.42 -37.34
CA ALA D 231 -25.06 35.28 -36.18
C ALA D 231 -23.90 36.27 -36.22
N LYS D 232 -23.98 37.27 -35.33
CA LYS D 232 -22.93 38.28 -35.20
C LYS D 232 -21.90 37.79 -34.19
N ARG D 233 -20.64 37.74 -34.61
CA ARG D 233 -19.59 37.16 -33.78
C ARG D 233 -18.42 38.12 -33.64
N PRO D 234 -17.67 38.04 -32.54
CA PRO D 234 -16.45 38.83 -32.43
C PRO D 234 -15.39 38.35 -33.42
N LYS D 235 -14.51 39.28 -33.80
CA LYS D 235 -13.48 38.95 -34.78
C LYS D 235 -12.33 38.20 -34.13
N VAL D 236 -12.09 36.99 -34.61
CA VAL D 236 -10.93 36.18 -34.23
C VAL D 236 -10.10 35.95 -35.49
N ARG D 237 -8.82 36.36 -35.42
CA ARG D 237 -7.86 36.33 -36.53
C ARG D 237 -8.35 37.06 -37.77
N GLY D 238 -9.10 38.14 -37.59
CA GLY D 238 -9.57 38.95 -38.70
C GLY D 238 -10.82 38.46 -39.38
N GLN D 239 -11.41 37.36 -38.93
CA GLN D 239 -12.59 36.78 -39.55
C GLN D 239 -13.72 36.68 -38.53
N SER D 240 -14.93 37.02 -38.96
CA SER D 240 -16.12 36.91 -38.12
C SER D 240 -16.90 35.62 -38.35
N GLY D 241 -16.60 34.87 -39.41
CA GLY D 241 -17.22 33.59 -39.63
C GLY D 241 -16.50 32.47 -38.90
N ARG D 242 -17.08 31.27 -38.95
CA ARG D 242 -16.49 30.12 -38.29
C ARG D 242 -16.54 28.91 -39.22
N ILE D 243 -15.65 27.95 -38.98
CA ILE D 243 -15.71 26.63 -39.60
C ILE D 243 -15.56 25.60 -38.49
N ASN D 244 -16.56 24.74 -38.34
CA ASN D 244 -16.52 23.68 -37.33
C ASN D 244 -16.01 22.39 -37.95
N TYR D 245 -15.03 21.77 -37.30
CA TYR D 245 -14.32 20.62 -37.84
C TYR D 245 -14.75 19.34 -37.14
N TYR D 246 -14.93 18.28 -37.91
CA TYR D 246 -15.41 17.00 -37.41
C TYR D 246 -14.58 15.87 -38.01
N TRP D 247 -14.56 14.74 -37.30
CA TRP D 247 -13.74 13.60 -37.69
C TRP D 247 -14.47 12.31 -37.37
N THR D 248 -14.08 11.24 -38.07
CA THR D 248 -14.60 9.90 -37.83
C THR D 248 -13.55 8.87 -38.21
N LEU D 249 -13.76 7.64 -37.74
CA LEU D 249 -12.83 6.54 -37.97
C LEU D 249 -13.58 5.38 -38.65
N LEU D 250 -13.42 5.27 -39.98
CA LEU D 250 -13.98 4.12 -40.67
C LEU D 250 -13.17 2.86 -40.39
N GLU D 251 -13.88 1.79 -40.18
CA GLU D 251 -13.52 0.38 -40.03
C GLU D 251 -13.32 -0.24 -41.40
N PRO D 252 -12.59 -1.35 -41.51
CA PRO D 252 -12.48 -2.06 -42.78
C PRO D 252 -13.82 -2.61 -43.25
N GLY D 253 -14.09 -2.47 -44.54
CA GLY D 253 -15.31 -2.94 -45.15
C GLY D 253 -16.49 -2.00 -45.03
N ASP D 254 -16.34 -0.85 -44.40
CA ASP D 254 -17.42 0.09 -44.16
C ASP D 254 -17.43 1.18 -45.22
N THR D 255 -18.56 1.86 -45.33
CA THR D 255 -18.75 2.93 -46.30
C THR D 255 -19.25 4.19 -45.61
N ILE D 256 -18.95 5.33 -46.22
CA ILE D 256 -19.36 6.64 -45.71
C ILE D 256 -20.01 7.42 -46.84
N ILE D 257 -21.09 8.14 -46.53
CA ILE D 257 -21.83 8.93 -47.50
C ILE D 257 -21.87 10.38 -47.02
N PHE D 258 -21.47 11.31 -47.89
CA PHE D 258 -21.58 12.74 -47.66
C PHE D 258 -22.64 13.28 -48.60
N GLU D 259 -23.63 13.98 -48.04
CA GLU D 259 -24.65 14.63 -48.84
C GLU D 259 -24.78 16.08 -48.40
N ALA D 260 -24.90 16.98 -49.37
CA ALA D 260 -24.88 18.39 -49.02
C ALA D 260 -25.64 19.21 -50.06
N THR D 261 -26.29 20.26 -49.58
CA THR D 261 -26.84 21.32 -50.41
C THR D 261 -26.19 22.67 -50.12
N GLY D 262 -25.15 22.71 -49.29
CA GLY D 262 -24.46 23.93 -49.01
C GLY D 262 -23.60 23.78 -47.78
N ASN D 263 -22.60 24.66 -47.69
CA ASN D 263 -21.73 24.84 -46.52
C ASN D 263 -20.97 23.57 -46.16
N LEU D 264 -20.23 23.03 -47.14
CA LEU D 264 -19.46 21.81 -46.93
C LEU D 264 -18.00 22.07 -47.24
N ILE D 265 -17.12 21.71 -46.30
CA ILE D 265 -15.68 21.71 -46.51
C ILE D 265 -15.29 20.25 -46.71
N ALA D 266 -15.20 19.84 -47.96
CA ALA D 266 -15.08 18.45 -48.34
C ALA D 266 -13.69 17.89 -48.03
N PRO D 267 -13.59 16.59 -47.72
CA PRO D 267 -12.27 15.99 -47.53
C PRO D 267 -11.50 15.86 -48.85
N TRP D 268 -10.19 15.95 -48.74
CA TRP D 268 -9.28 15.75 -49.87
C TRP D 268 -8.31 14.61 -49.62
N TYR D 269 -7.70 14.56 -48.45
CA TYR D 269 -6.76 13.50 -48.10
C TYR D 269 -7.19 12.86 -46.79
N ALA D 270 -6.98 11.55 -46.69
CA ALA D 270 -7.30 10.79 -45.49
C ALA D 270 -6.07 10.02 -45.06
N PHE D 271 -6.12 9.51 -43.83
CA PHE D 271 -4.99 8.82 -43.22
C PHE D 271 -5.39 7.39 -42.91
N ALA D 272 -4.55 6.44 -43.31
CA ALA D 272 -4.75 5.03 -43.02
C ALA D 272 -3.89 4.63 -41.83
N LEU D 273 -4.52 4.38 -40.69
CA LEU D 273 -3.83 4.26 -39.42
C LEU D 273 -3.51 2.80 -39.10
N SER D 274 -2.36 2.59 -38.45
CA SER D 274 -1.96 1.30 -37.94
C SER D 274 -1.65 1.42 -36.45
N ARG D 275 -2.15 0.49 -35.66
CA ARG D 275 -1.98 0.58 -34.21
C ARG D 275 -0.70 -0.13 -33.77
N GLY D 276 -0.23 0.24 -32.59
CA GLY D 276 0.99 -0.28 -32.05
C GLY D 276 0.93 -0.45 -30.54
N PRO D 277 1.83 -1.27 -29.99
CA PRO D 277 1.72 -1.57 -28.55
C PRO D 277 2.18 -0.43 -27.64
N GLY D 278 3.27 0.24 -27.96
CA GLY D 278 3.77 1.30 -27.08
C GLY D 278 4.11 2.60 -27.77
N SER D 279 3.37 3.65 -27.43
CA SER D 279 3.58 4.99 -27.98
C SER D 279 2.90 5.99 -27.05
N GLY D 280 3.21 7.26 -27.25
CA GLY D 280 2.61 8.29 -26.41
C GLY D 280 3.00 9.68 -26.88
N ILE D 281 2.52 10.67 -26.14
CA ILE D 281 2.73 12.08 -26.45
C ILE D 281 3.50 12.72 -25.31
N ILE D 282 4.57 13.44 -25.65
CA ILE D 282 5.46 14.09 -24.69
C ILE D 282 5.57 15.56 -25.06
N THR D 283 5.36 16.43 -24.08
CA THR D 283 5.60 17.87 -24.25
C THR D 283 7.02 18.19 -23.77
N SER D 284 7.85 18.72 -24.66
CA SER D 284 9.26 18.98 -24.35
C SER D 284 9.76 20.23 -25.05
N ASN D 285 10.79 20.83 -24.46
CA ASN D 285 11.59 21.87 -25.10
C ASN D 285 13.03 21.40 -25.24
N ALA D 286 13.24 20.09 -25.18
CA ALA D 286 14.56 19.50 -25.21
C ALA D 286 14.92 19.09 -26.63
N PRO D 287 16.17 19.24 -27.07
CA PRO D 287 16.47 18.99 -28.48
C PRO D 287 16.76 17.55 -28.88
N LEU D 288 16.62 17.29 -30.17
CA LEU D 288 16.78 15.95 -30.69
C LEU D 288 18.27 15.61 -30.86
N ASP D 289 18.61 14.37 -30.52
CA ASP D 289 19.97 13.88 -30.69
C ASP D 289 19.90 12.38 -31.00
N GLU D 290 21.04 11.68 -30.93
CA GLU D 290 21.10 10.26 -31.23
C GLU D 290 21.37 9.46 -29.96
N CYS D 291 20.53 8.47 -29.68
CA CYS D 291 20.76 7.52 -28.60
C CYS D 291 19.97 6.27 -28.93
N ASP D 292 20.05 5.28 -28.05
CA ASP D 292 19.24 4.08 -28.15
C ASP D 292 18.78 3.66 -26.76
N THR D 293 18.32 4.63 -25.98
CA THR D 293 17.90 4.36 -24.61
C THR D 293 16.54 3.68 -24.56
N LYS D 294 16.22 3.08 -23.42
CA LYS D 294 14.94 2.33 -23.28
C LYS D 294 13.97 3.09 -22.38
N CYS D 295 14.30 4.33 -21.99
CA CYS D 295 13.38 5.14 -21.20
C CYS D 295 13.47 6.58 -21.67
N GLN D 296 12.31 7.23 -21.78
CA GLN D 296 12.27 8.63 -22.21
C GLN D 296 11.29 9.40 -21.34
N THR D 297 11.74 10.52 -20.80
CA THR D 297 11.00 11.50 -20.03
C THR D 297 10.97 12.82 -20.79
N PRO D 298 10.06 13.74 -20.44
CA PRO D 298 10.11 15.08 -21.04
C PRO D 298 11.38 15.86 -20.73
N GLN D 299 12.09 15.51 -19.65
CA GLN D 299 13.37 16.14 -19.37
C GLN D 299 14.47 15.55 -20.23
N GLY D 300 14.63 14.23 -20.20
CA GLY D 300 15.66 13.58 -20.99
C GLY D 300 15.62 12.08 -20.78
N ALA D 301 16.51 11.39 -21.49
CA ALA D 301 16.58 9.94 -21.40
C ALA D 301 17.25 9.50 -20.11
N ILE D 302 16.91 8.29 -19.66
CA ILE D 302 17.43 7.71 -18.43
C ILE D 302 18.03 6.35 -18.74
N ASN D 303 19.23 6.10 -18.22
CA ASN D 303 19.88 4.77 -18.42
C ASN D 303 20.17 4.15 -17.06
N SER D 304 19.16 3.53 -16.44
CA SER D 304 19.50 2.85 -15.17
C SER D 304 18.84 1.48 -15.06
N SER D 305 19.47 0.56 -14.34
CA SER D 305 18.81 -0.74 -14.05
C SER D 305 18.27 -0.57 -12.64
N LEU D 306 18.22 0.66 -12.14
CA LEU D 306 17.83 0.92 -10.74
C LEU D 306 16.29 0.92 -10.63
N PRO D 307 15.66 0.51 -9.49
CA PRO D 307 14.19 0.41 -9.45
C PRO D 307 13.44 1.73 -9.36
N PHE D 308 14.05 2.79 -8.85
CA PHE D 308 13.33 4.03 -8.58
C PHE D 308 13.91 5.21 -9.37
N GLN D 309 13.18 6.31 -9.35
CA GLN D 309 13.60 7.58 -9.94
C GLN D 309 12.92 8.72 -9.21
N ASN D 310 13.40 9.93 -9.45
CA ASN D 310 12.73 11.15 -8.98
C ASN D 310 12.77 12.29 -10.00
N ILE D 311 12.68 11.98 -11.29
CA ILE D 311 12.82 13.03 -12.30
C ILE D 311 11.44 13.49 -12.78
N HIS D 312 10.66 12.61 -13.38
CA HIS D 312 9.37 13.00 -13.95
C HIS D 312 8.43 11.82 -13.90
N PRO D 313 7.13 12.04 -13.65
CA PRO D 313 6.19 10.92 -13.64
C PRO D 313 5.81 10.42 -15.02
N VAL D 314 5.91 11.26 -16.04
CA VAL D 314 5.57 10.88 -17.41
C VAL D 314 6.77 10.19 -18.04
N THR D 315 6.60 8.91 -18.36
CA THR D 315 7.66 8.08 -18.92
C THR D 315 7.13 7.28 -20.09
N ILE D 316 8.01 7.00 -21.06
CA ILE D 316 7.72 6.07 -22.15
C ILE D 316 8.88 5.08 -22.25
N GLY D 317 8.56 3.78 -22.20
CA GLY D 317 9.50 2.70 -22.32
C GLY D 317 9.54 1.89 -21.04
N GLU D 318 10.58 1.07 -20.91
CA GLU D 318 10.86 0.35 -19.68
C GLU D 318 11.58 1.30 -18.73
N CYS D 319 10.87 1.77 -17.73
CA CYS D 319 11.30 2.89 -16.91
C CYS D 319 11.15 2.57 -15.43
N PRO D 320 11.97 3.18 -14.57
CA PRO D 320 11.81 2.99 -13.13
C PRO D 320 10.56 3.66 -12.59
N LYS D 321 10.18 3.24 -11.39
CA LYS D 321 9.00 3.77 -10.72
C LYS D 321 9.31 5.10 -10.06
N TYR D 322 8.44 6.08 -10.30
CA TYR D 322 8.62 7.43 -9.79
C TYR D 322 8.22 7.50 -8.32
N VAL D 323 9.08 8.11 -7.50
CA VAL D 323 8.81 8.39 -6.09
C VAL D 323 9.24 9.82 -5.81
N ARG D 324 8.65 10.43 -4.78
CA ARG D 324 9.05 11.76 -4.33
C ARG D 324 10.08 11.70 -3.19
N SER D 325 11.11 10.89 -3.40
CA SER D 325 12.15 10.67 -2.41
C SER D 325 13.45 11.29 -2.90
N THR D 326 14.26 11.79 -1.96
CA THR D 326 15.52 12.40 -2.34
C THR D 326 16.70 11.47 -2.12
N LYS D 327 16.54 10.47 -1.24
CA LYS D 327 17.62 9.56 -0.91
C LYS D 327 17.07 8.19 -0.57
N LEU D 328 17.56 7.16 -1.25
CA LEU D 328 17.22 5.77 -0.95
C LEU D 328 18.49 4.94 -1.07
N ARG D 329 19.16 4.70 0.05
CA ARG D 329 20.42 3.97 0.10
C ARG D 329 20.28 2.77 1.00
N MET D 330 20.80 1.63 0.56
CA MET D 330 20.61 0.38 1.27
C MET D 330 21.96 -0.23 1.64
N VAL D 331 22.05 -0.75 2.87
CA VAL D 331 23.31 -1.23 3.42
C VAL D 331 23.66 -2.58 2.83
N THR D 332 24.90 -2.73 2.38
CA THR D 332 25.45 -4.02 2.01
C THR D 332 26.66 -4.43 2.83
N GLY D 333 27.07 -3.61 3.79
CA GLY D 333 28.26 -3.90 4.57
C GLY D 333 28.07 -3.77 6.06
N LEU D 334 29.16 -3.47 6.76
CA LEU D 334 29.18 -3.38 8.22
C LEU D 334 29.04 -1.94 8.68
N ARG D 335 29.05 -1.75 9.99
CA ARG D 335 29.18 -0.40 10.54
C ARG D 335 30.66 -0.03 10.63
N ASN D 336 30.98 1.18 10.21
CA ASN D 336 32.37 1.64 10.18
C ASN D 336 32.71 2.27 11.52
N ILE D 337 33.27 1.45 12.40
CA ILE D 337 33.78 1.92 13.68
C ILE D 337 35.30 1.71 13.65
N PRO D 338 36.08 2.74 13.35
CA PRO D 338 37.53 2.57 13.32
C PRO D 338 38.11 2.41 14.71
N SER D 339 39.23 1.67 14.76
CA SER D 339 39.96 1.30 15.99
C SER D 339 39.06 0.63 17.03
N ALA D 348 47.74 -5.47 22.09
CA ALA D 348 47.50 -4.26 21.30
C ALA D 348 46.21 -4.37 20.51
N ILE D 349 46.12 -5.40 19.67
CA ILE D 349 44.92 -5.61 18.86
C ILE D 349 43.86 -6.29 19.72
N ALA D 350 42.67 -5.67 19.79
CA ALA D 350 41.57 -6.18 20.57
C ALA D 350 40.37 -6.41 19.68
N GLY D 351 39.38 -7.10 20.22
CA GLY D 351 38.27 -7.64 19.45
C GLY D 351 37.15 -6.66 19.18
N PHE D 352 35.92 -7.20 19.14
CA PHE D 352 34.79 -6.43 18.63
C PHE D 352 34.31 -5.39 19.63
N ILE D 353 34.66 -5.55 20.91
CA ILE D 353 34.30 -4.56 21.92
C ILE D 353 35.09 -3.27 21.69
N GLU D 354 36.37 -3.40 21.34
CA GLU D 354 37.18 -2.23 21.05
C GLU D 354 36.79 -1.59 19.71
N GLY D 355 36.51 -2.41 18.71
CA GLY D 355 36.07 -1.89 17.42
C GLY D 355 36.46 -2.83 16.29
N GLY D 356 36.58 -2.25 15.10
CA GLY D 356 36.94 -3.02 13.93
C GLY D 356 38.38 -2.83 13.51
N TRP D 357 38.83 -3.58 12.51
CA TRP D 357 40.21 -3.56 12.06
C TRP D 357 40.29 -3.10 10.61
N THR D 358 41.15 -2.12 10.36
CA THR D 358 41.41 -1.61 9.02
C THR D 358 42.27 -2.56 8.19
N GLY D 359 43.22 -3.24 8.83
CA GLY D 359 44.18 -4.09 8.14
C GLY D 359 43.67 -5.45 7.73
N MET D 360 42.38 -5.72 7.86
CA MET D 360 41.78 -6.98 7.43
C MET D 360 41.08 -6.72 6.11
N MET D 361 41.69 -7.15 5.00
CA MET D 361 41.14 -6.94 3.67
C MET D 361 40.82 -8.24 2.95
N ASP D 362 40.77 -9.36 3.66
CA ASP D 362 40.48 -10.66 3.06
C ASP D 362 39.05 -11.12 3.33
N GLY D 363 38.28 -10.36 4.10
CA GLY D 363 36.93 -10.76 4.42
C GLY D 363 36.30 -9.79 5.38
N TRP D 364 35.06 -10.07 5.74
CA TRP D 364 34.31 -9.27 6.69
C TRP D 364 34.54 -9.67 8.14
N TYR D 365 34.67 -10.96 8.40
CA TYR D 365 34.88 -11.48 9.75
C TYR D 365 36.13 -12.33 9.77
N GLY D 366 36.77 -12.43 10.93
CA GLY D 366 37.93 -13.28 11.01
C GLY D 366 38.68 -13.15 12.33
N TYR D 367 39.95 -13.53 12.28
CA TYR D 367 40.79 -13.78 13.45
C TYR D 367 42.08 -12.98 13.33
N HIS D 368 42.67 -12.62 14.47
CA HIS D 368 43.99 -12.03 14.53
C HIS D 368 44.83 -12.78 15.56
N HIS D 369 46.03 -13.21 15.18
CA HIS D 369 46.86 -13.99 16.08
C HIS D 369 48.21 -13.32 16.28
N GLN D 370 48.68 -13.38 17.52
CA GLN D 370 50.02 -12.94 17.91
C GLN D 370 50.68 -14.06 18.70
N ASN D 371 51.82 -14.54 18.21
CA ASN D 371 52.55 -15.57 18.93
C ASN D 371 54.04 -15.37 18.77
N GLU D 372 54.79 -16.43 19.08
CA GLU D 372 56.25 -16.35 19.06
C GLU D 372 56.79 -16.21 17.63
N GLN D 373 56.21 -16.96 16.69
CA GLN D 373 56.77 -16.98 15.34
C GLN D 373 56.41 -15.72 14.56
N GLY D 374 55.25 -15.12 14.84
CA GLY D 374 54.87 -13.91 14.14
C GLY D 374 53.51 -13.42 14.58
N SER D 375 52.98 -12.47 13.81
CA SER D 375 51.67 -11.89 14.04
C SER D 375 50.98 -11.66 12.71
N GLY D 376 49.69 -11.95 12.66
CA GLY D 376 48.98 -11.80 11.40
C GLY D 376 47.48 -11.91 11.55
N TYR D 377 46.79 -11.37 10.54
CA TYR D 377 45.35 -11.42 10.44
C TYR D 377 44.91 -12.58 9.56
N ALA D 378 43.61 -12.84 9.57
CA ALA D 378 43.02 -13.90 8.75
C ALA D 378 41.59 -13.49 8.42
N ALA D 379 40.81 -14.42 7.87
CA ALA D 379 39.41 -14.17 7.57
C ALA D 379 38.65 -15.48 7.57
N ASP D 380 37.43 -15.45 8.08
CA ASP D 380 36.55 -16.61 8.06
C ASP D 380 35.74 -16.58 6.76
N GLN D 381 35.98 -17.59 5.91
CA GLN D 381 35.49 -17.57 4.51
C GLN D 381 34.18 -18.29 4.28
N LYS D 382 33.62 -18.93 5.28
CA LYS D 382 32.29 -19.50 5.19
C LYS D 382 31.22 -18.53 5.71
N SER D 383 31.48 -17.86 6.82
CA SER D 383 30.52 -16.90 7.37
C SER D 383 30.38 -15.68 6.47
N THR D 384 31.50 -15.20 5.92
CA THR D 384 31.47 -14.10 4.97
C THR D 384 30.72 -14.48 3.70
N GLN D 385 30.89 -15.74 3.28
CA GLN D 385 30.22 -16.23 2.06
C GLN D 385 28.72 -16.25 2.31
N ASN D 386 28.29 -16.77 3.45
CA ASN D 386 26.86 -16.86 3.75
C ASN D 386 26.24 -15.47 3.88
N ALA D 387 26.96 -14.53 4.50
CA ALA D 387 26.46 -13.16 4.62
C ALA D 387 26.33 -12.49 3.26
N ILE D 388 27.31 -12.71 2.38
CA ILE D 388 27.27 -12.13 1.04
C ILE D 388 26.13 -12.73 0.23
N ASN D 389 25.88 -14.01 0.46
CA ASN D 389 24.78 -14.72 -0.26
C ASN D 389 23.41 -14.22 0.21
N CYS D 390 23.21 -13.90 1.50
CA CYS D 390 21.95 -13.33 1.96
C CYS D 390 21.78 -11.87 1.51
N ILE D 391 22.86 -11.08 1.50
CA ILE D 391 22.73 -9.68 1.09
C ILE D 391 22.44 -9.60 -0.42
N THR D 392 23.03 -10.50 -1.21
CA THR D 392 22.72 -10.57 -2.63
C THR D 392 21.26 -10.96 -2.88
N ASN D 393 20.74 -11.88 -2.06
CA ASN D 393 19.33 -12.23 -2.15
C ASN D 393 18.42 -11.07 -1.77
N LYS D 394 18.84 -10.25 -0.80
CA LYS D 394 18.07 -9.05 -0.45
C LYS D 394 18.07 -8.04 -1.60
N VAL D 395 19.21 -7.88 -2.29
CA VAL D 395 19.29 -6.98 -3.44
C VAL D 395 18.35 -7.45 -4.54
N ASN D 396 18.35 -8.73 -4.85
CA ASN D 396 17.51 -9.22 -5.96
C ASN D 396 16.04 -9.20 -5.51
N SER D 397 15.71 -9.42 -4.22
CA SER D 397 14.34 -9.28 -3.76
C SER D 397 13.85 -7.84 -3.89
N VAL D 398 14.71 -6.87 -3.56
CA VAL D 398 14.34 -5.47 -3.69
C VAL D 398 14.13 -5.09 -5.15
N ILE D 399 14.94 -5.65 -6.06
CA ILE D 399 14.81 -5.28 -7.46
C ILE D 399 13.58 -5.92 -8.10
N GLU D 400 13.47 -7.24 -8.03
CA GLU D 400 12.36 -7.93 -8.73
C GLU D 400 11.04 -7.77 -8.00
N LYS D 401 11.05 -7.71 -6.68
CA LYS D 401 9.76 -7.71 -5.98
C LYS D 401 8.91 -6.52 -6.38
N MET D 402 9.49 -5.32 -6.39
CA MET D 402 8.75 -4.15 -6.84
C MET D 402 9.09 -3.85 -8.29
N ASN D 403 8.48 -4.63 -9.19
CA ASN D 403 8.75 -4.51 -10.61
C ASN D 403 8.11 -3.24 -11.17
N THR D 404 8.79 -2.62 -12.11
CA THR D 404 8.37 -1.37 -12.70
C THR D 404 8.22 -1.51 -14.22
N GLN D 405 7.33 -0.71 -14.79
CA GLN D 405 7.00 -0.81 -16.20
C GLN D 405 6.47 0.55 -16.69
N PHE D 406 6.03 0.56 -17.95
CA PHE D 406 5.39 1.73 -18.52
C PHE D 406 4.08 2.04 -17.81
N THR D 407 3.87 3.31 -17.47
CA THR D 407 2.76 3.65 -16.59
C THR D 407 1.68 4.52 -17.25
N ALA D 408 2.04 5.70 -17.76
CA ALA D 408 1.05 6.66 -18.23
C ALA D 408 1.66 7.62 -19.23
N VAL D 409 0.79 8.37 -19.91
CA VAL D 409 1.20 9.36 -20.90
C VAL D 409 0.56 10.71 -20.59
N GLY D 410 -0.49 10.71 -19.80
CA GLY D 410 -1.21 11.93 -19.48
C GLY D 410 -2.44 12.12 -20.36
N LYS D 411 -3.40 12.88 -19.85
CA LYS D 411 -4.68 13.10 -20.51
C LYS D 411 -5.01 14.58 -20.53
N GLU D 412 -5.86 14.98 -21.47
CA GLU D 412 -6.29 16.36 -21.62
C GLU D 412 -7.80 16.46 -21.50
N PHE D 413 -8.26 17.52 -20.83
CA PHE D 413 -9.68 17.78 -20.63
C PHE D 413 -9.95 19.24 -20.95
N ASN D 414 -11.17 19.52 -21.41
CA ASN D 414 -11.51 20.89 -21.76
C ASN D 414 -12.10 21.62 -20.55
N LYS D 415 -12.73 22.77 -20.77
CA LYS D 415 -13.19 23.61 -19.69
C LYS D 415 -14.43 23.07 -18.98
N LEU D 416 -15.16 22.13 -19.58
CA LEU D 416 -16.35 21.59 -18.97
C LEU D 416 -16.22 20.11 -18.60
N GLU D 417 -14.99 19.64 -18.36
CA GLU D 417 -14.77 18.34 -17.73
C GLU D 417 -13.80 18.49 -16.57
N LYS D 418 -14.10 19.42 -15.66
CA LYS D 418 -13.24 19.69 -14.52
C LYS D 418 -13.28 18.55 -13.50
N ARG D 419 -14.43 17.88 -13.38
CA ARG D 419 -14.58 16.80 -12.40
C ARG D 419 -13.71 15.58 -12.74
N MET D 420 -13.67 15.18 -14.02
CA MET D 420 -12.79 14.08 -14.40
C MET D 420 -11.32 14.46 -14.31
N GLU D 421 -10.99 15.73 -14.57
CA GLU D 421 -9.61 16.19 -14.39
C GLU D 421 -9.18 16.10 -12.94
N ASN D 422 -10.05 16.50 -12.01
CA ASN D 422 -9.76 16.36 -10.59
C ASN D 422 -9.71 14.91 -10.14
N LEU D 423 -10.56 14.04 -10.72
CA LEU D 423 -10.53 12.62 -10.37
C LEU D 423 -9.24 11.95 -10.86
N ASN D 424 -8.80 12.30 -12.08
CA ASN D 424 -7.54 11.77 -12.61
C ASN D 424 -6.35 12.25 -11.79
N LYS D 425 -6.37 13.53 -11.39
CA LYS D 425 -5.33 14.06 -10.51
C LYS D 425 -5.33 13.38 -9.15
N LYS D 426 -6.53 13.08 -8.62
CA LYS D 426 -6.66 12.39 -7.34
C LYS D 426 -6.09 10.98 -7.40
N VAL D 427 -6.36 10.25 -8.48
CA VAL D 427 -5.82 8.90 -8.64
C VAL D 427 -4.29 8.94 -8.78
N ASP D 428 -3.80 9.88 -9.60
CA ASP D 428 -2.35 9.99 -9.85
C ASP D 428 -1.59 10.43 -8.62
N ASP D 429 -2.20 11.26 -7.77
CA ASP D 429 -1.55 11.70 -6.55
C ASP D 429 -1.78 10.76 -5.37
N GLY D 430 -2.76 9.86 -5.47
CA GLY D 430 -2.94 8.88 -4.44
C GLY D 430 -2.11 7.64 -4.59
N PHE D 431 -1.73 7.27 -5.82
CA PHE D 431 -0.82 6.13 -5.97
C PHE D 431 0.63 6.46 -5.61
N LEU D 432 1.05 7.69 -5.88
CA LEU D 432 2.44 8.10 -5.70
C LEU D 432 2.83 8.12 -4.22
N ASP D 433 1.93 8.59 -3.35
CA ASP D 433 2.18 8.62 -1.92
C ASP D 433 2.34 7.21 -1.35
N ILE D 434 1.50 6.28 -1.81
CA ILE D 434 1.57 4.88 -1.37
C ILE D 434 2.89 4.25 -1.78
N TRP D 435 3.32 4.49 -3.03
CA TRP D 435 4.57 3.87 -3.48
C TRP D 435 5.80 4.47 -2.80
N THR D 436 5.78 5.78 -2.55
CA THR D 436 6.87 6.43 -1.82
C THR D 436 6.97 5.91 -0.39
N TYR D 437 5.82 5.76 0.29
CA TYR D 437 5.79 5.24 1.66
C TYR D 437 6.30 3.81 1.71
N ASN D 438 5.90 2.98 0.74
CA ASN D 438 6.32 1.58 0.69
C ASN D 438 7.82 1.45 0.48
N ALA D 439 8.38 2.25 -0.44
CA ALA D 439 9.81 2.19 -0.73
C ALA D 439 10.65 2.61 0.47
N GLU D 440 10.28 3.73 1.11
CA GLU D 440 11.04 4.23 2.25
C GLU D 440 10.95 3.28 3.45
N LEU D 441 9.76 2.70 3.68
CA LEU D 441 9.60 1.76 4.79
C LEU D 441 10.40 0.48 4.56
N LEU D 442 10.41 -0.02 3.32
CA LEU D 442 11.19 -1.22 3.01
C LEU D 442 12.68 -1.02 3.22
N VAL D 443 13.21 0.13 2.79
CA VAL D 443 14.63 0.40 2.97
C VAL D 443 14.99 0.52 4.45
N LEU D 444 14.14 1.23 5.22
CA LEU D 444 14.40 1.42 6.65
C LEU D 444 14.36 0.11 7.43
N LEU D 445 13.48 -0.82 7.05
CA LEU D 445 13.44 -2.10 7.76
C LEU D 445 14.61 -3.01 7.38
N GLU D 446 14.95 -3.06 6.08
CA GLU D 446 16.01 -3.98 5.64
C GLU D 446 17.38 -3.57 6.14
N ASN D 447 17.62 -2.26 6.33
CA ASN D 447 18.90 -1.81 6.88
C ASN D 447 19.12 -2.31 8.30
N GLU D 448 18.08 -2.22 9.14
CA GLU D 448 18.20 -2.66 10.53
C GLU D 448 18.35 -4.18 10.61
N ARG D 449 17.63 -4.91 9.74
CA ARG D 449 17.79 -6.37 9.70
C ARG D 449 19.21 -6.77 9.31
N THR D 450 19.82 -6.06 8.34
CA THR D 450 21.19 -6.35 7.93
C THR D 450 22.19 -6.11 9.05
N LEU D 451 22.04 -4.99 9.78
CA LEU D 451 22.98 -4.66 10.87
C LEU D 451 22.89 -5.68 12.01
N ASP D 452 21.66 -6.06 12.39
CA ASP D 452 21.49 -7.08 13.43
C ASP D 452 22.03 -8.43 13.00
N PHE D 453 21.90 -8.77 11.72
CA PHE D 453 22.44 -10.02 11.18
C PHE D 453 23.96 -10.06 11.28
N HIS D 454 24.63 -8.94 11.01
CA HIS D 454 26.08 -8.88 11.13
C HIS D 454 26.54 -9.06 12.58
N ASP D 455 25.88 -8.39 13.53
CA ASP D 455 26.27 -8.54 14.93
C ASP D 455 26.02 -9.97 15.43
N SER D 456 24.94 -10.60 14.97
CA SER D 456 24.68 -12.00 15.34
C SER D 456 25.77 -12.93 14.82
N ASN D 457 26.24 -12.71 13.58
CA ASN D 457 27.29 -13.56 13.01
C ASN D 457 28.60 -13.45 13.81
N VAL D 458 28.96 -12.23 14.21
CA VAL D 458 30.17 -12.06 15.02
C VAL D 458 30.03 -12.76 16.38
N LYS D 459 28.84 -12.68 16.99
CA LYS D 459 28.61 -13.38 18.26
C LYS D 459 28.71 -14.89 18.12
N ASN D 460 28.19 -15.46 17.01
CA ASN D 460 28.34 -16.90 16.81
C ASN D 460 29.80 -17.33 16.64
N LEU D 461 30.62 -16.53 15.94
CA LEU D 461 32.04 -16.89 15.85
C LEU D 461 32.74 -16.85 17.21
N TYR D 462 32.43 -15.84 18.02
CA TYR D 462 33.01 -15.75 19.36
C TYR D 462 32.59 -16.93 20.24
N GLU D 463 31.32 -17.33 20.16
CA GLU D 463 30.83 -18.46 20.93
C GLU D 463 31.48 -19.76 20.49
N LYS D 464 31.73 -19.91 19.18
CA LYS D 464 32.36 -21.13 18.67
C LYS D 464 33.81 -21.25 19.14
N VAL D 465 34.56 -20.15 19.11
CA VAL D 465 35.96 -20.18 19.56
C VAL D 465 36.03 -20.43 21.06
N LYS D 466 35.11 -19.82 21.84
CA LYS D 466 34.98 -20.11 23.27
C LYS D 466 34.71 -21.58 23.54
N ASN D 467 33.77 -22.18 22.80
CA ASN D 467 33.38 -23.56 23.06
C ASN D 467 34.48 -24.54 22.68
N GLN D 468 35.27 -24.21 21.67
CA GLN D 468 36.40 -25.09 21.32
C GLN D 468 37.53 -24.95 22.33
N LEU D 469 37.85 -23.73 22.75
CA LEU D 469 39.02 -23.54 23.60
C LEU D 469 38.80 -23.99 25.04
N ARG D 470 37.61 -23.69 25.61
CA ARG D 470 37.26 -23.95 27.01
C ARG D 470 38.27 -23.37 28.00
N ASN D 471 38.81 -24.22 28.87
CA ASN D 471 39.53 -23.78 30.06
C ASN D 471 40.98 -23.42 29.72
N ASN D 472 41.49 -23.88 28.57
CA ASN D 472 42.89 -23.73 28.24
C ASN D 472 43.30 -22.29 27.95
N ALA D 473 42.35 -21.40 27.70
CA ALA D 473 42.63 -19.99 27.49
C ALA D 473 41.75 -19.17 28.41
N LYS D 474 42.27 -18.01 28.79
CA LYS D 474 41.58 -17.10 29.69
C LYS D 474 40.98 -15.95 28.89
N GLU D 475 39.71 -15.65 29.14
CA GLU D 475 39.08 -14.49 28.52
C GLU D 475 39.62 -13.22 29.16
N LEU D 476 40.30 -12.41 28.35
CA LEU D 476 40.80 -11.13 28.80
C LEU D 476 39.78 -10.01 28.62
N GLY D 477 38.50 -10.34 28.57
CA GLY D 477 37.51 -9.39 28.11
C GLY D 477 37.65 -9.18 26.62
N ASN D 478 37.01 -8.11 26.14
CA ASN D 478 37.19 -7.44 24.83
C ASN D 478 37.31 -8.38 23.63
N GLY D 479 36.67 -9.55 23.68
CA GLY D 479 36.67 -10.48 22.57
C GLY D 479 38.02 -11.09 22.23
N CYS D 480 38.86 -11.35 23.22
CA CYS D 480 40.16 -11.96 23.00
C CYS D 480 40.41 -13.07 24.01
N PHE D 481 41.26 -14.02 23.63
CA PHE D 481 41.61 -15.15 24.47
C PHE D 481 43.12 -15.23 24.62
N GLU D 482 43.59 -15.36 25.86
CA GLU D 482 45.02 -15.53 26.14
C GLU D 482 45.29 -17.01 26.43
N PHE D 483 46.17 -17.61 25.64
CA PHE D 483 46.48 -19.02 25.77
C PHE D 483 47.36 -19.24 26.98
N TYR D 484 46.97 -20.19 27.84
CA TYR D 484 47.84 -20.55 28.96
C TYR D 484 49.04 -21.35 28.49
N HIS D 485 48.83 -22.29 27.58
CA HIS D 485 49.92 -23.13 27.09
C HIS D 485 50.60 -22.44 25.91
N LYS D 486 51.55 -23.13 25.29
CA LYS D 486 52.29 -22.62 24.14
C LYS D 486 51.56 -23.03 22.86
N CYS D 487 51.11 -22.04 22.10
CA CYS D 487 50.29 -22.26 20.93
C CYS D 487 50.99 -21.68 19.71
N ASP D 488 51.56 -22.55 18.88
CA ASP D 488 52.24 -22.13 17.67
C ASP D 488 51.23 -21.89 16.56
N ASN D 489 51.74 -21.82 15.31
CA ASN D 489 50.89 -21.50 14.17
C ASN D 489 49.85 -22.59 13.91
N GLU D 490 50.29 -23.85 13.82
CA GLU D 490 49.36 -24.94 13.53
C GLU D 490 48.32 -25.10 14.63
N CYS D 491 48.68 -24.75 15.86
CA CYS D 491 47.71 -24.57 16.93
C CYS D 491 46.69 -23.46 16.61
N MET D 492 47.12 -22.39 15.91
CA MET D 492 46.18 -21.33 15.58
C MET D 492 45.22 -21.74 14.47
N GLU D 493 45.71 -22.38 13.40
CA GLU D 493 44.71 -22.85 12.43
C GLU D 493 43.93 -24.06 12.93
N SER D 494 44.36 -24.71 14.02
CA SER D 494 43.53 -25.74 14.65
C SER D 494 42.24 -25.14 15.21
N VAL D 495 42.32 -23.98 15.86
CA VAL D 495 41.10 -23.36 16.39
C VAL D 495 40.42 -22.53 15.30
N LYS D 496 41.17 -22.19 14.24
CA LYS D 496 40.55 -21.47 13.13
C LYS D 496 39.64 -22.36 12.29
N ASN D 497 40.06 -23.57 11.92
CA ASN D 497 39.24 -24.37 11.01
C ASN D 497 38.33 -25.37 11.71
N GLY D 498 38.28 -25.36 13.04
CA GLY D 498 37.28 -26.11 13.76
C GLY D 498 37.73 -27.42 14.37
N THR D 499 39.01 -27.78 14.22
CA THR D 499 39.53 -29.04 14.75
C THR D 499 40.64 -28.73 15.74
N TYR D 500 40.25 -28.57 17.02
CA TYR D 500 41.20 -28.28 18.08
C TYR D 500 41.18 -29.42 19.08
N ASP D 501 42.34 -30.07 19.25
CA ASP D 501 42.41 -31.26 20.09
C ASP D 501 42.67 -30.85 21.54
N TYR D 502 41.65 -31.03 22.37
CA TYR D 502 41.73 -30.65 23.78
C TYR D 502 42.80 -31.38 24.60
N PRO D 503 42.92 -32.73 24.59
CA PRO D 503 43.76 -33.35 25.62
C PRO D 503 45.26 -33.23 25.38
N LYS D 504 45.68 -32.78 24.19
CA LYS D 504 47.11 -32.66 23.92
C LYS D 504 47.72 -31.52 24.72
N TYR D 505 47.02 -30.39 24.81
CA TYR D 505 47.55 -29.20 25.45
C TYR D 505 46.93 -28.98 26.83
N SER D 506 46.23 -29.97 27.36
CA SER D 506 45.48 -29.77 28.59
C SER D 506 46.38 -29.78 29.82
N GLU D 507 47.43 -30.61 29.79
CA GLU D 507 48.27 -30.81 30.97
C GLU D 507 49.10 -29.58 31.30
N GLU D 508 49.73 -29.00 30.28
CA GLU D 508 50.53 -27.79 30.48
C GLU D 508 49.65 -26.60 30.86
N SER D 509 48.44 -26.55 30.31
CA SER D 509 47.49 -25.50 30.67
C SER D 509 47.05 -25.63 32.11
N LYS D 510 46.84 -26.88 32.56
CA LYS D 510 46.52 -27.12 33.97
C LYS D 510 47.66 -26.70 34.88
N LEU D 511 48.90 -27.01 34.48
CA LEU D 511 50.05 -26.63 35.29
C LEU D 511 50.21 -25.11 35.38
N ASN D 512 50.08 -24.42 34.23
CA ASN D 512 50.27 -22.98 34.22
C ASN D 512 49.09 -22.24 34.86
N ARG D 513 47.91 -22.86 34.84
CA ARG D 513 46.77 -22.26 35.53
C ARG D 513 46.90 -22.44 37.04
N GLU D 514 47.32 -23.62 37.49
CA GLU D 514 47.39 -23.89 38.92
C GLU D 514 48.59 -23.20 39.55
N LYS D 515 49.62 -22.91 38.76
CA LYS D 515 50.78 -22.19 39.30
C LYS D 515 50.44 -20.72 39.53
N ILE D 516 49.50 -20.18 38.77
CA ILE D 516 49.10 -18.78 38.93
C ILE D 516 48.06 -18.65 40.03
N GLN E 1 53.08 -7.57 -22.73
CA GLN E 1 52.33 -8.68 -23.31
C GLN E 1 52.28 -9.87 -22.36
N VAL E 2 51.08 -10.26 -21.96
CA VAL E 2 50.88 -11.40 -21.08
C VAL E 2 50.55 -12.61 -21.94
N GLN E 3 51.43 -13.61 -21.94
CA GLN E 3 51.27 -14.80 -22.76
C GLN E 3 51.17 -16.02 -21.86
N LEU E 4 50.21 -16.88 -22.16
CA LEU E 4 49.98 -18.11 -21.42
C LEU E 4 50.15 -19.31 -22.34
N GLN E 5 50.90 -20.31 -21.88
CA GLN E 5 51.19 -21.50 -22.66
C GLN E 5 50.94 -22.73 -21.80
N GLU E 6 50.32 -23.75 -22.41
CA GLU E 6 50.00 -24.99 -21.73
C GLU E 6 50.89 -26.13 -22.24
N SER E 7 51.24 -27.04 -21.35
CA SER E 7 52.02 -28.23 -21.68
C SER E 7 51.55 -29.40 -20.83
N GLY E 8 51.45 -30.58 -21.45
CA GLY E 8 51.05 -31.77 -20.74
C GLY E 8 51.05 -33.02 -21.60
N PRO E 9 50.83 -34.18 -20.98
CA PRO E 9 50.78 -35.44 -21.74
C PRO E 9 49.42 -35.66 -22.39
N GLY E 10 49.41 -36.05 -23.67
CA GLY E 10 48.15 -36.27 -24.35
C GLY E 10 47.43 -37.53 -23.91
N LEU E 11 48.18 -38.58 -23.61
CA LEU E 11 47.61 -39.89 -23.32
C LEU E 11 47.68 -40.18 -21.83
N VAL E 12 46.55 -40.59 -21.26
CA VAL E 12 46.48 -41.05 -19.88
C VAL E 12 45.61 -42.30 -19.84
N LYS E 13 46.06 -43.32 -19.12
CA LYS E 13 45.28 -44.53 -18.94
C LYS E 13 44.18 -44.29 -17.90
N PRO E 14 43.11 -45.08 -17.94
CA PRO E 14 42.06 -44.96 -16.91
C PRO E 14 42.58 -45.30 -15.52
N SER E 15 41.96 -44.68 -14.51
CA SER E 15 42.22 -44.75 -13.08
C SER E 15 43.58 -44.17 -12.69
N GLU E 16 44.22 -43.38 -13.55
CA GLU E 16 45.46 -42.70 -13.20
C GLU E 16 45.19 -41.22 -12.91
N THR E 17 46.26 -40.47 -12.74
CA THR E 17 46.19 -39.06 -12.38
C THR E 17 46.73 -38.20 -13.52
N LEU E 18 45.92 -37.23 -13.94
CA LEU E 18 46.24 -36.35 -15.06
C LEU E 18 46.83 -35.03 -14.54
N SER E 19 47.90 -34.57 -15.17
CA SER E 19 48.62 -33.38 -14.73
C SER E 19 48.91 -32.46 -15.91
N LEU E 20 48.54 -31.19 -15.78
CA LEU E 20 48.87 -30.17 -16.77
C LEU E 20 49.49 -28.97 -16.07
N THR E 21 50.36 -28.28 -16.81
CA THR E 21 51.03 -27.08 -16.33
C THR E 21 50.80 -25.94 -17.33
N CYS E 22 50.47 -24.77 -16.82
CA CYS E 22 50.23 -23.57 -17.61
C CYS E 22 51.33 -22.56 -17.28
N THR E 23 52.38 -22.56 -18.09
CA THR E 23 53.49 -21.63 -17.89
C THR E 23 53.09 -20.23 -18.31
N VAL E 24 53.34 -19.25 -17.44
CA VAL E 24 52.96 -17.87 -17.66
C VAL E 24 54.21 -17.03 -17.82
N SER E 25 54.22 -16.18 -18.86
CA SER E 25 55.31 -15.25 -19.10
C SER E 25 54.74 -13.86 -19.36
N GLY E 26 55.49 -12.85 -18.93
CA GLY E 26 55.13 -11.48 -19.15
C GLY E 26 54.57 -10.76 -17.94
N ALA E 27 54.15 -11.49 -16.90
CA ALA E 27 53.58 -10.87 -15.72
C ALA E 27 53.80 -11.78 -14.51
N SER E 28 53.69 -11.18 -13.33
CA SER E 28 53.82 -11.93 -12.09
C SER E 28 52.58 -12.78 -11.85
N VAL E 29 52.75 -13.86 -11.09
CA VAL E 29 51.64 -14.76 -10.82
C VAL E 29 50.77 -14.24 -9.68
N SER E 30 51.29 -13.28 -8.90
CA SER E 30 50.61 -12.87 -7.68
C SER E 30 49.40 -11.98 -7.95
N SER E 31 49.44 -11.23 -9.05
CA SER E 31 48.43 -10.20 -9.31
C SER E 31 47.21 -10.72 -10.06
N TYR E 32 46.99 -12.03 -10.10
CA TYR E 32 45.89 -12.59 -10.88
C TYR E 32 45.23 -13.74 -10.15
N PHE E 33 43.92 -13.86 -10.34
CA PHE E 33 43.21 -15.13 -10.14
C PHE E 33 43.53 -16.05 -11.30
N TRP E 34 43.61 -17.35 -11.03
CA TRP E 34 43.95 -18.34 -12.03
C TRP E 34 42.87 -19.42 -12.06
N SER E 35 42.36 -19.74 -13.25
CA SER E 35 41.25 -20.66 -13.40
C SER E 35 41.54 -21.70 -14.47
N TRP E 36 40.92 -22.87 -14.31
CA TRP E 36 40.99 -23.95 -15.31
C TRP E 36 39.59 -24.18 -15.88
N ILE E 37 39.50 -24.31 -17.20
CA ILE E 37 38.24 -24.56 -17.90
C ILE E 37 38.43 -25.69 -18.89
N ARG E 38 37.54 -26.69 -18.85
CA ARG E 38 37.60 -27.80 -19.79
C ARG E 38 36.40 -27.76 -20.72
N GLN E 39 36.59 -28.31 -21.93
CA GLN E 39 35.54 -28.37 -22.93
C GLN E 39 35.57 -29.72 -23.63
N PRO E 40 34.49 -30.50 -23.55
CA PRO E 40 34.41 -31.73 -24.33
C PRO E 40 34.24 -31.43 -25.81
N ALA E 41 34.48 -32.44 -26.64
CA ALA E 41 34.37 -32.30 -28.08
C ALA E 41 32.94 -32.04 -28.53
N GLY E 42 32.68 -30.84 -29.03
CA GLY E 42 31.36 -30.45 -29.51
C GLY E 42 30.32 -30.33 -28.42
N LYS E 43 30.70 -29.81 -27.26
CA LYS E 43 29.79 -29.60 -26.15
C LYS E 43 30.06 -28.23 -25.52
N ALA E 44 29.47 -28.00 -24.36
CA ALA E 44 29.58 -26.72 -23.69
C ALA E 44 30.83 -26.64 -22.83
N LEU E 45 31.27 -25.40 -22.58
CA LEU E 45 32.40 -25.16 -21.68
C LEU E 45 32.00 -25.45 -20.24
N GLU E 46 32.94 -25.97 -19.46
CA GLU E 46 32.70 -26.33 -18.08
C GLU E 46 33.83 -25.79 -17.21
N TRP E 47 33.47 -25.18 -16.08
CA TRP E 47 34.43 -24.54 -15.19
C TRP E 47 34.92 -25.52 -14.14
N ILE E 48 36.24 -25.54 -13.92
CA ILE E 48 36.84 -26.50 -13.00
C ILE E 48 37.07 -25.83 -11.64
N GLY E 49 37.90 -24.80 -11.60
CA GLY E 49 38.19 -24.14 -10.36
C GLY E 49 39.14 -22.97 -10.53
N ARG E 50 39.39 -22.29 -9.39
CA ARG E 50 40.23 -21.07 -9.32
C ARG E 50 41.22 -21.15 -8.16
N ILE E 51 42.21 -20.25 -8.09
CA ILE E 51 43.21 -20.17 -6.98
C ILE E 51 43.80 -18.76 -7.01
N TYR E 52 44.31 -18.23 -5.91
CA TYR E 52 45.01 -16.92 -5.91
C TYR E 52 46.36 -17.12 -5.25
N THR E 53 47.15 -16.07 -5.01
CA THR E 53 48.52 -16.30 -4.48
C THR E 53 48.51 -16.89 -3.05
N SER E 54 47.71 -16.36 -2.12
CA SER E 54 47.70 -16.87 -0.73
C SER E 54 47.17 -18.29 -0.70
N GLY E 55 46.06 -18.57 -1.37
CA GLY E 55 45.62 -19.97 -1.50
C GLY E 55 44.24 -20.35 -1.00
N ASN E 56 43.28 -20.44 -1.91
CA ASN E 56 41.96 -21.00 -1.56
C ASN E 56 41.46 -21.58 -2.88
N THR E 57 41.51 -22.90 -3.04
CA THR E 57 41.14 -23.47 -4.34
C THR E 57 39.64 -23.69 -4.33
N LYS E 58 38.89 -22.71 -4.81
CA LYS E 58 37.42 -22.91 -4.91
C LYS E 58 37.16 -23.60 -6.23
N SER E 59 36.45 -24.72 -6.20
CA SER E 59 36.18 -25.53 -7.37
C SER E 59 34.71 -25.90 -7.47
N ASN E 60 34.39 -26.56 -8.59
CA ASN E 60 33.03 -26.99 -8.88
C ASN E 60 32.61 -28.10 -7.91
N PRO E 61 31.39 -28.05 -7.38
CA PRO E 61 30.93 -29.13 -6.49
C PRO E 61 30.83 -30.49 -7.14
N SER E 62 30.61 -30.56 -8.46
CA SER E 62 30.54 -31.85 -9.14
C SER E 62 31.91 -32.52 -9.22
N LEU E 63 32.96 -31.72 -9.40
CA LEU E 63 34.32 -32.23 -9.47
C LEU E 63 35.16 -31.81 -8.27
N GLU E 64 34.56 -31.70 -7.08
CA GLU E 64 35.28 -31.19 -5.91
C GLU E 64 36.26 -32.22 -5.37
N SER E 65 35.87 -33.50 -5.36
CA SER E 65 36.66 -34.51 -4.66
C SER E 65 37.90 -34.90 -5.44
N ARG E 66 37.92 -34.66 -6.75
CA ARG E 66 38.96 -35.17 -7.61
C ARG E 66 39.87 -34.08 -8.19
N VAL E 67 39.86 -32.88 -7.63
CA VAL E 67 40.60 -31.76 -8.19
C VAL E 67 41.66 -31.33 -7.17
N THR E 68 42.82 -30.91 -7.67
CA THR E 68 43.90 -30.39 -6.85
C THR E 68 44.68 -29.38 -7.66
N MET E 69 44.77 -28.16 -7.14
CA MET E 69 45.28 -27.02 -7.89
C MET E 69 46.38 -26.35 -7.07
N SER E 70 47.45 -25.95 -7.75
CA SER E 70 48.61 -25.40 -7.07
C SER E 70 49.31 -24.42 -8.00
N LEU E 71 50.15 -23.56 -7.41
CA LEU E 71 50.88 -22.56 -8.17
C LEU E 71 52.21 -22.26 -7.51
N ASP E 72 53.23 -22.01 -8.32
CA ASP E 72 54.59 -21.76 -7.85
C ASP E 72 55.08 -20.46 -8.45
N ALA E 73 55.57 -19.56 -7.60
CA ALA E 73 55.98 -18.23 -8.07
C ALA E 73 57.42 -18.22 -8.54
N SER E 74 58.21 -19.22 -8.15
CA SER E 74 59.62 -19.25 -8.54
C SER E 74 59.78 -19.57 -10.03
N LYS E 75 59.01 -20.53 -10.53
CA LYS E 75 59.04 -20.87 -11.94
C LYS E 75 57.88 -20.27 -12.72
N ASP E 76 57.00 -19.50 -12.05
CA ASP E 76 55.79 -18.90 -12.61
C ASP E 76 54.89 -19.95 -13.27
N GLN E 77 54.56 -20.98 -12.49
CA GLN E 77 53.86 -22.13 -13.04
C GLN E 77 52.56 -22.40 -12.29
N PHE E 78 51.59 -22.92 -13.02
CA PHE E 78 50.25 -23.20 -12.54
C PHE E 78 49.90 -24.64 -12.89
N SER E 79 49.38 -25.40 -11.94
CA SER E 79 49.26 -26.83 -12.14
C SER E 79 47.83 -27.30 -11.88
N LEU E 80 47.47 -28.41 -12.54
CA LEU E 80 46.23 -29.12 -12.28
C LEU E 80 46.54 -30.58 -12.01
N LYS E 81 45.78 -31.18 -11.08
CA LYS E 81 45.94 -32.60 -10.71
C LYS E 81 44.53 -33.21 -10.65
N LEU E 82 44.18 -33.96 -11.69
CA LEU E 82 42.87 -34.60 -11.78
C LEU E 82 43.03 -36.10 -11.48
N THR E 83 42.42 -36.56 -10.40
CA THR E 83 42.57 -37.96 -10.00
C THR E 83 41.34 -38.77 -10.40
N SER E 84 41.54 -40.09 -10.50
CA SER E 84 40.57 -41.10 -10.93
C SER E 84 39.90 -40.74 -12.25
N VAL E 85 40.70 -40.68 -13.32
CA VAL E 85 40.23 -40.22 -14.63
C VAL E 85 39.30 -41.26 -15.24
N THR E 86 38.40 -40.79 -16.08
CA THR E 86 37.35 -41.58 -16.70
C THR E 86 37.32 -41.16 -18.19
N ALA E 87 36.68 -41.98 -19.03
CA ALA E 87 36.58 -41.65 -20.46
C ALA E 87 35.72 -40.42 -20.74
N ALA E 88 34.94 -39.96 -19.75
CA ALA E 88 34.20 -38.72 -19.90
C ALA E 88 35.09 -37.49 -19.76
N ASP E 89 36.34 -37.68 -19.33
CA ASP E 89 37.26 -36.57 -19.11
C ASP E 89 38.09 -36.21 -20.34
N THR E 90 37.72 -36.71 -21.53
CA THR E 90 38.39 -36.31 -22.77
C THR E 90 37.97 -34.89 -23.11
N ALA E 91 38.92 -33.96 -23.11
CA ALA E 91 38.55 -32.55 -23.24
C ALA E 91 39.73 -31.73 -23.71
N VAL E 92 39.43 -30.51 -24.15
CA VAL E 92 40.44 -29.47 -24.32
C VAL E 92 40.45 -28.59 -23.08
N TYR E 93 41.64 -28.37 -22.53
CA TYR E 93 41.81 -27.64 -21.27
C TYR E 93 42.44 -26.29 -21.56
N TYR E 94 41.85 -25.23 -21.00
CA TYR E 94 42.37 -23.87 -21.09
C TYR E 94 42.65 -23.33 -19.69
N CYS E 95 43.70 -22.52 -19.59
CA CYS E 95 44.03 -21.80 -18.37
C CYS E 95 43.76 -20.32 -18.58
N ALA E 96 43.10 -19.69 -17.61
CA ALA E 96 42.66 -18.31 -17.73
C ALA E 96 43.12 -17.50 -16.54
N ALA E 97 43.34 -16.21 -16.78
CA ALA E 97 43.85 -15.28 -15.78
C ALA E 97 42.91 -14.10 -15.65
N GLY E 98 42.63 -13.69 -14.42
CA GLY E 98 41.80 -12.53 -14.17
C GLY E 98 42.43 -11.55 -13.20
N ARG E 99 42.06 -10.27 -13.28
CA ARG E 99 42.71 -9.26 -12.46
C ARG E 99 42.25 -9.34 -11.01
N LEU E 100 43.18 -9.09 -10.10
CA LEU E 100 42.94 -9.13 -8.66
C LEU E 100 43.23 -7.75 -8.08
N ASP E 101 42.27 -7.20 -7.34
CA ASP E 101 42.45 -5.95 -6.61
C ASP E 101 42.43 -6.27 -5.12
N TYR E 102 43.48 -5.88 -4.40
CA TYR E 102 43.60 -6.26 -3.00
C TYR E 102 42.70 -5.41 -2.11
N SER E 103 42.29 -4.23 -2.57
CA SER E 103 41.38 -3.41 -1.79
C SER E 103 39.95 -3.93 -1.87
N ASP E 104 39.61 -4.68 -2.92
CA ASP E 104 38.26 -5.17 -3.12
C ASP E 104 38.05 -6.42 -2.26
N THR E 105 37.29 -6.27 -1.19
CA THR E 105 37.03 -7.39 -0.28
C THR E 105 36.05 -8.38 -0.90
N THR E 106 34.99 -7.90 -1.55
CA THR E 106 33.94 -8.76 -2.06
C THR E 106 34.37 -9.60 -3.25
N GLY E 107 35.43 -9.19 -3.94
CA GLY E 107 35.82 -9.88 -5.17
C GLY E 107 36.42 -11.26 -4.92
N TYR E 108 36.74 -11.56 -3.66
CA TYR E 108 37.17 -12.89 -3.30
C TYR E 108 36.02 -13.88 -3.25
N TYR E 109 34.78 -13.39 -3.15
CA TYR E 109 33.61 -14.23 -2.97
C TYR E 109 32.61 -14.14 -4.12
N LYS E 110 33.11 -13.96 -5.34
CA LYS E 110 32.36 -14.16 -6.57
C LYS E 110 33.28 -14.88 -7.54
N PRO E 111 32.73 -15.50 -8.60
CA PRO E 111 33.59 -16.11 -9.63
C PRO E 111 34.53 -15.09 -10.25
N PRO E 112 35.77 -15.50 -10.55
CA PRO E 112 36.76 -14.53 -10.99
C PRO E 112 36.51 -14.11 -12.43
N PRO E 113 37.02 -12.94 -12.83
CA PRO E 113 36.94 -12.57 -14.24
C PRO E 113 37.88 -13.42 -15.09
N LEU E 114 37.56 -13.53 -16.37
CA LEU E 114 38.33 -14.32 -17.32
C LEU E 114 38.80 -13.38 -18.42
N ASP E 115 40.08 -12.96 -18.35
CA ASP E 115 40.59 -11.92 -19.22
C ASP E 115 41.53 -12.50 -20.28
N TYR E 116 42.59 -13.20 -19.88
CA TYR E 116 43.59 -13.71 -20.82
C TYR E 116 43.47 -15.24 -20.86
N TRP E 117 43.13 -15.77 -22.02
CA TRP E 117 42.96 -17.20 -22.19
C TRP E 117 44.28 -17.83 -22.63
N GLY E 118 44.25 -19.14 -22.86
CA GLY E 118 45.44 -19.86 -23.30
C GLY E 118 45.12 -20.73 -24.50
N GLN E 119 46.18 -21.31 -25.06
CA GLN E 119 46.08 -22.06 -26.31
C GLN E 119 45.34 -23.39 -26.16
N GLY E 120 45.32 -23.99 -24.97
CA GLY E 120 44.57 -25.21 -24.76
C GLY E 120 45.34 -26.48 -25.07
N ALA E 121 45.07 -27.55 -24.32
CA ALA E 121 45.71 -28.84 -24.53
C ALA E 121 44.65 -29.93 -24.60
N LEU E 122 44.81 -30.86 -25.53
CA LEU E 122 43.87 -31.95 -25.72
C LEU E 122 44.29 -33.15 -24.89
N VAL E 123 43.35 -33.70 -24.13
CA VAL E 123 43.59 -34.87 -23.27
C VAL E 123 42.53 -35.90 -23.61
N THR E 124 42.97 -37.10 -23.98
CA THR E 124 42.08 -38.23 -24.16
C THR E 124 42.42 -39.33 -23.16
N VAL E 125 41.41 -40.08 -22.74
CA VAL E 125 41.55 -41.12 -21.73
C VAL E 125 41.27 -42.45 -22.41
N SER E 126 42.34 -43.22 -22.64
CA SER E 126 42.21 -44.53 -23.29
C SER E 126 43.33 -45.45 -22.86
N ASP F 1 22.88 -25.11 -9.74
CA ASP F 1 23.59 -24.01 -10.38
C ASP F 1 22.63 -23.02 -11.01
N VAL F 2 23.13 -22.18 -11.90
CA VAL F 2 22.32 -21.22 -12.64
C VAL F 2 22.26 -21.67 -14.09
N VAL F 3 21.05 -21.87 -14.61
CA VAL F 3 20.85 -22.38 -15.95
C VAL F 3 20.72 -21.21 -16.91
N MET F 4 21.55 -21.20 -17.95
CA MET F 4 21.54 -20.15 -18.96
C MET F 4 21.06 -20.74 -20.28
N THR F 5 20.08 -20.08 -20.90
CA THR F 5 19.49 -20.52 -22.16
C THR F 5 19.74 -19.48 -23.23
N GLN F 6 20.24 -19.92 -24.38
CA GLN F 6 20.52 -19.04 -25.51
C GLN F 6 19.56 -19.34 -26.65
N SER F 7 19.18 -18.29 -27.38
CA SER F 7 18.31 -18.41 -28.54
C SER F 7 18.80 -17.49 -29.65
N PRO F 8 18.85 -17.98 -30.91
CA PRO F 8 18.59 -19.36 -31.32
C PRO F 8 19.85 -20.21 -31.31
N LEU F 9 19.73 -21.50 -31.67
CA LEU F 9 20.90 -22.35 -31.74
C LEU F 9 21.76 -22.01 -32.96
N SER F 10 21.12 -21.84 -34.12
CA SER F 10 21.80 -21.46 -35.34
C SER F 10 21.11 -20.24 -35.94
N LEU F 11 21.89 -19.22 -36.29
CA LEU F 11 21.38 -17.98 -36.84
C LEU F 11 22.13 -17.65 -38.12
N PRO F 12 21.68 -18.19 -39.26
CA PRO F 12 22.31 -17.83 -40.54
C PRO F 12 21.89 -16.43 -40.98
N VAL F 13 22.90 -15.59 -41.24
CA VAL F 13 22.65 -14.21 -41.65
C VAL F 13 23.47 -13.92 -42.91
N THR F 14 22.99 -12.97 -43.70
CA THR F 14 23.64 -12.54 -44.93
C THR F 14 24.57 -11.36 -44.60
N LEU F 15 25.62 -11.20 -45.41
CA LEU F 15 26.58 -10.11 -45.26
C LEU F 15 25.91 -8.74 -45.29
N GLY F 16 26.24 -7.91 -44.32
CA GLY F 16 25.66 -6.59 -44.20
C GLY F 16 24.32 -6.52 -43.50
N GLN F 17 23.88 -7.59 -42.84
CA GLN F 17 22.62 -7.58 -42.14
C GLN F 17 22.83 -7.76 -40.63
N PRO F 18 21.97 -7.16 -39.79
CA PRO F 18 22.14 -7.31 -38.34
C PRO F 18 21.77 -8.70 -37.85
N ALA F 19 22.32 -9.06 -36.69
CA ALA F 19 22.01 -10.32 -36.03
C ALA F 19 21.88 -10.09 -34.53
N SER F 20 21.10 -10.95 -33.87
CA SER F 20 20.85 -10.83 -32.44
C SER F 20 20.81 -12.19 -31.78
N ILE F 21 21.46 -12.30 -30.62
CA ILE F 21 21.46 -13.51 -29.80
C ILE F 21 20.94 -13.14 -28.42
N SER F 22 20.06 -13.99 -27.87
CA SER F 22 19.44 -13.74 -26.57
C SER F 22 19.91 -14.77 -25.55
N CYS F 23 20.25 -14.28 -24.36
CA CYS F 23 20.67 -15.10 -23.23
C CYS F 23 19.75 -14.82 -22.04
N ARG F 24 19.27 -15.89 -21.41
CA ARG F 24 18.34 -15.82 -20.28
C ARG F 24 18.85 -16.66 -19.13
N SER F 25 18.62 -16.19 -17.91
CA SER F 25 19.10 -16.83 -16.70
C SER F 25 17.94 -17.15 -15.78
N SER F 26 18.14 -18.15 -14.91
CA SER F 26 17.10 -18.57 -13.99
C SER F 26 16.95 -17.59 -12.82
N GLN F 27 18.06 -17.00 -12.37
CA GLN F 27 18.05 -16.10 -11.23
C GLN F 27 18.51 -14.71 -11.66
N GLY F 28 18.25 -13.74 -10.80
CA GLY F 28 18.79 -12.41 -11.02
C GLY F 28 20.28 -12.37 -10.78
N LEU F 29 20.98 -11.56 -11.58
CA LEU F 29 22.43 -11.53 -11.58
C LEU F 29 23.01 -10.30 -10.89
N ALA F 30 22.19 -9.55 -10.16
CA ALA F 30 22.71 -8.38 -9.46
C ALA F 30 23.52 -8.79 -8.25
N PHE F 31 24.59 -8.05 -8.00
CA PHE F 31 25.51 -8.28 -6.90
C PHE F 31 25.36 -7.17 -5.87
N LEU F 32 25.99 -7.36 -4.72
CA LEU F 32 25.83 -6.40 -3.63
C LEU F 32 26.75 -5.20 -3.79
N ASP F 33 27.62 -5.22 -4.80
CA ASP F 33 28.43 -4.03 -5.09
C ASP F 33 27.74 -3.12 -6.09
N GLY F 34 26.72 -3.60 -6.79
CA GLY F 34 25.96 -2.81 -7.73
C GLY F 34 26.18 -3.10 -9.20
N ASN F 35 26.66 -4.30 -9.55
CA ASN F 35 26.94 -4.66 -10.94
C ASN F 35 26.28 -5.98 -11.27
N THR F 36 26.39 -6.40 -12.53
CA THR F 36 25.69 -7.59 -13.01
C THR F 36 26.62 -8.76 -13.34
N TYR F 37 27.78 -8.48 -13.96
CA TYR F 37 28.82 -9.47 -14.30
C TYR F 37 28.30 -10.59 -15.21
N LEU F 38 27.97 -10.21 -16.45
CA LEU F 38 27.67 -11.17 -17.51
C LEU F 38 28.60 -10.90 -18.68
N SER F 39 29.15 -11.96 -19.26
CA SER F 39 30.13 -11.80 -20.33
C SER F 39 29.73 -12.59 -21.57
N TRP F 40 30.14 -12.07 -22.73
CA TRP F 40 29.88 -12.66 -24.04
C TRP F 40 31.20 -12.96 -24.72
N PHE F 41 31.38 -14.22 -25.16
CA PHE F 41 32.59 -14.70 -25.80
C PHE F 41 32.33 -15.16 -27.23
N GLN F 42 33.38 -15.07 -28.04
CA GLN F 42 33.40 -15.57 -29.41
C GLN F 42 34.46 -16.66 -29.52
N GLN F 43 34.12 -17.74 -30.21
CA GLN F 43 35.03 -18.84 -30.50
C GLN F 43 35.05 -19.09 -31.99
N ARG F 44 36.20 -18.88 -32.62
CA ARG F 44 36.41 -19.24 -34.01
C ARG F 44 36.71 -20.74 -34.10
N PRO F 45 36.51 -21.35 -35.27
CA PRO F 45 36.84 -22.77 -35.42
C PRO F 45 38.35 -23.03 -35.32
N GLY F 46 38.71 -23.98 -34.45
CA GLY F 46 40.09 -24.34 -34.21
C GLY F 46 40.92 -23.27 -33.54
N GLN F 47 40.36 -22.61 -32.54
CA GLN F 47 41.05 -21.51 -31.88
C GLN F 47 40.50 -21.34 -30.48
N SER F 48 41.28 -20.67 -29.63
CA SER F 48 40.89 -20.43 -28.25
C SER F 48 39.77 -19.38 -28.19
N PRO F 49 38.91 -19.45 -27.17
CA PRO F 49 37.91 -18.40 -27.00
C PRO F 49 38.53 -17.07 -26.60
N ARG F 50 37.90 -16.00 -27.07
CA ARG F 50 38.30 -14.64 -26.72
C ARG F 50 37.07 -13.87 -26.26
N ARG F 51 37.30 -12.83 -25.48
CA ARG F 51 36.22 -12.10 -24.84
C ARG F 51 35.79 -10.92 -25.69
N LEU F 52 34.47 -10.78 -25.85
CA LEU F 52 33.90 -9.63 -26.52
C LEU F 52 33.28 -8.62 -25.56
N ILE F 53 32.36 -9.05 -24.70
CA ILE F 53 31.63 -8.13 -23.84
C ILE F 53 31.85 -8.54 -22.39
N TYR F 54 32.32 -7.62 -21.54
CA TYR F 54 32.44 -7.84 -20.09
C TYR F 54 31.45 -6.92 -19.44
N LYS F 55 30.67 -7.40 -18.52
CA LYS F 55 29.55 -6.69 -17.86
C LYS F 55 28.46 -6.55 -18.89
N VAL F 56 27.39 -5.84 -18.65
CA VAL F 56 26.26 -5.78 -19.57
C VAL F 56 26.60 -4.96 -20.80
N SER F 57 27.18 -3.78 -20.61
CA SER F 57 27.35 -2.84 -21.71
C SER F 57 28.79 -2.57 -22.10
N ASN F 58 29.76 -2.84 -21.23
CA ASN F 58 31.14 -2.48 -21.53
C ASN F 58 31.75 -3.40 -22.58
N ARG F 59 32.56 -2.83 -23.45
CA ARG F 59 33.15 -3.55 -24.57
C ARG F 59 34.66 -3.61 -24.40
N ASP F 60 35.23 -4.79 -24.64
CA ASP F 60 36.65 -5.03 -24.42
C ASP F 60 37.49 -4.29 -25.46
N SER F 61 38.75 -4.04 -25.10
CA SER F 61 39.67 -3.36 -26.00
C SER F 61 40.05 -4.27 -27.16
N GLY F 62 40.09 -3.68 -28.36
CA GLY F 62 40.36 -4.43 -29.56
C GLY F 62 39.14 -5.06 -30.21
N VAL F 63 37.98 -4.97 -29.57
CA VAL F 63 36.73 -5.49 -30.11
C VAL F 63 36.16 -4.42 -31.05
N PRO F 64 35.69 -4.79 -32.25
CA PRO F 64 35.09 -3.80 -33.14
C PRO F 64 33.81 -3.21 -32.58
N ASP F 65 33.45 -2.03 -33.08
CA ASP F 65 32.33 -1.25 -32.55
C ASP F 65 30.99 -1.87 -32.95
N ARG F 66 30.99 -2.83 -33.87
CA ARG F 66 29.73 -3.40 -34.35
C ARG F 66 29.11 -4.35 -33.33
N PHE F 67 29.86 -4.76 -32.31
CA PHE F 67 29.36 -5.62 -31.24
C PHE F 67 28.79 -4.76 -30.13
N SER F 68 27.51 -4.88 -29.83
CA SER F 68 26.89 -4.12 -28.75
C SER F 68 25.94 -5.00 -27.96
N GLY F 69 26.08 -4.99 -26.64
CA GLY F 69 25.25 -5.84 -25.80
C GLY F 69 24.55 -5.03 -24.74
N SER F 70 23.33 -5.44 -24.45
CA SER F 70 22.56 -4.75 -23.41
C SER F 70 21.54 -5.71 -22.85
N GLY F 71 21.03 -5.44 -21.66
CA GLY F 71 20.01 -6.25 -21.03
C GLY F 71 19.90 -5.92 -19.56
N SER F 72 18.93 -6.56 -18.91
CA SER F 72 18.70 -6.33 -17.49
C SER F 72 17.94 -7.51 -16.92
N ARG F 73 17.93 -7.56 -15.58
CA ARG F 73 17.22 -8.61 -14.80
C ARG F 73 17.56 -10.01 -15.27
N THR F 74 16.67 -10.62 -16.03
CA THR F 74 16.91 -11.98 -16.47
C THR F 74 17.08 -12.11 -17.98
N ASP F 75 16.91 -11.05 -18.76
CA ASP F 75 17.03 -11.15 -20.21
C ASP F 75 18.09 -10.20 -20.75
N PHE F 76 18.96 -10.73 -21.63
CA PHE F 76 20.12 -10.04 -22.14
C PHE F 76 20.27 -10.36 -23.63
N THR F 77 20.85 -9.42 -24.39
CA THR F 77 20.92 -9.54 -25.83
C THR F 77 22.24 -8.97 -26.34
N LEU F 78 22.85 -9.71 -27.28
CA LEU F 78 24.02 -9.24 -28.02
C LEU F 78 23.62 -9.02 -29.46
N LYS F 79 23.96 -7.84 -30.01
CA LYS F 79 23.57 -7.42 -31.34
C LYS F 79 24.79 -7.08 -32.18
N ILE F 80 24.76 -7.49 -33.43
CA ILE F 80 25.79 -7.17 -34.42
C ILE F 80 25.11 -6.38 -35.53
N SER F 81 25.58 -5.14 -35.75
CA SER F 81 24.96 -4.29 -36.76
C SER F 81 25.30 -4.74 -38.17
N ARG F 82 26.57 -5.02 -38.44
CA ARG F 82 27.03 -5.51 -39.72
C ARG F 82 27.78 -6.81 -39.53
N VAL F 83 27.42 -7.84 -40.28
CA VAL F 83 28.04 -9.15 -40.18
C VAL F 83 29.04 -9.30 -41.32
N GLU F 84 30.29 -9.61 -40.97
CA GLU F 84 31.36 -9.80 -41.94
C GLU F 84 31.83 -11.25 -41.91
N ALA F 85 32.90 -11.52 -42.67
CA ALA F 85 33.43 -12.87 -42.75
C ALA F 85 34.21 -13.27 -41.50
N GLU F 86 34.70 -12.30 -40.73
CA GLU F 86 35.39 -12.59 -39.47
C GLU F 86 34.42 -12.75 -38.31
N ASP F 87 33.11 -12.74 -38.56
CA ASP F 87 32.10 -12.90 -37.54
C ASP F 87 31.54 -14.31 -37.47
N VAL F 88 32.21 -15.29 -38.09
CA VAL F 88 31.76 -16.67 -37.97
C VAL F 88 32.23 -17.24 -36.64
N GLY F 89 31.52 -18.26 -36.18
CA GLY F 89 31.91 -18.97 -34.98
C GLY F 89 30.74 -19.18 -34.05
N VAL F 90 31.09 -19.55 -32.81
CA VAL F 90 30.12 -19.86 -31.77
C VAL F 90 30.24 -18.82 -30.66
N TYR F 91 29.11 -18.29 -30.22
CA TYR F 91 29.05 -17.25 -29.21
C TYR F 91 28.45 -17.81 -27.93
N TYR F 92 28.99 -17.38 -26.79
CA TYR F 92 28.61 -17.90 -25.48
C TYR F 92 28.34 -16.76 -24.50
N CYS F 93 27.52 -17.04 -23.49
CA CYS F 93 27.29 -16.12 -22.37
C CYS F 93 27.59 -16.80 -21.04
N MET F 94 28.28 -16.07 -20.15
CA MET F 94 28.52 -16.54 -18.79
C MET F 94 27.99 -15.53 -17.79
N GLN F 95 27.77 -16.01 -16.57
CA GLN F 95 27.51 -15.19 -15.39
C GLN F 95 28.68 -15.33 -14.42
N GLY F 96 29.00 -14.25 -13.72
CA GLY F 96 30.12 -14.27 -12.79
C GLY F 96 29.73 -13.85 -11.39
N THR F 97 28.44 -13.96 -11.06
CA THR F 97 27.92 -13.57 -9.77
C THR F 97 27.83 -14.73 -8.78
N HIS F 98 27.21 -15.83 -9.18
CA HIS F 98 26.88 -16.92 -8.27
C HIS F 98 27.84 -18.08 -8.48
N TRP F 99 28.15 -18.79 -7.39
CA TRP F 99 28.90 -20.03 -7.51
C TRP F 99 27.97 -21.16 -7.94
N PRO F 100 28.40 -22.05 -8.86
CA PRO F 100 29.65 -21.98 -9.61
C PRO F 100 29.51 -21.20 -10.91
N LEU F 101 30.60 -21.08 -11.65
CA LEU F 101 30.60 -20.33 -12.90
C LEU F 101 29.95 -21.17 -13.99
N THR F 102 28.93 -20.60 -14.65
CA THR F 102 28.14 -21.31 -15.64
C THR F 102 28.29 -20.64 -17.00
N PHE F 103 28.38 -21.47 -18.04
CA PHE F 103 28.47 -21.01 -19.42
C PHE F 103 27.15 -21.29 -20.13
N GLY F 104 26.96 -20.67 -21.29
CA GLY F 104 25.77 -20.92 -22.07
C GLY F 104 25.92 -22.12 -22.99
N GLY F 105 24.84 -22.42 -23.71
CA GLY F 105 24.87 -23.54 -24.64
C GLY F 105 25.72 -23.25 -25.87
N GLY F 106 25.55 -22.06 -26.45
CA GLY F 106 26.32 -21.68 -27.62
C GLY F 106 25.45 -21.45 -28.85
N THR F 107 25.72 -20.35 -29.57
CA THR F 107 24.99 -20.01 -30.79
C THR F 107 25.96 -19.93 -31.95
N LYS F 108 25.69 -20.69 -33.02
CA LYS F 108 26.55 -20.75 -34.18
C LYS F 108 26.06 -19.77 -35.24
N VAL F 109 26.99 -19.02 -35.84
CA VAL F 109 26.66 -18.04 -36.86
C VAL F 109 27.30 -18.48 -38.17
N GLU F 110 26.47 -18.63 -39.20
CA GLU F 110 26.89 -19.04 -40.54
C GLU F 110 26.51 -17.97 -41.55
N ILE F 111 27.29 -17.85 -42.62
CA ILE F 111 27.02 -16.82 -43.63
C ILE F 111 26.21 -17.43 -44.76
N LYS F 112 25.13 -16.76 -45.14
CA LYS F 112 24.32 -17.19 -46.28
C LYS F 112 24.73 -16.42 -47.53
N ASP G 18 25.58 -9.52 51.13
CA ASP G 18 25.95 -8.56 50.10
C ASP G 18 25.47 -9.02 48.73
N THR G 19 24.42 -8.39 48.22
CA THR G 19 23.75 -8.85 46.99
C THR G 19 23.50 -7.67 46.07
N ILE G 20 23.75 -7.87 44.77
CA ILE G 20 23.36 -6.93 43.73
C ILE G 20 22.49 -7.69 42.72
N CYS G 21 21.42 -7.06 42.25
CA CYS G 21 20.50 -7.66 41.31
C CYS G 21 20.20 -6.68 40.17
N ILE G 22 19.67 -7.22 39.08
CA ILE G 22 19.34 -6.44 37.88
C ILE G 22 17.88 -6.68 37.55
N GLY G 23 17.11 -5.60 37.40
CA GLY G 23 15.69 -5.68 37.13
C GLY G 23 15.25 -4.48 36.32
N TYR G 24 13.93 -4.32 36.20
CA TYR G 24 13.39 -3.19 35.45
C TYR G 24 12.26 -2.51 36.22
N HIS G 25 11.62 -1.54 35.58
CA HIS G 25 10.64 -0.65 36.20
C HIS G 25 9.22 -1.11 35.90
N ALA G 26 8.38 -1.08 36.94
CA ALA G 26 6.98 -1.45 36.83
C ALA G 26 6.15 -0.50 37.67
N ASN G 27 4.87 -0.42 37.34
CA ASN G 27 3.99 0.55 37.99
C ASN G 27 2.56 0.03 37.98
N ASN G 28 1.61 0.93 38.22
CA ASN G 28 0.24 0.53 38.52
C ASN G 28 -0.71 0.69 37.33
N SER G 29 -0.21 1.15 36.18
CA SER G 29 -1.02 1.47 35.00
C SER G 29 -1.71 0.25 34.41
N THR G 30 -2.87 0.47 33.79
CA THR G 30 -3.64 -0.59 33.15
C THR G 30 -3.74 -0.42 31.63
N ASP G 31 -2.72 0.20 31.02
CA ASP G 31 -2.73 0.36 29.57
C ASP G 31 -2.45 -0.96 28.88
N THR G 32 -3.22 -1.24 27.82
CA THR G 32 -3.13 -2.51 27.08
C THR G 32 -2.90 -2.24 25.61
N VAL G 33 -2.07 -3.09 24.98
CA VAL G 33 -1.77 -3.02 23.56
C VAL G 33 -1.94 -4.40 22.94
N ASP G 34 -1.91 -4.43 21.60
CA ASP G 34 -2.01 -5.67 20.83
C ASP G 34 -0.72 -5.89 20.06
N THR G 35 -0.25 -7.15 20.05
CA THR G 35 0.92 -7.56 19.29
C THR G 35 0.56 -8.70 18.36
N VAL G 36 1.58 -9.34 17.78
CA VAL G 36 1.35 -10.38 16.78
C VAL G 36 1.11 -11.73 17.45
N CYS G 37 1.86 -12.06 18.51
CA CYS G 37 1.63 -13.33 19.20
C CYS G 37 0.50 -13.21 20.20
N GLU G 38 0.43 -12.10 20.93
CA GLU G 38 -0.47 -11.97 22.06
C GLU G 38 -1.30 -10.70 21.94
N LYS G 39 -2.52 -10.77 22.47
CA LYS G 39 -3.42 -9.63 22.56
C LYS G 39 -3.68 -9.30 24.03
N ASN G 40 -4.01 -8.01 24.25
CA ASN G 40 -4.16 -7.42 25.59
C ASN G 40 -2.92 -7.62 26.45
N VAL G 41 -1.82 -7.01 26.02
CA VAL G 41 -0.57 -6.99 26.77
C VAL G 41 -0.52 -5.69 27.57
N THR G 42 -0.33 -5.81 28.89
CA THR G 42 -0.29 -4.65 29.76
C THR G 42 1.10 -4.00 29.73
N VAL G 43 1.11 -2.68 29.51
CA VAL G 43 2.35 -1.92 29.37
C VAL G 43 2.34 -0.76 30.36
N THR G 44 3.54 -0.26 30.67
CA THR G 44 3.66 0.86 31.60
C THR G 44 3.18 2.17 30.98
N HIS G 45 3.60 2.45 29.76
CA HIS G 45 3.26 3.69 29.07
C HIS G 45 2.86 3.38 27.63
N SER G 46 2.04 4.26 27.06
CA SER G 46 1.60 4.11 25.69
C SER G 46 1.22 5.49 25.14
N VAL G 47 1.20 5.59 23.81
CA VAL G 47 0.82 6.82 23.10
C VAL G 47 -0.29 6.49 22.12
N ASN G 48 -1.35 7.27 22.17
CA ASN G 48 -2.48 7.17 21.25
C ASN G 48 -2.16 7.92 19.96
N LEU G 49 -2.50 7.31 18.83
CA LEU G 49 -2.31 7.94 17.52
C LEU G 49 -3.64 8.15 16.79
N LEU G 50 -4.75 8.10 17.50
CA LEU G 50 -6.08 8.22 16.91
C LEU G 50 -6.85 9.32 17.61
N GLU G 51 -7.51 10.17 16.83
CA GLU G 51 -8.34 11.24 17.35
C GLU G 51 -9.80 10.94 17.05
N ASP G 52 -10.64 10.94 18.09
CA ASP G 52 -12.05 10.58 17.95
C ASP G 52 -12.99 11.56 18.64
N SER G 53 -12.63 12.83 18.72
CA SER G 53 -13.46 13.84 19.37
C SER G 53 -13.57 15.06 18.47
N HIS G 54 -14.71 15.75 18.55
CA HIS G 54 -14.94 16.98 17.79
C HIS G 54 -15.75 17.96 18.62
N ASN G 55 -15.67 19.23 18.22
CA ASN G 55 -16.45 20.28 18.88
C ASN G 55 -17.94 20.10 18.64
N GLY G 56 -18.31 19.70 17.44
CA GLY G 56 -19.71 19.68 17.03
C GLY G 56 -20.22 20.99 16.50
N LYS G 57 -19.36 21.98 16.28
CA LYS G 57 -19.75 23.30 15.87
C LYS G 57 -18.91 23.76 14.67
N LEU G 58 -19.58 24.29 13.66
CA LEU G 58 -18.87 24.99 12.59
C LEU G 58 -18.29 26.28 13.12
N CYS G 59 -17.05 26.59 12.72
CA CYS G 59 -16.42 27.80 13.21
C CYS G 59 -15.37 28.28 12.23
N ARG G 60 -14.62 29.32 12.57
CA ARG G 60 -13.67 29.94 11.59
C ARG G 60 -12.43 29.09 11.32
N LEU G 61 -11.83 29.24 10.14
CA LEU G 61 -10.60 28.53 9.73
C LEU G 61 -9.64 29.58 9.20
N LYS G 62 -8.37 29.57 9.64
CA LYS G 62 -7.33 30.51 9.14
C LYS G 62 -7.71 31.95 9.45
N GLY G 63 -8.57 32.20 10.44
CA GLY G 63 -9.12 33.55 10.72
C GLY G 63 -10.01 34.12 9.63
N LYS G 64 -10.94 33.34 9.07
CA LYS G 64 -11.94 33.87 8.11
C LYS G 64 -13.25 33.12 8.31
N ALA G 65 -14.40 33.78 8.23
CA ALA G 65 -15.66 33.14 8.52
C ALA G 65 -16.17 32.38 7.30
N PRO G 66 -16.85 31.25 7.51
CA PRO G 66 -17.43 30.52 6.39
C PRO G 66 -18.64 31.21 5.81
N LEU G 67 -18.95 30.87 4.57
CA LEU G 67 -20.17 31.33 3.91
C LEU G 67 -21.27 30.31 4.18
N GLN G 68 -22.30 30.72 4.91
CA GLN G 68 -23.44 29.88 5.21
C GLN G 68 -24.59 30.25 4.27
N LEU G 69 -25.02 29.28 3.47
CA LEU G 69 -26.08 29.52 2.51
C LEU G 69 -27.45 29.49 3.14
N GLY G 70 -27.58 28.96 4.35
CA GLY G 70 -28.86 28.94 5.04
C GLY G 70 -29.82 27.96 4.39
N ASN G 71 -31.02 28.43 4.07
CA ASN G 71 -32.02 27.64 3.39
C ASN G 71 -31.92 27.72 1.87
N CYS G 72 -30.89 28.40 1.35
CA CYS G 72 -30.64 28.51 -0.07
C CYS G 72 -29.60 27.50 -0.50
N ASN G 73 -29.69 27.04 -1.75
CA ASN G 73 -28.62 26.26 -2.35
C ASN G 73 -27.78 27.17 -3.22
N ILE G 74 -26.88 26.57 -4.02
CA ILE G 74 -26.01 27.35 -4.89
C ILE G 74 -26.78 28.04 -6.01
N ALA G 75 -27.77 27.35 -6.60
CA ALA G 75 -28.56 27.91 -7.70
C ALA G 75 -29.39 29.10 -7.26
N GLY G 76 -29.99 29.04 -6.08
CA GLY G 76 -30.73 30.18 -5.58
C GLY G 76 -29.84 31.33 -5.17
N TRP G 77 -28.58 31.04 -4.86
CA TRP G 77 -27.62 32.08 -4.57
C TRP G 77 -27.17 32.79 -5.85
N VAL G 78 -26.91 32.04 -6.92
CA VAL G 78 -26.37 32.68 -8.12
C VAL G 78 -27.48 33.32 -8.94
N LEU G 79 -28.67 32.71 -8.96
CA LEU G 79 -29.77 33.29 -9.74
C LEU G 79 -30.39 34.48 -9.02
N GLY G 80 -30.35 34.49 -7.69
CA GLY G 80 -30.90 35.61 -6.96
C GLY G 80 -32.32 35.36 -6.47
N ASN G 81 -32.51 34.25 -5.77
CA ASN G 81 -33.81 33.91 -5.21
C ASN G 81 -34.21 34.96 -4.17
N PRO G 82 -35.50 35.35 -4.10
CA PRO G 82 -35.91 36.45 -3.20
C PRO G 82 -35.74 36.15 -1.71
N GLU G 83 -35.65 34.88 -1.35
CA GLU G 83 -35.38 34.47 0.02
C GLU G 83 -33.88 34.36 0.30
N CYS G 84 -33.04 34.80 -0.64
CA CYS G 84 -31.59 34.75 -0.50
C CYS G 84 -31.05 36.17 -0.72
N GLU G 85 -31.72 37.15 -0.13
CA GLU G 85 -31.32 38.55 -0.29
C GLU G 85 -30.09 38.89 0.54
N SER G 86 -29.87 38.22 1.67
CA SER G 86 -28.76 38.56 2.53
C SER G 86 -27.43 38.05 1.98
N LEU G 87 -27.50 37.11 1.03
CA LEU G 87 -26.30 36.54 0.44
C LEU G 87 -25.77 37.36 -0.72
N LEU G 88 -26.45 38.42 -1.11
CA LEU G 88 -26.04 39.26 -2.24
C LEU G 88 -25.41 40.51 -1.64
N SER G 89 -24.18 40.35 -1.18
CA SER G 89 -23.39 41.42 -0.61
C SER G 89 -21.94 41.01 -0.77
N ASN G 90 -21.09 41.99 -1.04
CA ASN G 90 -19.75 41.69 -1.53
C ASN G 90 -18.87 41.24 -0.37
N ARG G 91 -18.27 40.05 -0.50
CA ARG G 91 -17.79 39.34 0.68
C ARG G 91 -16.68 38.39 0.31
N SER G 92 -16.13 37.73 1.33
CA SER G 92 -15.09 36.73 1.18
C SER G 92 -15.27 35.68 2.27
N TRP G 93 -14.71 34.50 2.06
CA TRP G 93 -14.94 33.38 2.96
C TRP G 93 -13.78 32.40 2.87
N SER G 94 -13.85 31.37 3.73
CA SER G 94 -12.90 30.27 3.73
C SER G 94 -13.46 28.98 3.15
N TYR G 95 -14.71 28.64 3.48
CA TYR G 95 -15.38 27.47 2.92
C TYR G 95 -16.88 27.73 2.91
N ILE G 96 -17.59 26.97 2.09
CA ILE G 96 -19.04 27.10 1.93
C ILE G 96 -19.69 26.03 2.79
N ALA G 97 -20.71 26.41 3.55
CA ALA G 97 -21.47 25.49 4.39
C ALA G 97 -22.90 25.45 3.90
N GLU G 98 -23.47 24.25 3.80
CA GLU G 98 -24.78 24.03 3.23
C GLU G 98 -25.62 23.12 4.11
N THR G 99 -26.89 23.48 4.27
CA THR G 99 -27.88 22.60 4.87
C THR G 99 -28.17 21.44 3.93
N PRO G 100 -28.22 20.21 4.46
CA PRO G 100 -28.42 19.04 3.58
C PRO G 100 -29.76 19.00 2.85
N ASN G 101 -30.78 19.69 3.35
CA ASN G 101 -32.08 19.77 2.69
C ASN G 101 -32.46 21.24 2.54
N SER G 102 -32.01 21.86 1.45
CA SER G 102 -32.37 23.23 1.16
C SER G 102 -33.42 23.26 0.06
N GLU G 103 -34.47 24.07 0.25
CA GLU G 103 -35.62 24.05 -0.63
C GLU G 103 -35.88 25.41 -1.29
N ASN G 104 -34.90 26.29 -1.35
CA ASN G 104 -35.07 27.61 -1.98
C ASN G 104 -34.03 27.73 -3.09
N GLY G 105 -34.41 27.27 -4.28
CA GLY G 105 -33.55 27.32 -5.44
C GLY G 105 -34.23 27.94 -6.64
N THR G 106 -34.33 27.17 -7.72
CA THR G 106 -35.03 27.59 -8.93
C THR G 106 -36.52 27.57 -8.60
N CYS G 107 -37.08 28.74 -8.28
CA CYS G 107 -38.49 28.83 -7.94
C CYS G 107 -39.37 28.58 -9.17
N PHE G 108 -38.96 29.10 -10.32
CA PHE G 108 -39.61 28.75 -11.58
C PHE G 108 -39.02 27.43 -12.07
N PRO G 109 -39.84 26.46 -12.47
CA PRO G 109 -39.30 25.16 -12.88
C PRO G 109 -38.53 25.22 -14.19
N GLY G 110 -37.57 24.32 -14.30
CA GLY G 110 -36.72 24.25 -15.48
C GLY G 110 -35.47 23.46 -15.15
N ASP G 111 -34.59 23.37 -16.14
CA ASP G 111 -33.34 22.63 -16.01
C ASP G 111 -32.17 23.61 -15.92
N PHE G 112 -31.29 23.36 -14.97
CA PHE G 112 -30.07 24.14 -14.80
C PHE G 112 -28.94 23.39 -15.51
N ALA G 113 -28.44 23.97 -16.59
CA ALA G 113 -27.42 23.31 -17.39
C ALA G 113 -26.07 23.38 -16.69
N ASP G 114 -25.43 22.21 -16.54
CA ASP G 114 -24.11 22.03 -15.90
C ASP G 114 -24.09 22.59 -14.48
N TYR G 115 -24.98 22.06 -13.64
CA TYR G 115 -25.03 22.47 -12.24
C TYR G 115 -23.81 22.00 -11.47
N GLU G 116 -23.38 20.75 -11.70
CA GLU G 116 -22.30 20.17 -10.93
C GLU G 116 -20.96 20.77 -11.33
N GLU G 117 -20.81 21.14 -12.60
CA GLU G 117 -19.61 21.84 -13.03
C GLU G 117 -19.54 23.24 -12.42
N LEU G 118 -20.69 23.90 -12.25
CA LEU G 118 -20.73 25.19 -11.57
C LEU G 118 -20.36 25.03 -10.10
N ARG G 119 -20.80 23.93 -9.47
CA ARG G 119 -20.39 23.66 -8.09
C ARG G 119 -18.88 23.45 -7.99
N GLU G 120 -18.32 22.70 -8.94
CA GLU G 120 -16.89 22.41 -8.92
C GLU G 120 -16.07 23.67 -9.22
N GLN G 121 -16.62 24.58 -10.02
CA GLN G 121 -15.96 25.86 -10.24
C GLN G 121 -16.05 26.76 -9.01
N LEU G 122 -17.22 26.82 -8.38
CA LEU G 122 -17.43 27.68 -7.22
C LEU G 122 -16.79 27.15 -5.96
N SER G 123 -16.28 25.91 -5.97
CA SER G 123 -15.59 25.38 -4.80
C SER G 123 -14.29 26.14 -4.52
N SER G 124 -13.51 26.40 -5.56
CA SER G 124 -12.21 27.08 -5.40
C SER G 124 -12.33 28.58 -5.72
N VAL G 125 -13.22 29.27 -5.03
CA VAL G 125 -13.43 30.71 -5.19
C VAL G 125 -13.37 31.35 -3.81
N SER G 126 -12.54 32.40 -3.67
CA SER G 126 -12.41 33.07 -2.39
C SER G 126 -13.42 34.20 -2.22
N SER G 127 -13.62 35.02 -3.25
CA SER G 127 -14.47 36.18 -3.12
C SER G 127 -15.17 36.49 -4.44
N PHE G 128 -16.28 37.22 -4.33
CA PHE G 128 -16.99 37.74 -5.49
C PHE G 128 -17.34 39.20 -5.28
N GLU G 129 -17.46 39.93 -6.38
CA GLU G 129 -17.95 41.30 -6.40
C GLU G 129 -19.19 41.33 -7.29
N ARG G 130 -20.31 41.82 -6.77
CA ARG G 130 -21.56 41.84 -7.53
C ARG G 130 -21.70 43.20 -8.20
N PHE G 131 -21.87 43.20 -9.53
CA PHE G 131 -21.97 44.44 -10.28
C PHE G 131 -23.07 44.32 -11.33
N GLU G 132 -23.36 45.44 -11.98
CA GLU G 132 -24.41 45.52 -12.99
C GLU G 132 -23.79 45.33 -14.37
N ILE G 133 -24.03 44.17 -14.97
CA ILE G 133 -23.59 43.94 -16.34
C ILE G 133 -24.46 44.74 -17.31
N PHE G 134 -25.76 44.81 -17.05
CA PHE G 134 -26.71 45.57 -17.87
C PHE G 134 -27.62 46.32 -16.92
N PRO G 135 -27.64 47.65 -16.97
CA PRO G 135 -28.62 48.41 -16.18
C PRO G 135 -30.04 48.12 -16.65
N LYS G 136 -30.95 48.02 -15.68
CA LYS G 136 -32.32 47.62 -15.99
C LYS G 136 -33.09 48.76 -16.66
N GLU G 137 -32.92 49.99 -16.15
CA GLU G 137 -33.71 51.11 -16.63
C GLU G 137 -33.18 51.64 -17.95
N ARG G 138 -31.87 51.57 -18.17
CA ARG G 138 -31.27 52.26 -19.31
C ARG G 138 -31.11 51.35 -20.52
N SER G 139 -30.78 50.07 -20.32
CA SER G 139 -30.40 49.23 -21.45
C SER G 139 -31.60 48.69 -22.21
N TRP G 140 -32.81 48.78 -21.64
CA TRP G 140 -34.02 48.27 -22.28
C TRP G 140 -35.08 49.38 -22.34
N PRO G 141 -34.99 50.28 -23.32
CA PRO G 141 -35.98 51.36 -23.42
C PRO G 141 -37.22 51.01 -24.20
N ASN G 142 -37.25 49.88 -24.92
CA ASN G 142 -38.38 49.52 -25.76
C ASN G 142 -39.01 48.19 -25.37
N HIS G 143 -38.75 47.71 -24.15
CA HIS G 143 -39.38 46.51 -23.63
C HIS G 143 -39.88 46.78 -22.22
N THR G 144 -40.81 45.96 -21.75
CA THR G 144 -41.34 46.08 -20.40
C THR G 144 -40.55 45.15 -19.48
N THR G 145 -39.89 45.75 -18.49
CA THR G 145 -39.06 44.98 -17.56
C THR G 145 -39.82 44.59 -16.29
N ARG G 146 -41.10 44.95 -16.20
CA ARG G 146 -41.90 44.72 -14.99
C ARG G 146 -42.54 43.33 -15.01
N GLY G 147 -41.68 42.32 -15.04
CA GLY G 147 -42.12 40.94 -15.10
C GLY G 147 -42.04 40.28 -13.73
N VAL G 148 -43.19 39.87 -13.21
CA VAL G 148 -43.29 39.20 -11.91
C VAL G 148 -44.04 37.88 -12.12
N THR G 149 -43.87 36.97 -11.17
CA THR G 149 -44.50 35.66 -11.23
C THR G 149 -44.95 35.22 -9.85
N ALA G 150 -45.93 34.32 -9.82
CA ALA G 150 -46.48 33.82 -8.57
C ALA G 150 -45.75 32.57 -8.07
N ALA G 151 -44.82 32.03 -8.86
CA ALA G 151 -44.07 30.86 -8.41
C ALA G 151 -42.95 31.25 -7.45
N CYS G 152 -42.60 32.55 -7.41
CA CYS G 152 -41.55 33.03 -6.52
C CYS G 152 -42.14 34.12 -5.62
N PRO G 153 -42.75 33.77 -4.49
CA PRO G 153 -43.35 34.80 -3.62
C PRO G 153 -42.33 35.51 -2.75
N HIS G 154 -42.55 36.79 -2.51
CA HIS G 154 -41.78 37.57 -1.56
C HIS G 154 -42.72 38.44 -0.74
N ALA G 155 -42.79 38.16 0.58
CA ALA G 155 -43.66 38.85 1.53
C ALA G 155 -45.13 38.80 1.10
N MET G 156 -45.60 37.59 0.76
CA MET G 156 -46.96 37.30 0.30
C MET G 156 -47.34 38.11 -0.93
N LYS G 157 -46.39 38.31 -1.84
CA LYS G 157 -46.61 39.04 -3.08
C LYS G 157 -46.06 38.24 -4.24
N SER G 158 -45.97 38.85 -5.42
CA SER G 158 -45.38 38.22 -6.59
C SER G 158 -44.13 38.99 -7.00
N SER G 159 -43.03 38.26 -7.18
CA SER G 159 -41.75 38.86 -7.54
C SER G 159 -40.98 37.89 -8.43
N PHE G 160 -39.77 38.29 -8.82
CA PHE G 160 -38.93 37.53 -9.73
C PHE G 160 -37.53 37.44 -9.13
N TYR G 161 -36.59 36.89 -9.90
CA TYR G 161 -35.20 36.81 -9.46
C TYR G 161 -34.58 38.20 -9.40
N LYS G 162 -33.51 38.32 -8.61
CA LYS G 162 -32.87 39.61 -8.38
C LYS G 162 -31.69 39.86 -9.31
N ASN G 163 -31.30 38.89 -10.13
CA ASN G 163 -30.20 39.04 -11.07
C ASN G 163 -30.62 38.87 -12.52
N LEU G 164 -31.92 38.69 -12.78
CA LEU G 164 -32.41 38.44 -14.13
C LEU G 164 -33.64 39.30 -14.38
N VAL G 165 -33.86 39.65 -15.65
CA VAL G 165 -34.95 40.52 -16.06
C VAL G 165 -35.78 39.80 -17.13
N TRP G 166 -37.09 39.74 -16.91
CA TRP G 166 -38.03 39.15 -17.87
C TRP G 166 -38.50 40.26 -18.80
N LEU G 167 -38.06 40.18 -20.06
CA LEU G 167 -38.49 41.13 -21.06
C LEU G 167 -39.74 40.65 -21.78
N THR G 168 -40.67 41.57 -21.99
CA THR G 168 -41.98 41.29 -22.56
C THR G 168 -42.25 42.42 -23.55
N GLU G 169 -43.25 42.24 -24.43
CA GLU G 169 -43.60 43.21 -25.45
C GLU G 169 -44.03 44.56 -24.86
N ALA G 170 -43.73 45.63 -25.59
CA ALA G 170 -44.08 46.98 -25.19
C ALA G 170 -44.74 47.66 -26.38
N ASN G 171 -45.97 48.17 -26.15
CA ASN G 171 -46.78 48.89 -27.14
C ASN G 171 -47.05 48.03 -28.39
N GLY G 172 -47.25 46.74 -28.18
CA GLY G 172 -47.63 45.84 -29.25
C GLY G 172 -46.51 45.30 -30.11
N SER G 173 -45.25 45.59 -29.79
CA SER G 173 -44.14 45.15 -30.62
C SER G 173 -42.98 44.68 -29.76
N TYR G 174 -42.27 43.68 -30.26
CA TYR G 174 -41.04 43.17 -29.67
C TYR G 174 -39.92 43.42 -30.68
N PRO G 175 -39.15 44.49 -30.56
CA PRO G 175 -38.07 44.74 -31.52
C PRO G 175 -36.90 43.79 -31.33
N ASN G 176 -36.02 43.77 -32.32
CA ASN G 176 -34.82 42.94 -32.27
C ASN G 176 -33.87 43.43 -31.20
N LEU G 177 -33.15 42.50 -30.59
CA LEU G 177 -32.31 42.78 -29.44
C LEU G 177 -30.88 42.32 -29.72
N SER G 178 -29.93 43.22 -29.46
CA SER G 178 -28.52 42.91 -29.65
C SER G 178 -27.70 43.73 -28.67
N ARG G 179 -27.17 43.08 -27.63
CA ARG G 179 -26.40 43.76 -26.60
C ARG G 179 -25.06 43.05 -26.40
N SER G 180 -24.00 43.83 -26.22
CA SER G 180 -22.66 43.29 -26.04
C SER G 180 -22.04 43.80 -24.74
N TYR G 181 -21.22 42.97 -24.12
CA TYR G 181 -20.48 43.36 -22.92
C TYR G 181 -19.02 42.97 -23.08
N VAL G 182 -18.14 43.87 -22.68
CA VAL G 182 -16.69 43.66 -22.72
C VAL G 182 -16.19 43.60 -21.28
N ASN G 183 -15.16 42.78 -21.04
CA ASN G 183 -14.63 42.58 -19.70
C ASN G 183 -13.40 43.45 -19.51
N ASN G 184 -13.41 44.28 -18.47
CA ASN G 184 -12.29 45.14 -18.12
C ASN G 184 -11.93 45.09 -16.64
N GLN G 185 -12.40 44.06 -15.93
CA GLN G 185 -12.23 43.96 -14.48
C GLN G 185 -11.05 43.09 -14.07
N GLU G 186 -10.22 42.65 -15.03
CA GLU G 186 -9.02 41.86 -14.84
C GLU G 186 -9.26 40.53 -14.15
N LYS G 187 -10.47 39.99 -14.21
CA LYS G 187 -10.80 38.71 -13.60
C LYS G 187 -12.02 38.13 -14.29
N GLU G 188 -12.30 36.87 -13.96
CA GLU G 188 -13.41 36.14 -14.60
C GLU G 188 -14.75 36.65 -14.13
N VAL G 189 -15.72 36.67 -15.04
CA VAL G 189 -17.07 37.12 -14.74
C VAL G 189 -18.04 35.99 -15.05
N LEU G 190 -18.85 35.61 -14.07
CA LEU G 190 -19.84 34.56 -14.24
C LEU G 190 -21.14 35.19 -14.74
N VAL G 191 -21.57 34.80 -15.93
CA VAL G 191 -22.74 35.38 -16.59
C VAL G 191 -23.85 34.33 -16.62
N LEU G 192 -25.07 34.74 -16.24
CA LEU G 192 -26.20 33.86 -16.08
C LEU G 192 -27.39 34.39 -16.87
N TRP G 193 -28.09 33.50 -17.57
CA TRP G 193 -29.28 33.89 -18.34
C TRP G 193 -30.24 32.71 -18.42
N GLY G 194 -31.37 32.95 -19.08
CA GLY G 194 -32.38 31.91 -19.22
C GLY G 194 -33.22 32.08 -20.47
N VAL G 195 -33.84 30.97 -20.88
CA VAL G 195 -34.69 30.90 -22.07
C VAL G 195 -36.04 30.36 -21.65
N HIS G 196 -37.12 31.05 -22.04
CA HIS G 196 -38.47 30.71 -21.62
C HIS G 196 -39.13 29.76 -22.62
N HIS G 197 -39.73 28.69 -22.11
CA HIS G 197 -40.49 27.72 -22.89
C HIS G 197 -41.94 27.76 -22.41
N PRO G 198 -42.85 28.38 -23.15
CA PRO G 198 -44.24 28.46 -22.71
C PRO G 198 -44.98 27.15 -22.91
N SER G 199 -46.24 27.15 -22.51
CA SER G 199 -47.08 25.95 -22.57
C SER G 199 -47.99 25.92 -23.79
N ASN G 200 -48.46 27.08 -24.25
CA ASN G 200 -49.34 27.13 -25.41
C ASN G 200 -48.95 28.31 -26.30
N ILE G 201 -49.48 28.28 -27.52
CA ILE G 201 -49.09 29.27 -28.53
C ILE G 201 -49.70 30.64 -28.22
N GLU G 202 -50.82 30.68 -27.50
CA GLU G 202 -51.47 31.95 -27.18
C GLU G 202 -50.64 32.76 -26.20
N ASP G 203 -49.98 32.09 -25.25
CA ASP G 203 -49.08 32.80 -24.33
C ASP G 203 -47.87 33.36 -25.05
N GLN G 204 -47.34 32.61 -26.03
CA GLN G 204 -46.25 33.09 -26.87
C GLN G 204 -46.66 34.32 -27.68
N ARG G 205 -47.88 34.31 -28.21
CA ARG G 205 -48.36 35.43 -29.01
C ARG G 205 -48.66 36.66 -28.15
N THR G 206 -49.16 36.45 -26.92
CA THR G 206 -49.46 37.59 -26.06
C THR G 206 -48.18 38.20 -25.46
N LEU G 207 -47.17 37.36 -25.23
CA LEU G 207 -45.98 37.87 -24.54
C LEU G 207 -44.96 38.42 -25.53
N TYR G 208 -44.71 37.71 -26.64
CA TYR G 208 -43.58 38.04 -27.49
C TYR G 208 -43.96 38.41 -28.92
N ARG G 209 -45.24 38.30 -29.29
CA ARG G 209 -45.83 38.70 -30.59
C ARG G 209 -45.24 37.99 -31.79
N LYS G 210 -44.57 36.86 -31.61
CA LYS G 210 -43.94 36.10 -32.69
C LYS G 210 -44.19 34.63 -32.46
N ASP G 211 -44.49 33.89 -33.53
CA ASP G 211 -44.65 32.45 -33.40
C ASP G 211 -43.30 31.75 -33.30
N ASN G 212 -42.27 32.28 -33.98
CA ASN G 212 -40.94 31.69 -34.01
C ASN G 212 -39.94 32.69 -33.47
N ALA G 213 -39.10 32.25 -32.55
CA ALA G 213 -38.11 33.12 -31.91
C ALA G 213 -36.83 32.33 -31.68
N TYR G 214 -35.76 33.05 -31.38
CA TYR G 214 -34.48 32.43 -31.10
C TYR G 214 -33.66 33.30 -30.16
N VAL G 215 -32.72 32.67 -29.47
CA VAL G 215 -31.73 33.36 -28.64
C VAL G 215 -30.35 32.90 -29.09
N SER G 216 -29.44 33.83 -29.31
CA SER G 216 -28.07 33.51 -29.70
C SER G 216 -27.09 34.14 -28.73
N VAL G 217 -26.25 33.32 -28.11
CA VAL G 217 -25.22 33.79 -27.20
C VAL G 217 -23.87 33.40 -27.76
N VAL G 218 -23.06 34.41 -28.09
CA VAL G 218 -21.77 34.19 -28.74
C VAL G 218 -20.66 34.86 -27.94
N SER G 219 -19.66 34.08 -27.58
CA SER G 219 -18.42 34.59 -26.99
C SER G 219 -17.27 33.97 -27.77
N SER G 220 -16.04 34.23 -27.31
CA SER G 220 -14.88 33.62 -27.92
C SER G 220 -14.66 32.17 -27.49
N ASN G 221 -15.34 31.74 -26.43
CA ASN G 221 -15.34 30.35 -26.02
C ASN G 221 -16.74 29.74 -25.91
N TYR G 222 -17.80 30.52 -26.07
CA TYR G 222 -19.17 30.05 -26.01
C TYR G 222 -19.86 30.44 -27.30
N ASN G 223 -20.62 29.51 -27.89
CA ASN G 223 -21.38 29.75 -29.10
C ASN G 223 -22.59 28.83 -29.10
N ARG G 224 -23.75 29.37 -28.74
CA ARG G 224 -24.94 28.53 -28.69
C ARG G 224 -26.16 29.30 -29.20
N ARG G 225 -27.11 28.53 -29.73
CA ARG G 225 -28.39 29.03 -30.22
C ARG G 225 -29.51 28.20 -29.61
N PHE G 226 -30.49 28.89 -29.01
CA PHE G 226 -31.60 28.25 -28.32
C PHE G 226 -32.91 28.61 -29.02
N THR G 227 -33.75 27.60 -29.21
CA THR G 227 -35.06 27.75 -29.84
C THR G 227 -36.14 27.31 -28.86
N PRO G 228 -37.16 28.12 -28.61
CA PRO G 228 -38.24 27.71 -27.69
C PRO G 228 -39.03 26.53 -28.20
N GLU G 229 -39.52 25.72 -27.26
CA GLU G 229 -40.33 24.54 -27.53
C GLU G 229 -41.62 24.63 -26.74
N ILE G 230 -42.74 24.42 -27.40
CA ILE G 230 -44.07 24.55 -26.80
C ILE G 230 -44.72 23.18 -26.77
N ALA G 231 -45.07 22.71 -25.58
CA ALA G 231 -45.65 21.38 -25.42
C ALA G 231 -46.48 21.35 -24.13
N LYS G 232 -47.24 20.28 -23.97
CA LYS G 232 -48.05 20.06 -22.77
C LYS G 232 -47.17 19.46 -21.69
N ARG G 233 -47.12 20.11 -20.53
CA ARG G 233 -46.22 19.70 -19.46
C ARG G 233 -47.00 19.54 -18.16
N PRO G 234 -46.56 18.64 -17.27
CA PRO G 234 -47.19 18.54 -15.96
C PRO G 234 -46.92 19.77 -15.11
N LYS G 235 -47.83 20.04 -14.19
CA LYS G 235 -47.69 21.22 -13.34
C LYS G 235 -46.67 21.00 -12.24
N VAL G 236 -45.67 21.87 -12.19
CA VAL G 236 -44.69 21.90 -11.12
C VAL G 236 -44.71 23.30 -10.52
N ARG G 237 -44.99 23.38 -9.22
CA ARG G 237 -45.15 24.62 -8.45
C ARG G 237 -46.20 25.55 -9.04
N GLY G 238 -47.29 24.99 -9.56
CA GLY G 238 -48.39 25.77 -10.08
C GLY G 238 -48.20 26.32 -11.47
N GLN G 239 -47.11 25.97 -12.15
CA GLN G 239 -46.82 26.49 -13.48
C GLN G 239 -46.59 25.33 -14.44
N SER G 240 -47.05 25.49 -15.68
CA SER G 240 -46.82 24.52 -16.73
C SER G 240 -45.68 24.89 -17.66
N GLY G 241 -45.27 26.16 -17.68
CA GLY G 241 -44.13 26.57 -18.47
C GLY G 241 -42.81 26.29 -17.79
N ARG G 242 -41.72 26.48 -18.54
CA ARG G 242 -40.39 26.23 -18.02
C ARG G 242 -39.48 27.41 -18.36
N ILE G 243 -38.42 27.57 -17.58
CA ILE G 243 -37.31 28.46 -17.92
C ILE G 243 -36.02 27.68 -17.75
N ASN G 244 -35.25 27.54 -18.82
CA ASN G 244 -33.98 26.84 -18.78
C ASN G 244 -32.85 27.84 -18.53
N TYR G 245 -32.01 27.54 -17.55
CA TYR G 245 -30.98 28.46 -17.07
C TYR G 245 -29.61 28.02 -17.56
N TYR G 246 -28.80 28.98 -18.00
CA TYR G 246 -27.48 28.74 -18.55
C TYR G 246 -26.49 29.71 -17.95
N TRP G 247 -25.22 29.31 -17.95
CA TRP G 247 -24.14 30.09 -17.35
C TRP G 247 -22.89 29.99 -18.19
N THR G 248 -21.99 30.97 -18.01
CA THR G 248 -20.68 30.97 -18.66
C THR G 248 -19.69 31.73 -17.80
N LEU G 249 -18.40 31.50 -18.08
CA LEU G 249 -17.28 32.14 -17.38
C LEU G 249 -16.49 32.96 -18.38
N LEU G 250 -16.77 34.26 -18.43
CA LEU G 250 -16.11 35.14 -19.36
C LEU G 250 -14.75 35.58 -18.81
N GLU G 251 -13.70 35.47 -19.66
CA GLU G 251 -12.27 35.68 -19.47
C GLU G 251 -11.93 37.17 -19.55
N PRO G 252 -10.81 37.60 -18.95
CA PRO G 252 -10.41 39.01 -19.07
C PRO G 252 -10.06 39.40 -20.50
N GLY G 253 -10.55 40.56 -20.92
CA GLY G 253 -10.34 41.06 -22.26
C GLY G 253 -11.28 40.49 -23.30
N ASP G 254 -12.20 39.61 -22.92
CA ASP G 254 -13.11 38.96 -23.84
C ASP G 254 -14.46 39.66 -23.84
N THR G 255 -15.25 39.40 -24.87
CA THR G 255 -16.55 40.03 -25.06
C THR G 255 -17.62 38.98 -25.29
N ILE G 256 -18.86 39.32 -24.95
CA ILE G 256 -20.00 38.44 -25.12
C ILE G 256 -21.11 39.22 -25.81
N ILE G 257 -21.83 38.55 -26.72
CA ILE G 257 -22.90 39.16 -27.50
C ILE G 257 -24.16 38.33 -27.29
N PHE G 258 -25.25 39.02 -26.92
CA PHE G 258 -26.59 38.45 -26.79
C PHE G 258 -27.44 38.99 -27.93
N GLU G 259 -28.14 38.10 -28.62
CA GLU G 259 -29.06 38.49 -29.67
C GLU G 259 -30.37 37.72 -29.49
N ALA G 260 -31.49 38.43 -29.65
CA ALA G 260 -32.76 37.78 -29.37
C ALA G 260 -33.87 38.44 -30.17
N THR G 261 -34.80 37.60 -30.63
CA THR G 261 -36.08 38.03 -31.14
C THR G 261 -37.24 37.58 -30.27
N GLY G 262 -36.95 36.89 -29.17
CA GLY G 262 -38.00 36.51 -28.23
C GLY G 262 -37.46 35.48 -27.26
N ASN G 263 -38.22 35.34 -26.16
CA ASN G 263 -38.00 34.32 -25.13
C ASN G 263 -36.63 34.44 -24.48
N LEU G 264 -36.32 35.63 -23.96
CA LEU G 264 -35.03 35.88 -23.32
C LEU G 264 -35.26 36.35 -21.89
N ILE G 265 -34.56 35.73 -20.95
CA ILE G 265 -34.49 36.21 -19.57
C ILE G 265 -33.11 36.82 -19.42
N ALA G 266 -33.03 38.14 -19.57
CA ALA G 266 -31.77 38.85 -19.73
C ALA G 266 -31.01 38.96 -18.41
N PRO G 267 -29.68 38.99 -18.46
CA PRO G 267 -28.91 39.19 -17.22
C PRO G 267 -29.03 40.62 -16.71
N TRP G 268 -28.98 40.76 -15.39
CA TRP G 268 -28.99 42.04 -14.71
C TRP G 268 -27.75 42.25 -13.86
N TYR G 269 -27.38 41.27 -13.06
CA TYR G 269 -26.23 41.36 -12.17
C TYR G 269 -25.28 40.21 -12.45
N ALA G 270 -23.98 40.49 -12.33
CA ALA G 270 -22.94 39.51 -12.59
C ALA G 270 -21.92 39.54 -11.46
N PHE G 271 -21.16 38.47 -11.36
CA PHE G 271 -20.22 38.26 -10.28
C PHE G 271 -18.80 38.25 -10.85
N ALA G 272 -17.92 39.04 -10.25
CA ALA G 272 -16.50 39.00 -10.56
C ALA G 272 -15.81 38.11 -9.53
N LEU G 273 -15.13 37.08 -9.99
CA LEU G 273 -14.68 35.97 -9.15
C LEU G 273 -13.19 36.07 -8.88
N SER G 274 -12.77 35.69 -7.67
CA SER G 274 -11.37 35.61 -7.30
C SER G 274 -11.10 34.23 -6.73
N ARG G 275 -10.04 33.58 -7.21
CA ARG G 275 -9.73 32.22 -6.81
C ARG G 275 -8.81 32.20 -5.61
N GLY G 276 -8.67 31.02 -5.01
CA GLY G 276 -7.85 30.83 -3.85
C GLY G 276 -7.32 29.42 -3.73
N PRO G 277 -6.30 29.22 -2.88
CA PRO G 277 -5.68 27.89 -2.82
C PRO G 277 -6.51 26.85 -2.09
N GLY G 278 -7.14 27.20 -0.97
CA GLY G 278 -7.88 26.20 -0.21
C GLY G 278 -9.28 26.60 0.18
N SER G 279 -10.27 25.88 -0.35
CA SER G 279 -11.68 26.10 -0.04
C SER G 279 -12.44 24.86 -0.43
N GLY G 280 -13.71 24.81 -0.04
CA GLY G 280 -14.54 23.65 -0.36
C GLY G 280 -15.97 23.86 0.08
N ILE G 281 -16.77 22.83 -0.14
CA ILE G 281 -18.19 22.82 0.22
C ILE G 281 -18.42 21.71 1.24
N ILE G 282 -19.10 22.04 2.34
CA ILE G 282 -19.40 21.11 3.42
C ILE G 282 -20.91 21.11 3.63
N THR G 283 -21.51 19.92 3.58
CA THR G 283 -22.91 19.74 3.95
C THR G 283 -22.97 19.34 5.43
N SER G 284 -23.53 20.23 6.26
CA SER G 284 -23.50 20.04 7.70
C SER G 284 -24.74 20.62 8.34
N ASN G 285 -25.05 20.11 9.54
CA ASN G 285 -26.15 20.62 10.36
C ASN G 285 -25.63 21.18 11.68
N ALA G 286 -24.41 21.68 11.68
CA ALA G 286 -23.73 22.10 12.89
C ALA G 286 -23.95 23.58 13.12
N PRO G 287 -24.09 24.02 14.37
CA PRO G 287 -24.26 25.46 14.63
C PRO G 287 -22.97 26.23 14.43
N LEU G 288 -23.11 27.53 14.15
CA LEU G 288 -21.96 28.40 14.00
C LEU G 288 -21.50 28.92 15.36
N ASP G 289 -20.19 28.94 15.55
CA ASP G 289 -19.60 29.49 16.76
C ASP G 289 -18.25 30.09 16.41
N GLU G 290 -17.45 30.45 17.41
CA GLU G 290 -16.16 31.09 17.20
C GLU G 290 -15.04 30.15 17.63
N CYS G 291 -14.09 29.91 16.72
CA CYS G 291 -12.88 29.16 17.01
C CYS G 291 -11.81 29.64 16.05
N ASP G 292 -10.65 29.00 16.11
CA ASP G 292 -9.57 29.28 15.18
C ASP G 292 -8.87 27.98 14.80
N THR G 293 -9.65 26.93 14.55
CA THR G 293 -9.07 25.64 14.23
C THR G 293 -8.57 25.59 12.79
N LYS G 294 -7.62 24.68 12.56
CA LYS G 294 -7.01 24.51 11.22
C LYS G 294 -7.61 23.30 10.51
N CYS G 295 -8.57 22.60 11.13
CA CYS G 295 -9.22 21.44 10.53
C CYS G 295 -10.72 21.55 10.74
N GLN G 296 -11.50 21.23 9.71
CA GLN G 296 -12.95 21.30 9.80
C GLN G 296 -13.57 20.10 9.10
N THR G 297 -14.47 19.42 9.80
CA THR G 297 -15.30 18.31 9.33
C THR G 297 -16.77 18.74 9.33
N PRO G 298 -17.64 18.03 8.59
CA PRO G 298 -19.08 18.31 8.72
C PRO G 298 -19.65 18.08 10.11
N GLN G 299 -19.05 17.19 10.90
CA GLN G 299 -19.48 17.03 12.28
C GLN G 299 -19.02 18.21 13.14
N GLY G 300 -17.72 18.46 13.18
CA GLY G 300 -17.20 19.55 13.98
C GLY G 300 -15.72 19.71 13.77
N ALA G 301 -15.17 20.74 14.41
CA ALA G 301 -13.76 21.05 14.27
C ALA G 301 -12.90 20.12 15.13
N ILE G 302 -11.63 19.98 14.73
CA ILE G 302 -10.66 19.14 15.42
C ILE G 302 -9.42 19.97 15.71
N ASN G 303 -8.91 19.88 16.94
CA ASN G 303 -7.52 20.26 17.20
C ASN G 303 -6.77 18.98 17.55
N SER G 304 -5.63 18.79 16.91
CA SER G 304 -4.85 17.56 17.01
C SER G 304 -3.48 17.76 16.40
N SER G 305 -2.49 17.13 17.02
CA SER G 305 -1.21 16.88 16.38
C SER G 305 -1.06 15.42 15.99
N LEU G 306 -2.14 14.65 16.03
CA LEU G 306 -2.06 13.22 15.86
C LEU G 306 -2.19 12.87 14.38
N PRO G 307 -1.53 11.79 13.93
CA PRO G 307 -1.53 11.49 12.48
C PRO G 307 -2.81 10.84 11.95
N PHE G 308 -3.71 10.35 12.79
CA PHE G 308 -4.89 9.64 12.28
C PHE G 308 -6.16 10.15 12.94
N GLN G 309 -7.29 9.81 12.32
CA GLN G 309 -8.61 10.15 12.83
C GLN G 309 -9.59 9.07 12.40
N ASN G 310 -10.77 9.08 13.01
CA ASN G 310 -11.86 8.21 12.59
C ASN G 310 -13.22 8.91 12.63
N ILE G 311 -13.28 10.21 12.35
CA ILE G 311 -14.55 10.93 12.46
C ILE G 311 -15.26 10.99 11.11
N HIS G 312 -14.63 11.62 10.11
CA HIS G 312 -15.29 11.82 8.83
C HIS G 312 -14.23 11.90 7.75
N PRO G 313 -14.50 11.38 6.55
CA PRO G 313 -13.50 11.49 5.47
C PRO G 313 -13.43 12.86 4.83
N VAL G 314 -14.49 13.65 4.89
CA VAL G 314 -14.51 14.98 4.29
C VAL G 314 -13.88 15.97 5.25
N THR G 315 -12.75 16.56 4.84
CA THR G 315 -11.96 17.45 5.68
C THR G 315 -11.62 18.71 4.89
N ILE G 316 -11.51 19.84 5.61
CA ILE G 316 -11.08 21.14 5.02
C ILE G 316 -9.99 21.73 5.90
N GLY G 317 -8.75 21.85 5.40
CA GLY G 317 -7.60 22.37 6.10
C GLY G 317 -6.55 21.31 6.30
N GLU G 318 -5.65 21.55 7.24
CA GLU G 318 -4.61 20.60 7.62
C GLU G 318 -5.21 19.62 8.62
N CYS G 319 -5.46 18.39 8.18
CA CYS G 319 -6.24 17.42 8.93
C CYS G 319 -5.54 16.07 8.96
N PRO G 320 -5.79 15.26 10.00
CA PRO G 320 -5.22 13.92 10.03
C PRO G 320 -5.85 13.00 9.00
N LYS G 321 -5.14 11.91 8.71
CA LYS G 321 -5.61 10.94 7.72
C LYS G 321 -6.69 10.05 8.31
N TYR G 322 -7.75 9.86 7.54
CA TYR G 322 -8.91 9.10 7.99
C TYR G 322 -8.69 7.61 7.82
N VAL G 323 -9.02 6.83 8.86
CA VAL G 323 -8.98 5.38 8.83
C VAL G 323 -10.25 4.86 9.50
N ARG G 324 -10.64 3.62 9.19
CA ARG G 324 -11.77 2.99 9.89
C ARG G 324 -11.27 2.14 11.07
N SER G 325 -10.37 2.72 11.85
CA SER G 325 -9.81 2.01 12.99
C SER G 325 -10.40 2.57 14.27
N THR G 326 -10.49 1.72 15.29
CA THR G 326 -11.02 2.10 16.58
C THR G 326 -9.96 2.15 17.67
N LYS G 327 -8.75 1.66 17.41
CA LYS G 327 -7.69 1.66 18.42
C LYS G 327 -6.34 1.61 17.70
N LEU G 328 -5.55 2.67 17.85
CA LEU G 328 -4.16 2.68 17.39
C LEU G 328 -3.30 3.21 18.53
N ARG G 329 -2.79 2.30 19.35
CA ARG G 329 -1.98 2.64 20.51
C ARG G 329 -0.62 2.00 20.37
N MET G 330 0.43 2.79 20.61
CA MET G 330 1.80 2.35 20.38
C MET G 330 2.57 2.36 21.68
N VAL G 331 3.37 1.30 21.90
CA VAL G 331 4.13 1.15 23.13
C VAL G 331 5.30 2.10 23.14
N THR G 332 5.45 2.84 24.24
CA THR G 332 6.68 3.58 24.51
C THR G 332 7.38 3.13 25.78
N GLY G 333 6.71 2.37 26.63
CA GLY G 333 7.29 1.89 27.87
C GLY G 333 7.66 0.43 27.84
N LEU G 334 7.57 -0.23 28.99
CA LEU G 334 7.98 -1.62 29.15
C LEU G 334 6.78 -2.50 29.43
N ARG G 335 7.04 -3.81 29.50
CA ARG G 335 5.99 -4.75 29.88
C ARG G 335 5.78 -4.72 31.38
N ASN G 336 4.52 -4.64 31.80
CA ASN G 336 4.17 -4.44 33.21
C ASN G 336 3.92 -5.79 33.87
N ILE G 337 4.96 -6.32 34.49
CA ILE G 337 4.83 -7.51 35.33
C ILE G 337 5.15 -7.05 36.75
N PRO G 338 4.16 -6.88 37.61
CA PRO G 338 4.43 -6.44 38.99
C PRO G 338 5.02 -7.55 39.83
N SER G 339 5.83 -7.13 40.81
CA SER G 339 6.53 -7.99 41.78
C SER G 339 7.37 -9.08 41.14
N ALA G 348 16.15 -8.24 50.40
CA ALA G 348 15.85 -9.46 49.68
C ALA G 348 14.92 -9.19 48.51
N ILE G 349 15.48 -8.68 47.41
CA ILE G 349 14.73 -8.34 46.21
C ILE G 349 15.36 -9.10 45.04
N ALA G 350 14.55 -9.88 44.33
CA ALA G 350 15.06 -10.67 43.21
C ALA G 350 15.07 -9.84 41.94
N GLY G 351 15.56 -10.46 40.86
CA GLY G 351 15.82 -9.78 39.59
C GLY G 351 14.67 -9.88 38.63
N PHE G 352 14.99 -10.04 37.33
CA PHE G 352 14.00 -9.85 36.29
C PHE G 352 13.12 -11.07 36.11
N ILE G 353 13.53 -12.22 36.66
CA ILE G 353 12.73 -13.43 36.52
C ILE G 353 11.45 -13.34 37.35
N GLU G 354 11.55 -12.78 38.57
CA GLU G 354 10.34 -12.55 39.36
C GLU G 354 9.48 -11.45 38.75
N GLY G 355 10.09 -10.38 38.28
CA GLY G 355 9.36 -9.30 37.64
C GLY G 355 10.08 -7.98 37.80
N GLY G 356 9.31 -6.90 37.71
CA GLY G 356 9.85 -5.57 37.84
C GLY G 356 9.71 -5.02 39.25
N TRP G 357 10.30 -3.87 39.50
CA TRP G 357 10.31 -3.26 40.82
C TRP G 357 9.53 -1.94 40.78
N THR G 358 8.61 -1.78 41.72
CA THR G 358 7.85 -0.54 41.82
C THR G 358 8.55 0.52 42.67
N GLY G 359 9.65 0.16 43.31
CA GLY G 359 10.43 1.09 44.10
C GLY G 359 11.44 1.90 43.32
N MET G 360 11.61 1.61 42.03
CA MET G 360 12.53 2.36 41.18
C MET G 360 11.72 3.36 40.36
N MET G 361 11.88 4.63 40.70
CA MET G 361 11.11 5.70 40.05
C MET G 361 12.02 6.67 39.29
N ASP G 362 13.30 6.33 39.16
CA ASP G 362 14.27 7.21 38.50
C ASP G 362 14.93 6.58 37.27
N GLY G 363 14.36 5.52 36.73
CA GLY G 363 14.90 4.92 35.54
C GLY G 363 14.08 3.73 35.09
N TRP G 364 14.39 3.26 33.89
CA TRP G 364 13.78 2.05 33.35
C TRP G 364 14.57 0.79 33.71
N TYR G 365 15.90 0.88 33.70
CA TYR G 365 16.77 -0.24 34.01
C TYR G 365 17.67 0.17 35.18
N GLY G 366 17.90 -0.75 36.11
CA GLY G 366 18.73 -0.40 37.24
C GLY G 366 19.08 -1.57 38.12
N TYR G 367 19.63 -1.24 39.30
CA TYR G 367 20.20 -2.18 40.24
C TYR G 367 19.57 -2.02 41.61
N HIS G 368 19.62 -3.07 42.42
CA HIS G 368 19.25 -3.03 43.82
C HIS G 368 20.36 -3.66 44.65
N HIS G 369 20.79 -2.96 45.71
CA HIS G 369 21.88 -3.45 46.53
C HIS G 369 21.46 -3.51 48.00
N GLN G 370 21.89 -4.60 48.66
CA GLN G 370 21.71 -4.81 50.09
C GLN G 370 23.07 -5.11 50.70
N ASN G 371 23.46 -4.34 51.70
CA ASN G 371 24.76 -4.51 52.32
C ASN G 371 24.68 -4.18 53.81
N GLU G 372 25.85 -4.06 54.43
CA GLU G 372 25.92 -3.79 55.86
C GLU G 372 25.46 -2.37 56.17
N GLN G 373 25.82 -1.40 55.33
CA GLN G 373 25.48 -0.02 55.60
C GLN G 373 24.00 0.27 55.36
N GLY G 374 23.41 -0.34 54.34
CA GLY G 374 22.01 -0.13 54.06
C GLY G 374 21.59 -0.85 52.79
N SER G 375 20.41 -0.50 52.32
CA SER G 375 19.83 -1.10 51.12
C SER G 375 19.16 -0.02 50.29
N GLY G 376 19.27 -0.15 48.97
CA GLY G 376 18.67 0.86 48.11
C GLY G 376 18.71 0.47 46.64
N TYR G 377 17.92 1.21 45.87
CA TYR G 377 17.78 1.04 44.43
C TYR G 377 18.62 2.08 43.69
N ALA G 378 18.76 1.92 42.38
CA ALA G 378 19.52 2.87 41.55
C ALA G 378 19.15 2.60 40.09
N ALA G 379 19.40 3.54 39.17
CA ALA G 379 18.97 3.35 37.78
C ALA G 379 20.20 3.51 36.89
N ASP G 380 20.30 2.74 35.83
CA ASP G 380 21.43 2.90 34.89
C ASP G 380 21.06 4.05 33.96
N GLN G 381 21.72 5.19 34.10
CA GLN G 381 21.35 6.40 33.36
C GLN G 381 21.62 6.30 31.85
N LYS G 382 22.71 5.68 31.43
CA LYS G 382 23.09 5.64 29.99
C LYS G 382 22.15 4.79 29.12
N SER G 383 21.84 3.56 29.49
CA SER G 383 21.00 2.64 28.73
C SER G 383 19.56 3.15 28.64
N THR G 384 19.06 3.75 29.73
CA THR G 384 17.74 4.37 29.73
C THR G 384 17.67 5.54 28.75
N GLN G 385 18.74 6.34 28.71
CA GLN G 385 18.80 7.46 27.77
C GLN G 385 18.82 6.98 26.33
N ASN G 386 19.57 5.91 26.05
CA ASN G 386 19.64 5.38 24.69
C ASN G 386 18.30 4.79 24.24
N ALA G 387 17.62 4.08 25.16
CA ALA G 387 16.30 3.54 24.84
C ALA G 387 15.28 4.65 24.61
N ILE G 388 15.36 5.72 25.40
CA ILE G 388 14.47 6.87 25.24
C ILE G 388 14.72 7.57 23.91
N ASN G 389 15.99 7.66 23.50
CA ASN G 389 16.34 8.26 22.21
C ASN G 389 15.79 7.45 21.04
N CYS G 390 15.92 6.12 21.09
CA CYS G 390 15.34 5.27 20.05
C CYS G 390 13.82 5.38 19.99
N ILE G 391 13.16 5.41 21.16
CA ILE G 391 11.69 5.46 21.16
C ILE G 391 11.20 6.83 20.66
N THR G 392 11.91 7.90 21.01
CA THR G 392 11.55 9.24 20.53
C THR G 392 11.72 9.35 19.01
N ASN G 393 12.82 8.81 18.48
CA ASN G 393 13.03 8.79 17.04
C ASN G 393 11.96 7.93 16.34
N LYS G 394 11.52 6.87 17.01
CA LYS G 394 10.49 6.01 16.46
C LYS G 394 9.13 6.72 16.40
N VAL G 395 8.82 7.50 17.44
CA VAL G 395 7.61 8.32 17.47
C VAL G 395 7.62 9.35 16.33
N ASN G 396 8.74 10.03 16.13
CA ASN G 396 8.74 11.06 15.08
C ASN G 396 8.75 10.35 13.71
N SER G 397 9.38 9.17 13.54
CA SER G 397 9.27 8.47 12.27
C SER G 397 7.82 8.08 11.98
N VAL G 398 7.09 7.65 13.01
CA VAL G 398 5.67 7.33 12.83
C VAL G 398 4.87 8.57 12.43
N ILE G 399 5.21 9.73 13.01
CA ILE G 399 4.46 10.94 12.71
C ILE G 399 4.76 11.46 11.29
N GLU G 400 6.04 11.58 10.94
CA GLU G 400 6.42 12.16 9.62
C GLU G 400 6.21 11.16 8.48
N LYS G 401 6.26 9.85 8.74
CA LYS G 401 6.11 8.93 7.60
C LYS G 401 4.70 9.00 7.01
N MET G 402 3.68 8.94 7.85
CA MET G 402 2.32 9.18 7.37
C MET G 402 2.00 10.67 7.36
N ASN G 403 2.66 11.41 6.47
CA ASN G 403 2.43 12.83 6.35
C ASN G 403 1.05 13.08 5.74
N THR G 404 0.23 13.81 6.46
CA THR G 404 -1.17 14.01 6.11
C THR G 404 -1.42 15.46 5.73
N GLN G 405 -2.43 15.67 4.90
CA GLN G 405 -2.71 16.97 4.33
C GLN G 405 -4.17 17.01 3.88
N PHE G 406 -4.52 18.11 3.20
CA PHE G 406 -5.86 18.28 2.66
C PHE G 406 -6.12 17.28 1.54
N THR G 407 -7.29 16.65 1.58
CA THR G 407 -7.53 15.51 0.69
C THR G 407 -8.61 15.75 -0.35
N ALA G 408 -9.84 16.06 0.06
CA ALA G 408 -10.96 16.09 -0.88
C ALA G 408 -12.09 16.95 -0.32
N VAL G 409 -13.03 17.31 -1.21
CA VAL G 409 -14.22 18.08 -0.83
C VAL G 409 -15.48 17.30 -1.19
N GLY G 410 -15.36 16.30 -2.03
CA GLY G 410 -16.52 15.56 -2.49
C GLY G 410 -17.05 16.11 -3.81
N LYS G 411 -17.72 15.24 -4.56
CA LYS G 411 -18.22 15.57 -5.88
C LYS G 411 -19.68 15.16 -6.00
N GLU G 412 -20.39 15.81 -6.92
CA GLU G 412 -21.80 15.52 -7.16
C GLU G 412 -22.01 15.14 -8.62
N PHE G 413 -22.90 14.18 -8.84
CA PHE G 413 -23.22 13.66 -10.16
C PHE G 413 -24.73 13.58 -10.33
N ASN G 414 -25.19 13.67 -11.57
CA ASN G 414 -26.63 13.56 -11.83
C ASN G 414 -27.03 12.12 -12.18
N LYS G 415 -28.25 11.94 -12.66
CA LYS G 415 -28.87 10.63 -12.79
C LYS G 415 -28.36 9.82 -13.98
N LEU G 416 -27.71 10.46 -14.96
CA LEU G 416 -27.19 9.76 -16.12
C LEU G 416 -25.67 9.69 -16.12
N GLU G 417 -25.06 9.79 -14.94
CA GLU G 417 -23.62 9.66 -14.72
C GLU G 417 -23.34 8.75 -13.55
N LYS G 418 -24.00 7.58 -13.52
CA LYS G 418 -23.83 6.66 -12.39
C LYS G 418 -22.49 5.93 -12.46
N ARG G 419 -21.95 5.73 -13.67
CA ARG G 419 -20.66 5.06 -13.82
C ARG G 419 -19.51 5.88 -13.23
N MET G 420 -19.55 7.20 -13.41
CA MET G 420 -18.56 8.07 -12.79
C MET G 420 -18.66 8.06 -11.28
N GLU G 421 -19.90 8.02 -10.76
CA GLU G 421 -20.12 7.94 -9.32
C GLU G 421 -19.56 6.65 -8.72
N ASN G 422 -19.80 5.51 -9.40
CA ASN G 422 -19.25 4.24 -8.94
C ASN G 422 -17.73 4.19 -9.04
N LEU G 423 -17.15 4.82 -10.07
CA LEU G 423 -15.69 4.88 -10.18
C LEU G 423 -15.08 5.71 -9.05
N ASN G 424 -15.72 6.83 -8.70
CA ASN G 424 -15.25 7.66 -7.59
C ASN G 424 -15.35 6.93 -6.26
N LYS G 425 -16.45 6.19 -6.05
CA LYS G 425 -16.60 5.37 -4.85
C LYS G 425 -15.55 4.27 -4.78
N LYS G 426 -15.23 3.65 -5.92
CA LYS G 426 -14.20 2.61 -5.96
C LYS G 426 -12.83 3.16 -5.58
N VAL G 427 -12.48 4.34 -6.10
CA VAL G 427 -11.20 4.97 -5.79
C VAL G 427 -11.09 5.31 -4.30
N ASP G 428 -12.13 5.93 -3.73
CA ASP G 428 -12.14 6.29 -2.32
C ASP G 428 -12.08 5.08 -1.39
N ASP G 429 -12.86 4.04 -1.68
CA ASP G 429 -12.87 2.85 -0.84
C ASP G 429 -11.54 2.10 -0.89
N GLY G 430 -10.94 2.01 -2.08
CA GLY G 430 -9.65 1.34 -2.19
C GLY G 430 -8.54 2.06 -1.45
N PHE G 431 -8.49 3.39 -1.55
CA PHE G 431 -7.48 4.15 -0.84
C PHE G 431 -7.65 4.06 0.68
N LEU G 432 -8.92 4.06 1.14
CA LEU G 432 -9.16 3.96 2.58
C LEU G 432 -8.78 2.58 3.12
N ASP G 433 -9.06 1.51 2.36
CA ASP G 433 -8.66 0.17 2.77
C ASP G 433 -7.14 0.03 2.88
N ILE G 434 -6.42 0.57 1.87
CA ILE G 434 -4.96 0.48 1.86
C ILE G 434 -4.35 1.23 3.06
N TRP G 435 -4.87 2.43 3.34
CA TRP G 435 -4.25 3.21 4.42
C TRP G 435 -4.58 2.64 5.80
N THR G 436 -5.79 2.09 5.99
CA THR G 436 -6.11 1.44 7.26
C THR G 436 -5.24 0.22 7.51
N TYR G 437 -5.05 -0.61 6.47
CA TYR G 437 -4.22 -1.80 6.59
C TYR G 437 -2.77 -1.45 6.91
N ASN G 438 -2.24 -0.42 6.24
CA ASN G 438 -0.85 0.02 6.48
C ASN G 438 -0.66 0.54 7.90
N ALA G 439 -1.61 1.34 8.40
CA ALA G 439 -1.49 1.89 9.75
C ALA G 439 -1.50 0.81 10.82
N GLU G 440 -2.44 -0.14 10.71
CA GLU G 440 -2.53 -1.22 11.70
C GLU G 440 -1.30 -2.11 11.68
N LEU G 441 -0.79 -2.44 10.48
CA LEU G 441 0.39 -3.29 10.36
C LEU G 441 1.62 -2.63 10.96
N LEU G 442 1.82 -1.33 10.68
CA LEU G 442 3.00 -0.65 11.18
C LEU G 442 2.98 -0.53 12.70
N VAL G 443 1.80 -0.26 13.28
CA VAL G 443 1.68 -0.19 14.73
C VAL G 443 2.02 -1.51 15.39
N LEU G 444 1.50 -2.63 14.85
CA LEU G 444 1.76 -3.95 15.46
C LEU G 444 3.24 -4.33 15.40
N LEU G 445 3.88 -4.17 14.23
CA LEU G 445 5.28 -4.55 14.11
C LEU G 445 6.19 -3.67 14.95
N GLU G 446 5.86 -2.38 15.07
CA GLU G 446 6.71 -1.48 15.84
C GLU G 446 6.61 -1.79 17.33
N ASN G 447 5.40 -2.18 17.80
CA ASN G 447 5.23 -2.60 19.19
C ASN G 447 6.05 -3.84 19.52
N GLU G 448 6.05 -4.83 18.61
CA GLU G 448 6.82 -6.04 18.85
C GLU G 448 8.33 -5.77 18.89
N ARG G 449 8.83 -4.91 17.99
CA ARG G 449 10.24 -4.53 18.01
C ARG G 449 10.63 -3.79 19.28
N THR G 450 9.76 -2.91 19.79
CA THR G 450 10.05 -2.17 21.02
C THR G 450 10.18 -3.11 22.22
N LEU G 451 9.27 -4.09 22.34
CA LEU G 451 9.31 -5.01 23.47
C LEU G 451 10.58 -5.89 23.43
N ASP G 452 10.93 -6.39 22.23
CA ASP G 452 12.16 -7.18 22.09
C ASP G 452 13.40 -6.36 22.41
N PHE G 453 13.41 -5.07 22.04
CA PHE G 453 14.54 -4.19 22.31
C PHE G 453 14.75 -3.97 23.81
N HIS G 454 13.65 -3.79 24.56
CA HIS G 454 13.77 -3.66 26.02
C HIS G 454 14.32 -4.92 26.67
N ASP G 455 13.84 -6.10 26.23
CA ASP G 455 14.34 -7.36 26.79
C ASP G 455 15.83 -7.55 26.50
N SER G 456 16.28 -7.18 25.30
CA SER G 456 17.69 -7.29 24.94
C SER G 456 18.54 -6.36 25.80
N ASN G 457 18.05 -5.14 26.09
CA ASN G 457 18.81 -4.20 26.91
C ASN G 457 19.02 -4.73 28.34
N VAL G 458 17.99 -5.33 28.93
CA VAL G 458 18.14 -5.92 30.26
C VAL G 458 19.16 -7.07 30.24
N LYS G 459 19.13 -7.88 29.17
CA LYS G 459 20.09 -8.97 29.03
C LYS G 459 21.54 -8.46 28.91
N ASN G 460 21.74 -7.34 28.19
CA ASN G 460 23.09 -6.77 28.11
C ASN G 460 23.59 -6.28 29.46
N LEU G 461 22.73 -5.66 30.28
CA LEU G 461 23.20 -5.25 31.61
C LEU G 461 23.57 -6.43 32.50
N TYR G 462 22.78 -7.51 32.45
CA TYR G 462 23.11 -8.71 33.23
C TYR G 462 24.43 -9.32 32.77
N GLU G 463 24.66 -9.37 31.45
CA GLU G 463 25.91 -9.89 30.91
C GLU G 463 27.11 -9.05 31.34
N LYS G 464 26.95 -7.72 31.34
CA LYS G 464 28.06 -6.84 31.70
C LYS G 464 28.44 -6.98 33.19
N VAL G 465 27.43 -7.05 34.06
CA VAL G 465 27.71 -7.18 35.50
C VAL G 465 28.34 -8.55 35.79
N LYS G 466 27.85 -9.60 35.12
CA LYS G 466 28.46 -10.92 35.26
C LYS G 466 29.91 -10.95 34.80
N ASN G 467 30.21 -10.30 33.67
CA ASN G 467 31.56 -10.30 33.12
C ASN G 467 32.51 -9.51 34.01
N GLN G 468 32.02 -8.47 34.66
CA GLN G 468 32.90 -7.72 35.57
C GLN G 468 33.15 -8.51 36.85
N LEU G 469 32.11 -9.14 37.41
CA LEU G 469 32.28 -9.78 38.71
C LEU G 469 33.07 -11.09 38.62
N ARG G 470 32.80 -11.91 37.59
CA ARG G 470 33.35 -13.27 37.43
C ARG G 470 33.12 -14.16 38.65
N ASN G 471 34.19 -14.72 39.19
CA ASN G 471 34.11 -15.84 40.12
C ASN G 471 33.83 -15.36 41.56
N ASN G 472 34.05 -14.08 41.84
CA ASN G 472 33.91 -13.57 43.21
C ASN G 472 32.48 -13.52 43.69
N ALA G 473 31.49 -13.63 42.79
CA ALA G 473 30.09 -13.64 43.16
C ALA G 473 29.46 -14.93 42.66
N LYS G 474 28.46 -15.39 43.40
CA LYS G 474 27.75 -16.61 43.10
C LYS G 474 26.41 -16.27 42.49
N GLU G 475 26.08 -16.90 41.37
CA GLU G 475 24.78 -16.71 40.75
C GLU G 475 23.73 -17.51 41.51
N LEU G 476 22.68 -16.84 41.95
CA LEU G 476 21.58 -17.50 42.64
C LEU G 476 20.50 -17.94 41.67
N GLY G 477 20.75 -17.86 40.38
CA GLY G 477 19.66 -17.75 39.44
C GLY G 477 19.07 -16.36 39.59
N ASN G 478 17.80 -16.25 39.18
CA ASN G 478 16.85 -15.13 39.45
C ASN G 478 17.44 -13.72 39.29
N GLY G 479 18.44 -13.56 38.42
CA GLY G 479 19.03 -12.27 38.15
C GLY G 479 19.73 -11.60 39.31
N CYS G 480 20.41 -12.38 40.16
CA CYS G 480 21.06 -11.83 41.34
C CYS G 480 22.44 -12.46 41.55
N PHE G 481 23.27 -11.77 42.31
CA PHE G 481 24.62 -12.20 42.61
C PHE G 481 24.88 -12.05 44.10
N GLU G 482 25.47 -13.08 44.72
CA GLU G 482 25.90 -13.03 46.12
C GLU G 482 27.39 -12.82 46.18
N PHE G 483 27.81 -11.76 46.87
CA PHE G 483 29.23 -11.48 47.00
C PHE G 483 29.83 -12.41 48.05
N TYR G 484 30.90 -13.12 47.66
CA TYR G 484 31.63 -13.94 48.62
C TYR G 484 32.42 -13.08 49.61
N HIS G 485 32.99 -11.98 49.14
CA HIS G 485 33.77 -11.11 50.00
C HIS G 485 32.89 -10.04 50.60
N LYS G 486 33.49 -9.09 51.31
CA LYS G 486 32.78 -7.99 51.94
C LYS G 486 32.74 -6.81 50.97
N CYS G 487 31.55 -6.47 50.52
CA CYS G 487 31.36 -5.45 49.48
C CYS G 487 30.60 -4.28 50.08
N ASP G 488 31.30 -3.19 50.34
CA ASP G 488 30.70 -1.98 50.87
C ASP G 488 30.09 -1.14 49.75
N ASN G 489 29.82 0.12 50.06
CA ASN G 489 29.13 0.99 49.11
C ASN G 489 29.99 1.29 47.88
N GLU G 490 31.24 1.72 48.09
CA GLU G 490 32.12 2.05 46.97
C GLU G 490 32.42 0.83 46.11
N CYS G 491 32.41 -0.36 46.72
CA CYS G 491 32.38 -1.60 45.97
C CYS G 491 31.14 -1.71 45.08
N MET G 492 29.99 -1.18 45.54
CA MET G 492 28.79 -1.29 44.72
C MET G 492 28.81 -0.32 43.55
N GLU G 493 29.22 0.94 43.76
CA GLU G 493 29.33 1.81 42.57
C GLU G 493 30.53 1.45 41.71
N SER G 494 31.47 0.65 42.20
CA SER G 494 32.53 0.14 41.35
C SER G 494 31.98 -0.76 40.23
N VAL G 495 31.05 -1.65 40.57
CA VAL G 495 30.47 -2.50 39.54
C VAL G 495 29.33 -1.77 38.84
N LYS G 496 28.79 -0.73 39.48
CA LYS G 496 27.74 0.05 38.83
C LYS G 496 28.25 0.92 37.70
N ASN G 497 29.37 1.62 37.87
CA ASN G 497 29.81 2.52 36.80
C ASN G 497 30.86 1.91 35.88
N GLY G 498 31.19 0.63 36.05
CA GLY G 498 31.99 -0.08 35.07
C GLY G 498 33.45 -0.27 35.40
N THR G 499 33.90 0.13 36.60
CA THR G 499 35.30 0.01 36.98
C THR G 499 35.38 -0.84 38.26
N TYR G 500 35.43 -2.16 38.09
CA TYR G 500 35.54 -3.09 39.20
C TYR G 500 36.85 -3.85 39.07
N ASP G 501 37.77 -3.60 39.99
CA ASP G 501 39.09 -4.21 39.92
C ASP G 501 39.06 -5.57 40.59
N TYR G 502 39.46 -6.59 39.83
CA TYR G 502 39.46 -7.98 40.30
C TYR G 502 40.35 -8.28 41.51
N PRO G 503 41.66 -7.91 41.54
CA PRO G 503 42.56 -8.65 42.44
C PRO G 503 42.43 -8.34 43.93
N LYS G 504 41.98 -7.14 44.30
CA LYS G 504 42.04 -6.76 45.72
C LYS G 504 40.95 -7.43 46.54
N TYR G 505 39.91 -7.96 45.89
CA TYR G 505 38.93 -8.78 46.58
C TYR G 505 39.06 -10.25 46.23
N SER G 506 40.12 -10.65 45.56
CA SER G 506 40.23 -12.02 45.05
C SER G 506 40.60 -13.01 46.14
N GLU G 507 41.50 -12.61 47.05
CA GLU G 507 42.07 -13.55 48.01
C GLU G 507 41.05 -13.95 49.07
N GLU G 508 40.32 -12.96 49.60
CA GLU G 508 39.28 -13.25 50.58
C GLU G 508 38.13 -14.05 49.95
N SER G 509 37.83 -13.76 48.69
CA SER G 509 36.81 -14.54 47.97
C SER G 509 37.26 -15.98 47.78
N LYS G 510 38.54 -16.20 47.46
CA LYS G 510 39.06 -17.55 47.32
C LYS G 510 39.01 -18.31 48.65
N LEU G 511 39.32 -17.62 49.75
CA LEU G 511 39.24 -18.24 51.07
C LEU G 511 37.79 -18.61 51.41
N ASN G 512 36.85 -17.73 51.09
CA ASN G 512 35.45 -17.98 51.43
C ASN G 512 34.82 -19.04 50.52
N ARG G 513 35.32 -19.19 49.30
CA ARG G 513 34.88 -20.30 48.46
C ARG G 513 35.45 -21.62 48.96
N GLU G 514 36.75 -21.64 49.30
CA GLU G 514 37.40 -22.89 49.64
C GLU G 514 37.02 -23.37 51.03
N LYS G 515 36.59 -22.45 51.90
CA LYS G 515 36.09 -22.87 53.21
C LYS G 515 34.70 -23.48 53.11
N ILE G 516 33.93 -23.09 52.10
CA ILE G 516 32.58 -23.61 51.91
C ILE G 516 32.64 -24.86 51.02
N GLN H 1 5.86 32.86 47.33
CA GLN H 1 6.73 33.60 46.44
C GLN H 1 8.16 33.07 46.49
N VAL H 2 8.65 32.58 45.37
CA VAL H 2 10.01 32.08 45.27
C VAL H 2 10.87 33.17 44.63
N GLN H 3 12.05 33.40 45.20
CA GLN H 3 12.95 34.45 44.75
C GLN H 3 14.36 33.90 44.60
N LEU H 4 15.05 34.33 43.55
CA LEU H 4 16.40 33.89 43.26
C LEU H 4 17.32 35.09 43.12
N GLN H 5 18.47 35.03 43.78
CA GLN H 5 19.44 36.11 43.80
C GLN H 5 20.83 35.56 43.53
N GLU H 6 21.58 36.25 42.67
CA GLU H 6 22.92 35.84 42.28
C GLU H 6 23.95 36.78 42.92
N SER H 7 25.07 36.20 43.34
CA SER H 7 26.19 36.96 43.89
C SER H 7 27.50 36.32 43.46
N GLY H 8 28.48 37.17 43.12
CA GLY H 8 29.77 36.69 42.72
C GLY H 8 30.75 37.80 42.39
N PRO H 9 32.01 37.44 42.10
CA PRO H 9 33.01 38.44 41.72
C PRO H 9 32.88 38.87 40.28
N GLY H 10 32.93 40.17 40.02
CA GLY H 10 32.80 40.65 38.66
C GLY H 10 34.05 40.46 37.83
N LEU H 11 35.22 40.50 38.48
CA LEU H 11 36.50 40.46 37.79
C LEU H 11 37.19 39.13 38.05
N VAL H 12 37.63 38.48 36.99
CA VAL H 12 38.44 37.27 37.07
C VAL H 12 39.56 37.36 36.03
N LYS H 13 40.77 37.00 36.44
CA LYS H 13 41.90 36.99 35.54
C LYS H 13 41.85 35.74 34.66
N PRO H 14 42.49 35.78 33.48
CA PRO H 14 42.54 34.58 32.64
C PRO H 14 43.30 33.43 33.30
N SER H 15 42.91 32.20 32.94
CA SER H 15 43.37 30.90 33.41
C SER H 15 43.04 30.64 34.88
N GLU H 16 42.13 31.39 35.48
CA GLU H 16 41.68 31.13 36.83
C GLU H 16 40.31 30.45 36.81
N THR H 17 39.72 30.30 37.99
CA THR H 17 38.44 29.61 38.15
C THR H 17 37.38 30.59 38.60
N LEU H 18 36.25 30.59 37.89
CA LEU H 18 35.14 31.50 38.16
C LEU H 18 34.06 30.80 38.98
N SER H 19 33.56 31.49 40.01
CA SER H 19 32.61 30.91 40.94
C SER H 19 31.44 31.87 41.16
N LEU H 20 30.22 31.33 41.06
CA LEU H 20 29.01 32.08 41.36
C LEU H 20 28.11 31.26 42.26
N THR H 21 27.28 31.96 43.04
CA THR H 21 26.34 31.35 43.97
C THR H 21 24.98 31.99 43.79
N CYS H 22 23.96 31.16 43.58
CA CYS H 22 22.57 31.61 43.42
C CYS H 22 21.81 31.24 44.69
N THR H 23 21.72 32.18 45.62
CA THR H 23 20.97 31.96 46.86
C THR H 23 19.47 32.00 46.56
N VAL H 24 18.76 30.97 47.03
CA VAL H 24 17.34 30.81 46.77
C VAL H 24 16.59 30.96 48.08
N SER H 25 15.52 31.78 48.06
CA SER H 25 14.68 31.98 49.22
C SER H 25 13.22 31.81 48.82
N GLY H 26 12.43 31.28 49.75
CA GLY H 26 11.01 31.09 49.54
C GLY H 26 10.58 29.66 49.25
N ALA H 27 11.52 28.78 48.90
CA ALA H 27 11.18 27.39 48.60
C ALA H 27 12.37 26.50 48.89
N SER H 28 12.10 25.22 49.02
CA SER H 28 13.16 24.24 49.25
C SER H 28 13.94 23.99 47.96
N VAL H 29 15.18 23.51 48.12
CA VAL H 29 16.02 23.25 46.97
C VAL H 29 15.74 21.87 46.38
N SER H 30 15.06 21.00 47.14
CA SER H 30 14.93 19.60 46.73
C SER H 30 13.91 19.41 45.63
N SER H 31 12.93 20.31 45.53
CA SER H 31 11.78 20.11 44.65
C SER H 31 11.97 20.70 43.26
N TYR H 32 13.18 21.10 42.88
CA TYR H 32 13.39 21.78 41.61
C TYR H 32 14.64 21.24 40.91
N PHE H 33 14.56 21.20 39.59
CA PHE H 33 15.75 21.17 38.75
C PHE H 33 16.37 22.56 38.74
N TRP H 34 17.70 22.63 38.75
CA TRP H 34 18.42 23.89 38.79
C TRP H 34 19.36 23.97 37.59
N SER H 35 19.29 25.07 36.85
CA SER H 35 20.06 25.24 35.62
C SER H 35 20.81 26.56 35.63
N TRP H 36 21.92 26.59 34.90
CA TRP H 36 22.67 27.83 34.67
C TRP H 36 22.63 28.17 33.19
N ILE H 37 22.34 29.43 32.87
CA ILE H 37 22.28 29.92 31.49
C ILE H 37 23.11 31.18 31.38
N ARG H 38 24.05 31.21 30.43
CA ARG H 38 24.87 32.39 30.20
C ARG H 38 24.50 33.03 28.87
N GLN H 39 24.76 34.33 28.77
CA GLN H 39 24.45 35.10 27.56
C GLN H 39 25.58 36.10 27.30
N PRO H 40 26.25 36.01 26.15
CA PRO H 40 27.21 37.06 25.78
C PRO H 40 26.48 38.35 25.43
N ALA H 41 27.24 39.45 25.45
CA ALA H 41 26.70 40.77 25.14
C ALA H 41 26.25 40.86 23.68
N GLY H 42 24.95 41.00 23.46
CA GLY H 42 24.39 41.10 22.13
C GLY H 42 24.49 39.83 21.30
N LYS H 43 24.29 38.69 21.93
CA LYS H 43 24.30 37.41 21.23
C LYS H 43 23.16 36.55 21.79
N ALA H 44 23.17 35.27 21.42
CA ALA H 44 22.10 34.36 21.81
C ALA H 44 22.36 33.75 23.19
N LEU H 45 21.28 33.28 23.80
CA LEU H 45 21.38 32.57 25.07
C LEU H 45 22.01 31.20 24.87
N GLU H 46 22.80 30.76 25.84
CA GLU H 46 23.49 29.49 25.77
C GLU H 46 23.28 28.74 27.09
N TRP H 47 22.95 27.45 26.98
CA TRP H 47 22.67 26.61 28.14
C TRP H 47 23.96 25.95 28.63
N ILE H 48 24.17 25.96 29.94
CA ILE H 48 25.38 25.39 30.52
C ILE H 48 25.09 24.00 31.07
N GLY H 49 24.21 23.91 32.07
CA GLY H 49 23.93 22.62 32.66
C GLY H 49 22.86 22.69 33.72
N ARG H 50 22.48 21.47 34.22
CA ARG H 50 21.40 21.29 35.23
C ARG H 50 21.80 20.33 36.35
N ILE H 51 21.14 20.37 37.51
CA ILE H 51 21.40 19.44 38.66
C ILE H 51 20.10 19.24 39.43
N TYR H 52 19.90 18.08 40.05
CA TYR H 52 18.73 17.85 40.92
C TYR H 52 19.27 17.44 42.28
N THR H 53 18.42 17.33 43.30
CA THR H 53 18.91 17.04 44.69
C THR H 53 19.74 15.77 44.81
N SER H 54 19.27 14.63 44.31
CA SER H 54 19.99 13.35 44.55
C SER H 54 21.39 13.47 43.96
N GLY H 55 21.51 14.01 42.77
CA GLY H 55 22.86 14.31 42.26
C GLY H 55 23.25 13.75 40.91
N ASN H 56 23.05 14.53 39.86
CA ASN H 56 23.57 14.18 38.53
C ASN H 56 23.71 15.52 37.81
N THR H 57 24.84 15.81 37.16
CA THR H 57 24.93 17.07 36.40
C THR H 57 24.98 16.73 34.93
N LYS H 58 23.95 17.11 34.18
CA LYS H 58 24.03 16.94 32.72
C LYS H 58 24.34 18.32 32.17
N SER H 59 25.48 18.45 31.52
CA SER H 59 26.00 19.70 31.00
C SER H 59 26.07 19.69 29.48
N ASN H 60 26.34 20.87 28.93
CA ASN H 60 26.54 21.04 27.50
C ASN H 60 27.82 20.31 27.08
N PRO H 61 27.81 19.57 25.96
CA PRO H 61 29.04 18.90 25.51
C PRO H 61 30.18 19.84 25.13
N SER H 62 29.88 21.08 24.74
CA SER H 62 30.94 22.03 24.44
C SER H 62 31.64 22.51 25.71
N LEU H 63 30.91 22.62 26.81
CA LEU H 63 31.45 23.07 28.08
C LEU H 63 31.48 21.96 29.13
N GLU H 64 31.61 20.70 28.71
CA GLU H 64 31.48 19.59 29.65
C GLU H 64 32.71 19.45 30.54
N SER H 65 33.90 19.67 29.97
CA SER H 65 35.13 19.38 30.69
C SER H 65 35.44 20.43 31.74
N ARG H 66 34.92 21.65 31.60
CA ARG H 66 35.32 22.77 32.42
C ARG H 66 34.26 23.23 33.41
N VAL H 67 33.20 22.47 33.61
CA VAL H 67 32.08 22.90 34.44
C VAL H 67 32.00 22.00 35.67
N THR H 68 31.57 22.56 36.79
CA THR H 68 31.34 21.83 38.02
C THR H 68 30.20 22.51 38.77
N MET H 69 29.17 21.74 39.09
CA MET H 69 27.92 22.28 39.63
C MET H 69 27.59 21.53 40.91
N SER H 70 27.11 22.26 41.91
CA SER H 70 26.84 21.67 43.21
C SER H 70 25.72 22.43 43.88
N LEU H 71 25.12 21.80 44.89
CA LEU H 71 24.01 22.40 45.62
C LEU H 71 24.07 21.97 47.07
N ASP H 72 23.70 22.88 47.97
CA ASP H 72 23.73 22.65 49.41
C ASP H 72 22.36 22.99 49.98
N ALA H 73 21.77 22.04 50.72
CA ALA H 73 20.42 22.22 51.23
C ALA H 73 20.41 22.92 52.58
N SER H 74 21.56 22.97 53.25
CA SER H 74 21.62 23.62 54.57
C SER H 74 21.52 25.13 54.45
N LYS H 75 22.24 25.73 53.51
CA LYS H 75 22.19 27.16 53.27
C LYS H 75 21.29 27.54 52.11
N ASP H 76 20.63 26.55 51.47
CA ASP H 76 19.80 26.72 50.28
C ASP H 76 20.55 27.41 49.15
N GLN H 77 21.72 26.87 48.82
CA GLN H 77 22.62 27.52 47.88
C GLN H 77 22.93 26.62 46.69
N PHE H 78 23.23 27.26 45.57
CA PHE H 78 23.48 26.62 44.29
C PHE H 78 24.72 27.24 43.67
N SER H 79 25.68 26.42 43.26
CA SER H 79 27.00 26.94 42.92
C SER H 79 27.38 26.58 41.50
N LEU H 80 28.26 27.40 40.93
CA LEU H 80 28.88 27.14 39.64
C LEU H 80 30.39 27.28 39.76
N LYS H 81 31.12 26.40 39.07
CA LYS H 81 32.59 26.41 39.07
C LYS H 81 33.06 26.22 37.63
N LEU H 82 33.52 27.31 37.01
CA LEU H 82 34.01 27.28 35.64
C LEU H 82 35.52 27.42 35.64
N THR H 83 36.23 26.39 35.16
CA THR H 83 37.68 26.40 35.19
C THR H 83 38.24 26.75 33.80
N SER H 84 39.50 27.20 33.82
CA SER H 84 40.27 27.67 32.66
C SER H 84 39.52 28.72 31.85
N VAL H 85 39.23 29.87 32.46
CA VAL H 85 38.42 30.91 31.86
C VAL H 85 39.19 31.58 30.72
N THR H 86 38.45 32.11 29.77
CA THR H 86 38.98 32.73 28.56
C THR H 86 38.22 34.05 28.37
N ALA H 87 38.70 34.90 27.45
CA ALA H 87 38.01 36.15 27.16
C ALA H 87 36.66 35.94 26.47
N ALA H 88 36.41 34.73 25.94
CA ALA H 88 35.10 34.43 25.35
C ALA H 88 34.04 34.19 26.42
N ASP H 89 34.44 34.04 27.68
CA ASP H 89 33.51 33.76 28.76
C ASP H 89 32.93 35.01 29.41
N THR H 90 33.06 36.17 28.77
CA THR H 90 32.41 37.39 29.24
C THR H 90 30.91 37.29 28.98
N ALA H 91 30.11 37.25 30.05
CA ALA H 91 28.69 36.97 29.87
C ALA H 91 27.90 37.46 31.07
N VAL H 92 26.59 37.57 30.86
CA VAL H 92 25.64 37.69 31.96
C VAL H 92 25.09 36.31 32.29
N TYR H 93 25.11 35.95 33.58
CA TYR H 93 24.77 34.61 34.04
C TYR H 93 23.45 34.66 34.80
N TYR H 94 22.56 33.71 34.50
CA TYR H 94 21.29 33.55 35.18
C TYR H 94 21.14 32.14 35.73
N CYS H 95 20.48 32.04 36.88
CA CYS H 95 20.11 30.77 37.48
C CYS H 95 18.61 30.56 37.34
N ALA H 96 18.21 29.38 36.90
CA ALA H 96 16.82 29.07 36.61
C ALA H 96 16.38 27.83 37.36
N ALA H 97 15.09 27.79 37.70
CA ALA H 97 14.52 26.71 38.47
C ALA H 97 13.32 26.14 37.74
N GLY H 98 13.20 24.82 37.74
CA GLY H 98 12.05 24.16 37.13
C GLY H 98 11.44 23.11 38.03
N ARG H 99 10.16 22.80 37.85
CA ARG H 99 9.47 21.87 38.74
C ARG H 99 9.90 20.44 38.49
N LEU H 100 10.03 19.68 39.58
CA LEU H 100 10.44 18.27 39.55
C LEU H 100 9.29 17.43 40.10
N ASP H 101 8.87 16.43 39.33
CA ASP H 101 7.88 15.46 39.79
C ASP H 101 8.56 14.12 39.95
N TYR H 102 8.49 13.56 41.16
CA TYR H 102 9.20 12.32 41.44
C TYR H 102 8.50 11.11 40.83
N SER H 103 7.20 11.22 40.56
CA SER H 103 6.48 10.14 39.92
C SER H 103 6.83 10.02 38.44
N ASP H 104 7.23 11.13 37.82
CA ASP H 104 7.55 11.15 36.40
C ASP H 104 8.97 10.62 36.21
N THR H 105 9.07 9.39 35.71
CA THR H 105 10.38 8.79 35.45
C THR H 105 11.05 9.43 34.25
N THR H 106 10.27 9.74 33.21
CA THR H 106 10.81 10.17 31.93
C THR H 106 11.39 11.59 32.00
N GLY H 107 10.94 12.39 32.96
CA GLY H 107 11.38 13.79 33.03
C GLY H 107 12.82 13.97 33.44
N TYR H 108 13.46 12.92 33.96
CA TYR H 108 14.89 12.96 34.21
C TYR H 108 15.72 12.90 32.94
N TYR H 109 15.13 12.50 31.81
CA TYR H 109 15.87 12.33 30.56
C TYR H 109 15.37 13.23 29.44
N LYS H 110 14.93 14.43 29.77
CA LYS H 110 14.70 15.52 28.83
C LYS H 110 15.25 16.77 29.49
N PRO H 111 15.52 17.83 28.71
CA PRO H 111 15.94 19.11 29.30
C PRO H 111 14.89 19.66 30.26
N PRO H 112 15.32 20.29 31.35
CA PRO H 112 14.38 20.66 32.40
C PRO H 112 13.58 21.89 32.01
N PRO H 113 12.40 22.07 32.60
CA PRO H 113 11.66 23.32 32.36
C PRO H 113 12.33 24.50 33.01
N LEU H 114 12.08 25.68 32.46
CA LEU H 114 12.67 26.93 32.92
C LEU H 114 11.53 27.83 33.38
N ASP H 115 11.30 27.91 34.69
CA ASP H 115 10.12 28.57 35.23
C ASP H 115 10.47 29.90 35.89
N TYR H 116 11.34 29.90 36.90
CA TYR H 116 11.68 31.12 37.63
C TYR H 116 13.12 31.50 37.31
N TRP H 117 13.31 32.70 36.80
CA TRP H 117 14.63 33.19 36.44
C TRP H 117 15.19 34.03 37.59
N GLY H 118 16.40 34.55 37.40
CA GLY H 118 17.04 35.38 38.40
C GLY H 118 17.55 36.66 37.79
N GLN H 119 18.08 37.53 38.66
CA GLN H 119 18.50 38.87 38.26
C GLN H 119 19.72 38.89 37.37
N GLY H 120 20.60 37.89 37.46
CA GLY H 120 21.76 37.82 36.59
C GLY H 120 22.97 38.57 37.12
N ALA H 121 24.16 38.06 36.84
CA ALA H 121 25.41 38.68 37.26
C ALA H 121 26.35 38.80 36.06
N LEU H 122 27.02 39.94 35.95
CA LEU H 122 27.94 40.19 34.86
C LEU H 122 29.34 39.72 35.22
N VAL H 123 29.97 38.96 34.32
CA VAL H 123 31.33 38.46 34.51
C VAL H 123 32.14 38.86 33.28
N THR H 124 33.22 39.59 33.51
CA THR H 124 34.19 39.90 32.46
C THR H 124 35.54 39.31 32.81
N VAL H 125 36.30 38.93 31.78
CA VAL H 125 37.59 38.27 31.95
C VAL H 125 38.65 39.20 31.38
N SER H 126 39.51 39.72 32.25
CA SER H 126 40.58 40.63 31.83
C SER H 126 41.73 40.57 32.82
N ASP I 1 23.65 19.53 17.47
CA ASP I 1 22.48 19.94 18.23
C ASP I 1 21.29 20.18 17.31
N VAL I 2 20.26 20.83 17.84
CA VAL I 2 19.07 21.20 17.07
C VAL I 2 19.15 22.68 16.75
N VAL I 3 19.11 23.00 15.47
CA VAL I 3 19.25 24.38 15.00
C VAL I 3 17.87 24.99 14.86
N MET I 4 17.65 26.14 15.50
CA MET I 4 16.38 26.85 15.47
C MET I 4 16.55 28.15 14.71
N THR I 5 15.66 28.40 13.75
CA THR I 5 15.70 29.60 12.93
C THR I 5 14.43 30.41 13.18
N GLN I 6 14.60 31.71 13.43
CA GLN I 6 13.48 32.61 13.65
C GLN I 6 13.37 33.60 12.49
N SER I 7 12.13 33.99 12.19
CA SER I 7 11.86 34.97 11.16
C SER I 7 10.75 35.91 11.60
N PRO I 8 10.95 37.23 11.41
CA PRO I 8 12.15 37.89 10.91
C PRO I 8 13.10 38.34 12.02
N LEU I 9 14.22 38.98 11.66
CA LEU I 9 15.13 39.49 12.68
C LEU I 9 14.56 40.72 13.36
N SER I 10 14.01 41.66 12.59
CA SER I 10 13.39 42.85 13.13
C SER I 10 12.00 43.00 12.52
N LEU I 11 11.01 43.27 13.36
CA LEU I 11 9.62 43.40 12.93
C LEU I 11 9.04 44.68 13.51
N PRO I 12 9.22 45.81 12.82
CA PRO I 12 8.59 47.06 13.29
C PRO I 12 7.10 47.06 13.01
N VAL I 13 6.32 47.28 14.06
CA VAL I 13 4.86 47.29 13.97
C VAL I 13 4.33 48.57 14.59
N THR I 14 3.19 49.02 14.08
CA THR I 14 2.48 50.18 14.61
C THR I 14 1.51 49.71 15.69
N LEU I 15 1.27 50.57 16.69
CA LEU I 15 0.36 50.27 17.78
C LEU I 15 -1.04 49.98 17.27
N GLY I 16 -1.61 48.88 17.74
CA GLY I 16 -2.91 48.44 17.29
C GLY I 16 -2.91 47.49 16.12
N GLN I 17 -1.76 46.90 15.76
CA GLN I 17 -1.68 46.00 14.63
C GLN I 17 -1.13 44.64 15.06
N PRO I 18 -1.53 43.56 14.41
CA PRO I 18 -1.00 42.23 14.77
C PRO I 18 0.44 42.06 14.33
N ALA I 19 1.14 41.14 15.00
CA ALA I 19 2.52 40.78 14.67
C ALA I 19 2.68 39.27 14.80
N SER I 20 3.60 38.70 14.01
CA SER I 20 3.84 37.27 14.01
C SER I 20 5.32 36.97 13.91
N ILE I 21 5.79 36.00 14.69
CA ILE I 21 7.16 35.52 14.67
C ILE I 21 7.13 34.02 14.43
N SER I 22 7.96 33.57 13.48
CA SER I 22 8.00 32.16 13.10
C SER I 22 9.28 31.51 13.59
N CYS I 23 9.16 30.30 14.14
CA CYS I 23 10.29 29.51 14.63
C CYS I 23 10.26 28.14 13.95
N ARG I 24 11.41 27.72 13.42
CA ARG I 24 11.54 26.47 12.69
C ARG I 24 12.71 25.66 13.26
N SER I 25 12.51 24.35 13.35
CA SER I 25 13.49 23.44 13.92
C SER I 25 13.90 22.40 12.88
N SER I 26 15.13 21.90 13.01
CA SER I 26 15.66 20.95 12.05
C SER I 26 15.06 19.56 12.26
N GLN I 27 14.81 19.18 13.51
CA GLN I 27 14.26 17.88 13.83
C GLN I 27 12.86 18.04 14.43
N GLY I 28 12.10 16.95 14.41
CA GLY I 28 10.82 16.96 15.08
C GLY I 28 10.98 17.01 16.59
N LEU I 29 10.04 17.67 17.26
CA LEU I 29 10.13 17.92 18.68
C LEU I 29 9.15 17.08 19.50
N ALA I 30 8.51 16.09 18.89
CA ALA I 30 7.59 15.24 19.65
C ALA I 30 8.36 14.29 20.55
N PHE I 31 7.85 14.14 21.78
CA PHE I 31 8.48 13.33 22.81
C PHE I 31 7.67 12.06 23.01
N LEU I 32 8.25 11.11 23.74
CA LEU I 32 7.61 9.80 23.89
C LEU I 32 6.50 9.83 24.94
N ASP I 33 6.37 10.92 25.69
CA ASP I 33 5.24 11.05 26.59
C ASP I 33 4.01 11.62 25.89
N GLY I 34 4.19 12.17 24.70
CA GLY I 34 3.10 12.72 23.92
C GLY I 34 3.03 14.24 23.84
N ASN I 35 4.13 14.95 24.08
CA ASN I 35 4.14 16.40 24.09
C ASN I 35 5.26 16.91 23.19
N THR I 36 5.33 18.24 23.05
CA THR I 36 6.27 18.85 22.11
C THR I 36 7.36 19.68 22.78
N TYR I 37 7.03 20.40 23.87
CA TYR I 37 7.99 21.17 24.69
C TYR I 37 8.72 22.25 23.88
N LEU I 38 7.95 23.27 23.49
CA LEU I 38 8.48 24.50 22.90
C LEU I 38 8.15 25.63 23.85
N SER I 39 9.08 26.55 24.07
CA SER I 39 8.76 27.71 24.89
C SER I 39 9.17 29.00 24.20
N TRP I 40 8.36 30.03 24.41
CA TRP I 40 8.58 31.37 23.88
C TRP I 40 8.81 32.32 25.05
N PHE I 41 9.96 32.99 25.04
CA PHE I 41 10.41 33.93 26.06
C PHE I 41 10.44 35.35 25.52
N GLN I 42 10.27 36.29 26.46
CA GLN I 42 10.36 37.72 26.20
C GLN I 42 11.47 38.32 27.05
N GLN I 43 12.26 39.20 26.46
CA GLN I 43 13.31 39.93 27.17
C GLN I 43 13.14 41.42 26.90
N ARG I 44 12.89 42.18 27.96
CA ARG I 44 12.87 43.63 27.90
C ARG I 44 14.31 44.14 27.97
N PRO I 45 14.57 45.36 27.49
CA PRO I 45 15.93 45.90 27.57
C PRO I 45 16.37 46.18 29.00
N GLY I 46 17.54 45.63 29.35
CA GLY I 46 18.09 45.76 30.68
C GLY I 46 17.33 45.03 31.77
N GLN I 47 16.88 43.81 31.48
CA GLN I 47 16.08 43.06 32.43
C GLN I 47 16.20 41.58 32.11
N SER I 48 15.86 40.74 33.10
CA SER I 48 15.97 39.31 32.97
C SER I 48 14.89 38.77 32.04
N PRO I 49 15.14 37.64 31.35
CA PRO I 49 14.10 37.02 30.55
C PRO I 49 13.00 36.41 31.41
N ARG I 50 11.76 36.54 30.91
CA ARG I 50 10.61 35.90 31.50
C ARG I 50 9.88 35.14 30.40
N ARG I 51 9.08 34.15 30.78
CA ARG I 51 8.46 33.20 29.84
C ARG I 51 7.07 33.60 29.48
N LEU I 52 6.71 33.42 28.21
CA LEU I 52 5.36 33.69 27.73
C LEU I 52 4.58 32.42 27.42
N ILE I 53 5.14 31.52 26.63
CA ILE I 53 4.42 30.33 26.18
C ILE I 53 5.20 29.09 26.58
N TYR I 54 4.55 28.15 27.28
CA TYR I 54 5.14 26.83 27.63
C TYR I 54 4.35 25.80 26.89
N LYS I 55 4.99 24.89 26.21
CA LYS I 55 4.39 23.88 25.30
C LYS I 55 3.89 24.62 24.08
N VAL I 56 3.17 23.99 23.18
CA VAL I 56 2.77 24.63 21.94
C VAL I 56 1.75 25.75 22.18
N SER I 57 0.71 25.46 22.94
CA SER I 57 -0.43 26.35 23.05
C SER I 57 -0.69 26.90 24.45
N ASN I 58 -0.13 26.29 25.50
CA ASN I 58 -0.45 26.71 26.85
C ASN I 58 0.23 28.04 27.18
N ARG I 59 -0.47 28.87 27.93
CA ARG I 59 -0.01 30.21 28.27
C ARG I 59 0.17 30.32 29.78
N ASP I 60 1.28 30.93 30.18
CA ASP I 60 1.64 31.04 31.59
C ASP I 60 0.73 32.03 32.31
N SER I 61 0.65 31.87 33.63
CA SER I 61 -0.13 32.77 34.46
C SER I 61 0.54 34.14 34.52
N GLY I 62 -0.27 35.19 34.49
CA GLY I 62 0.22 36.55 34.47
C GLY I 62 0.54 37.08 33.09
N VAL I 63 0.47 36.26 32.07
CA VAL I 63 0.71 36.66 30.68
C VAL I 63 -0.61 37.21 30.13
N PRO I 64 -0.60 38.35 29.43
CA PRO I 64 -1.84 38.87 28.86
C PRO I 64 -2.39 37.96 27.76
N ASP I 65 -3.69 38.12 27.50
CA ASP I 65 -4.40 37.24 26.57
C ASP I 65 -4.05 37.52 25.10
N ARG I 66 -3.30 38.59 24.82
CA ARG I 66 -3.01 38.95 23.44
C ARG I 66 -1.90 38.08 22.85
N PHE I 67 -1.20 37.31 23.67
CA PHE I 67 -0.13 36.41 23.22
C PHE I 67 -0.73 35.04 22.95
N SER I 68 -0.64 34.56 21.70
CA SER I 68 -1.13 33.23 21.36
C SER I 68 -0.13 32.53 20.46
N GLY I 69 0.24 31.30 20.82
CA GLY I 69 1.20 30.56 20.03
C GLY I 69 0.63 29.23 19.60
N SER I 70 0.92 28.86 18.37
CA SER I 70 0.47 27.54 17.89
C SER I 70 1.44 27.09 16.82
N GLY I 71 1.40 25.81 16.49
CA GLY I 71 2.24 25.24 15.46
C GLY I 71 2.30 23.74 15.62
N SER I 72 3.02 23.11 14.69
CA SER I 72 3.14 21.66 14.71
C SER I 72 4.37 21.23 13.93
N ARG I 73 4.73 19.95 14.14
CA ARG I 73 5.87 19.31 13.45
C ARG I 73 7.15 20.14 13.55
N THR I 74 7.49 20.83 12.48
CA THR I 74 8.73 21.60 12.46
C THR I 74 8.51 23.10 12.36
N ASP I 75 7.26 23.58 12.22
CA ASP I 75 7.03 25.01 12.09
C ASP I 75 6.04 25.50 13.14
N PHE I 76 6.39 26.62 13.80
CA PHE I 76 5.60 27.17 14.89
C PHE I 76 5.56 28.68 14.75
N THR I 77 4.52 29.30 15.34
CA THR I 77 4.31 30.73 15.20
C THR I 77 3.75 31.30 16.51
N LEU I 78 4.29 32.44 16.91
CA LEU I 78 3.75 33.25 18.01
C LEU I 78 3.11 34.50 17.41
N LYS I 79 1.89 34.79 17.84
CA LYS I 79 1.10 35.89 17.29
C LYS I 79 0.65 36.82 18.41
N ILE I 80 0.74 38.12 18.15
CA ILE I 80 0.28 39.17 19.05
C ILE I 80 -0.82 39.95 18.33
N SER I 81 -2.01 39.99 18.93
CA SER I 81 -3.14 40.65 18.30
C SER I 81 -3.03 42.16 18.37
N ARG I 82 -2.74 42.71 19.55
CA ARG I 82 -2.59 44.14 19.76
C ARG I 82 -1.21 44.42 20.32
N VAL I 83 -0.54 45.45 19.80
CA VAL I 83 0.81 45.78 20.21
C VAL I 83 0.76 47.06 21.03
N GLU I 84 1.32 46.99 22.24
CA GLU I 84 1.38 48.13 23.15
C GLU I 84 2.82 48.52 23.40
N ALA I 85 3.00 49.49 24.31
CA ALA I 85 4.34 49.95 24.65
C ALA I 85 5.09 48.97 25.53
N GLU I 86 4.39 48.07 26.21
CA GLU I 86 5.02 47.02 27.00
C GLU I 86 5.36 45.79 26.19
N ASP I 87 5.17 45.84 24.87
CA ASP I 87 5.48 44.74 23.97
C ASP I 87 6.81 44.88 23.28
N VAL I 88 7.63 45.85 23.69
CA VAL I 88 8.96 45.98 23.11
C VAL I 88 9.89 44.92 23.69
N GLY I 89 10.92 44.57 22.93
CA GLY I 89 11.94 43.68 23.41
C GLY I 89 12.27 42.61 22.38
N VAL I 90 12.96 41.58 22.85
CA VAL I 90 13.45 40.49 22.03
C VAL I 90 12.75 39.21 22.45
N TYR I 91 12.27 38.45 21.46
CA TYR I 91 11.52 37.23 21.68
C TYR I 91 12.33 36.04 21.21
N TYR I 92 12.30 34.95 21.98
CA TYR I 92 13.10 33.76 21.72
C TYR I 92 12.25 32.50 21.74
N CYS I 93 12.67 31.49 20.98
CA CYS I 93 12.05 30.17 21.03
C CYS I 93 13.10 29.12 21.40
N MET I 94 12.69 28.16 22.24
CA MET I 94 13.60 27.09 22.65
C MET I 94 12.86 25.76 22.71
N GLN I 95 13.60 24.69 22.45
CA GLN I 95 13.12 23.32 22.55
C GLN I 95 13.65 22.67 23.82
N GLY I 96 12.82 21.85 24.47
CA GLY I 96 13.20 21.18 25.68
C GLY I 96 13.07 19.67 25.57
N THR I 97 13.16 19.17 24.34
CA THR I 97 13.03 17.75 24.06
C THR I 97 14.36 17.03 23.95
N HIS I 98 15.27 17.52 23.14
CA HIS I 98 16.53 16.86 22.86
C HIS I 98 17.66 17.53 23.62
N TRP I 99 18.65 16.73 24.01
CA TRP I 99 19.89 17.25 24.58
C TRP I 99 20.80 17.76 23.46
N PRO I 100 21.42 18.93 23.61
CA PRO I 100 21.26 19.88 24.71
C PRO I 100 20.14 20.89 24.48
N LEU I 101 19.87 21.69 25.49
CA LEU I 101 18.84 22.71 25.43
C LEU I 101 19.31 23.87 24.55
N THR I 102 18.61 24.10 23.44
CA THR I 102 19.02 25.09 22.46
C THR I 102 17.99 26.22 22.38
N PHE I 103 18.48 27.45 22.34
CA PHE I 103 17.66 28.65 22.24
C PHE I 103 17.69 29.17 20.82
N GLY I 104 16.71 30.02 20.48
CA GLY I 104 16.68 30.62 19.17
C GLY I 104 17.54 31.87 19.07
N GLY I 105 17.53 32.46 17.87
CA GLY I 105 18.37 33.63 17.63
C GLY I 105 17.84 34.88 18.30
N GLY I 106 16.56 35.16 18.12
CA GLY I 106 15.95 36.33 18.72
C GLY I 106 15.33 37.28 17.72
N THR I 107 14.14 37.78 18.02
CA THR I 107 13.42 38.73 17.18
C THR I 107 13.17 40.01 17.95
N LYS I 108 13.60 41.14 17.40
CA LYS I 108 13.44 42.44 18.05
C LYS I 108 12.20 43.14 17.53
N VAL I 109 11.38 43.66 18.44
CA VAL I 109 10.14 44.36 18.09
C VAL I 109 10.28 45.82 18.45
N GLU I 110 10.08 46.70 17.46
CA GLU I 110 10.19 48.14 17.62
C GLU I 110 8.86 48.77 17.23
N ILE I 111 8.53 49.92 17.84
CA ILE I 111 7.26 50.58 17.58
C ILE I 111 7.45 51.66 16.51
N LYS I 112 6.58 51.66 15.51
CA LYS I 112 6.60 52.69 14.48
C LYS I 112 5.57 53.77 14.79
#